data_2O1S
#
_entry.id   2O1S
#
_cell.length_a   86.787
_cell.length_b   171.154
_cell.length_c   94.799
_cell.angle_alpha   90.00
_cell.angle_beta   107.25
_cell.angle_gamma   90.00
#
_symmetry.space_group_name_H-M   'P 1 21 1'
#
loop_
_entity.id
_entity.type
_entity.pdbx_description
1 polymer '1-deoxy-D-xylulose-5-phosphate synthase'
2 non-polymer 'MAGNESIUM ION'
3 non-polymer 'POTASSIUM ION'
4 non-polymer 'THIAMINE DIPHOSPHATE'
5 non-polymer DIPHOSPHATE
6 water water
#
_entity_poly.entity_id   1
_entity_poly.type   'polypeptide(L)'
_entity_poly.pdbx_seq_one_letter_code
;(MSE)SFDIAKYPTLALVDSTQELRLLPKESLPKLCDELRRYLLDSVSRSSGHFASGLGTVELTVALHYVYNTPFDQLIW
DVGHQAYPHKILTGRRDKIGTIRQKGGLHPFPWRGESEYDVLSVGHSSTSISAGIGIAVAAEKEGKNRRTVCVIGDGAIT
AG(MSE)AFEA(MSE)NHAGDIRPD(MSE)LVILNDNE(MSE)SISENVGALNNHLAQLLSGKLYSSLREGGKKVFSGVP
PIKELLKRTEEHIKG(MSE)VVPGTLFEELGFNYIGPVDGHDVLGLITTLKN(MSE)RDLKGPQFLHI(MSE)TKKGRGY
EPAEKDPITFHAVPKFDPSSGCLPKSSGGLPSYSKIFGDWLCETAAKDNKL(MSE)AITPA(MSE)REGSG(MSE)VEFS
RKFPDRYFDVAIAEQHAVTFAAGLAIGGYKPIVAIYSTFLQRAYDQVLHDVAIQKLPVLFAIDRAGIVGADGQTHQGAFD
LSYLRCIPE(MSE)VI(MSE)TPSDENECRQ(MSE)LYTGYHYNDGPSAVRYPRGNAVGVELTPLEKLPIGKGIVKRRGE
KLAILNFGTL(MSE)PEAAKVAESLNATLVD(MSE)RFVKPLDEALILE(MSE)AASHEALVTVEENAI(MSE)GGAGSG
VNEVL(MSE)AHRKPVPVLNIGLPDFFIPQGTQEE(MSE)RAELGLDAAG(MSE)EAKIKAWLAL
;
_entity_poly.pdbx_strand_id   A,B,C,D
#
# COMPACT_ATOMS: atom_id res chain seq x y z
N PHE A 3 -22.50 55.30 63.76
CA PHE A 3 -21.03 55.47 63.95
C PHE A 3 -20.67 56.94 64.22
N ASP A 4 -19.39 57.26 64.15
CA ASP A 4 -18.95 58.64 64.39
C ASP A 4 -19.43 59.56 63.28
N ILE A 5 -20.68 59.96 63.37
CA ILE A 5 -21.30 60.84 62.38
C ILE A 5 -20.54 62.14 62.11
N ALA A 6 -19.84 62.66 63.12
CA ALA A 6 -19.10 63.92 62.96
C ALA A 6 -17.71 63.72 62.38
N LYS A 7 -17.15 62.53 62.57
CA LYS A 7 -15.82 62.21 62.07
C LYS A 7 -15.89 61.95 60.56
N TYR A 8 -17.06 61.50 60.10
CA TYR A 8 -17.28 61.24 58.67
C TYR A 8 -18.63 61.83 58.29
N PRO A 9 -18.72 63.17 58.24
CA PRO A 9 -19.96 63.87 57.90
C PRO A 9 -20.55 63.50 56.54
N THR A 10 -19.70 63.24 55.56
CA THR A 10 -20.20 62.88 54.24
C THR A 10 -20.59 61.41 54.13
N LEU A 11 -19.73 60.52 54.63
CA LEU A 11 -20.02 59.09 54.59
C LEU A 11 -21.33 58.84 55.32
N ALA A 12 -21.57 59.63 56.36
CA ALA A 12 -22.77 59.50 57.17
C ALA A 12 -24.04 59.64 56.33
N LEU A 13 -23.96 60.45 55.28
CA LEU A 13 -25.11 60.67 54.42
C LEU A 13 -25.36 59.53 53.44
N VAL A 14 -24.73 58.38 53.66
CA VAL A 14 -24.90 57.25 52.75
C VAL A 14 -25.15 55.91 53.45
N ASP A 15 -26.37 55.39 53.32
CA ASP A 15 -26.75 54.11 53.89
C ASP A 15 -27.14 53.19 52.74
N SER A 16 -27.41 53.80 51.59
CA SER A 16 -27.78 53.06 50.40
C SER A 16 -27.25 53.81 49.19
N THR A 17 -27.02 53.09 48.10
CA THR A 17 -26.50 53.71 46.90
C THR A 17 -27.48 54.78 46.40
N GLN A 18 -28.76 54.59 46.68
CA GLN A 18 -29.78 55.55 46.24
C GLN A 18 -29.48 56.91 46.85
N GLU A 19 -29.22 56.93 48.16
CA GLU A 19 -28.89 58.19 48.84
C GLU A 19 -27.63 58.75 48.18
N LEU A 20 -26.60 57.90 48.02
CA LEU A 20 -25.34 58.32 47.40
C LEU A 20 -25.57 59.04 46.08
N ARG A 21 -26.45 58.50 45.24
CA ARG A 21 -26.72 59.12 43.95
C ARG A 21 -27.38 60.49 44.10
N LEU A 22 -27.78 60.85 45.32
CA LEU A 22 -28.41 62.14 45.55
C LEU A 22 -27.38 63.23 45.82
N LEU A 23 -26.23 62.84 46.35
CA LEU A 23 -25.15 63.79 46.64
C LEU A 23 -24.69 64.47 45.35
N PRO A 24 -24.24 65.73 45.46
CA PRO A 24 -23.77 66.45 44.26
C PRO A 24 -22.34 65.99 43.92
N LYS A 25 -22.05 65.88 42.63
CA LYS A 25 -20.73 65.44 42.17
C LYS A 25 -19.54 66.00 42.94
N GLU A 26 -19.48 67.32 43.06
CA GLU A 26 -18.36 67.97 43.75
C GLU A 26 -18.15 67.46 45.18
N SER A 27 -19.15 66.78 45.73
CA SER A 27 -19.06 66.26 47.08
C SER A 27 -18.41 64.88 47.15
N LEU A 28 -18.31 64.22 46.01
CA LEU A 28 -17.77 62.87 45.93
C LEU A 28 -16.31 62.70 46.34
N PRO A 29 -15.41 63.60 45.87
CA PRO A 29 -14.00 63.48 46.25
C PRO A 29 -13.83 63.43 47.77
N LYS A 30 -14.61 64.26 48.46
CA LYS A 30 -14.56 64.31 49.92
C LYS A 30 -15.05 62.98 50.48
N LEU A 31 -16.11 62.44 49.89
CA LEU A 31 -16.66 61.15 50.34
C LEU A 31 -15.56 60.09 50.26
N CYS A 32 -14.86 60.07 49.12
CA CYS A 32 -13.79 59.10 48.92
C CYS A 32 -12.77 59.17 50.06
N ASP A 33 -12.38 60.38 50.47
CA ASP A 33 -11.42 60.54 51.55
C ASP A 33 -11.95 59.96 52.86
N GLU A 34 -13.23 60.20 53.14
CA GLU A 34 -13.85 59.68 54.35
C GLU A 34 -13.95 58.16 54.29
N LEU A 35 -14.31 57.66 53.11
CA LEU A 35 -14.44 56.22 52.92
C LEU A 35 -13.08 55.53 53.09
N ARG A 36 -12.02 56.18 52.61
CA ARG A 36 -10.70 55.59 52.73
C ARG A 36 -10.26 55.60 54.20
N ARG A 37 -10.46 56.72 54.89
CA ARG A 37 -10.08 56.80 56.29
C ARG A 37 -10.93 55.84 57.12
N TYR A 38 -12.20 55.75 56.78
CA TYR A 38 -13.12 54.86 57.50
C TYR A 38 -12.67 53.41 57.36
N LEU A 39 -12.19 53.06 56.18
CA LEU A 39 -11.73 51.70 55.94
C LEU A 39 -10.55 51.38 56.84
N LEU A 40 -9.64 52.34 56.99
CA LEU A 40 -8.47 52.15 57.84
C LEU A 40 -8.79 52.25 59.32
N ASP A 41 -9.93 52.83 59.67
CA ASP A 41 -10.28 52.97 61.08
C ASP A 41 -11.25 51.93 61.64
N SER A 42 -11.98 51.22 60.79
CA SER A 42 -12.95 50.25 61.29
C SER A 42 -12.65 48.77 61.14
N VAL A 43 -12.00 48.38 60.06
CA VAL A 43 -11.68 46.98 59.85
C VAL A 43 -10.38 46.58 60.52
N SER A 44 -10.37 45.43 61.19
CA SER A 44 -9.17 44.94 61.85
C SER A 44 -8.12 44.66 60.77
N ARG A 45 -6.93 45.22 60.97
CA ARG A 45 -5.84 45.05 60.00
C ARG A 45 -5.51 43.59 59.78
N SER A 46 -5.97 42.75 60.71
CA SER A 46 -5.76 41.33 60.63
C SER A 46 -6.46 40.78 59.40
N SER A 47 -7.28 41.61 58.77
CA SER A 47 -8.02 41.20 57.58
C SER A 47 -7.27 41.35 56.26
N GLY A 48 -6.16 42.08 56.29
CA GLY A 48 -5.36 42.28 55.10
C GLY A 48 -6.03 42.86 53.86
N HIS A 49 -7.19 42.32 53.51
CA HIS A 49 -7.92 42.77 52.33
C HIS A 49 -8.39 44.22 52.33
N PHE A 50 -8.36 44.86 53.48
CA PHE A 50 -8.73 46.26 53.55
C PHE A 50 -7.77 47.00 52.62
N ALA A 51 -6.55 46.48 52.51
CA ALA A 51 -5.52 47.07 51.66
C ALA A 51 -5.93 47.07 50.18
N SER A 52 -6.43 45.94 49.70
CA SER A 52 -6.87 45.81 48.32
C SER A 52 -8.09 46.70 48.08
N GLY A 53 -8.84 46.94 49.14
CA GLY A 53 -10.02 47.79 49.03
C GLY A 53 -9.60 49.23 48.79
N LEU A 54 -8.53 49.64 49.45
CA LEU A 54 -8.04 51.01 49.31
C LEU A 54 -7.92 51.43 47.85
N GLY A 55 -7.48 50.50 47.00
CA GLY A 55 -7.30 50.80 45.59
C GLY A 55 -8.55 50.95 44.77
N THR A 56 -9.71 50.59 45.32
CA THR A 56 -10.96 50.68 44.57
C THR A 56 -11.93 51.69 45.14
N VAL A 57 -11.50 52.45 46.14
CA VAL A 57 -12.35 53.45 46.78
C VAL A 57 -13.02 54.36 45.75
N GLU A 58 -12.22 55.04 44.94
CA GLU A 58 -12.78 55.94 43.93
C GLU A 58 -13.63 55.19 42.92
N LEU A 59 -13.15 54.03 42.48
CA LEU A 59 -13.90 53.24 41.50
C LEU A 59 -15.27 52.82 42.02
N THR A 60 -15.36 52.46 43.30
CA THR A 60 -16.62 52.02 43.88
C THR A 60 -17.63 53.16 43.98
N VAL A 61 -17.19 54.32 44.44
CA VAL A 61 -18.09 55.46 44.54
C VAL A 61 -18.60 55.82 43.15
N ALA A 62 -17.69 55.86 42.18
CA ALA A 62 -18.05 56.19 40.80
C ALA A 62 -19.07 55.20 40.23
N LEU A 63 -18.87 53.91 40.49
CA LEU A 63 -19.77 52.88 39.99
C LEU A 63 -21.18 52.98 40.54
N HIS A 64 -21.31 53.06 41.86
CA HIS A 64 -22.62 53.14 42.49
C HIS A 64 -23.31 54.47 42.28
N TYR A 65 -22.54 55.47 41.87
CA TYR A 65 -23.09 56.79 41.62
C TYR A 65 -23.63 56.84 40.19
N VAL A 66 -22.95 56.17 39.26
CA VAL A 66 -23.36 56.16 37.87
C VAL A 66 -24.36 55.05 37.56
N TYR A 67 -24.10 53.85 38.05
CA TYR A 67 -25.01 52.75 37.80
C TYR A 67 -26.20 52.73 38.73
N ASN A 68 -27.31 52.22 38.23
CA ASN A 68 -28.56 52.14 38.97
C ASN A 68 -28.64 50.85 39.82
N THR A 69 -27.68 50.65 40.72
CA THR A 69 -27.68 49.46 41.58
C THR A 69 -28.73 49.62 42.69
N PRO A 70 -29.30 48.52 43.19
CA PRO A 70 -29.09 47.11 42.83
C PRO A 70 -29.79 46.62 41.54
N PHE A 71 -30.52 47.49 40.86
CA PHE A 71 -31.17 47.07 39.63
C PHE A 71 -30.04 46.70 38.64
N ASP A 72 -29.20 47.66 38.28
CA ASP A 72 -28.09 47.32 37.38
C ASP A 72 -27.22 46.32 38.13
N GLN A 73 -26.59 45.41 37.40
CA GLN A 73 -25.78 44.36 38.02
C GLN A 73 -24.29 44.62 38.01
N LEU A 74 -23.72 44.76 39.21
CA LEU A 74 -22.30 45.02 39.37
C LEU A 74 -21.63 43.75 39.90
N ILE A 75 -20.54 43.33 39.27
CA ILE A 75 -19.85 42.12 39.68
C ILE A 75 -18.37 42.37 39.96
N TRP A 76 -17.90 41.91 41.11
CA TRP A 76 -16.49 42.07 41.49
C TRP A 76 -15.80 40.73 41.35
N ASP A 77 -14.63 40.73 40.70
CA ASP A 77 -13.90 39.49 40.54
C ASP A 77 -13.07 39.25 41.80
N VAL A 78 -13.12 38.03 42.31
CA VAL A 78 -12.41 37.65 43.52
C VAL A 78 -13.13 38.27 44.72
N GLY A 79 -13.32 39.58 44.68
CA GLY A 79 -14.04 40.27 45.74
C GLY A 79 -13.23 40.71 46.95
N HIS A 80 -11.93 40.41 46.96
CA HIS A 80 -11.09 40.81 48.08
C HIS A 80 -10.95 42.34 48.06
N GLN A 81 -11.40 42.97 46.98
CA GLN A 81 -11.32 44.42 46.86
C GLN A 81 -12.69 45.07 46.99
N ALA A 82 -13.65 44.35 47.56
CA ALA A 82 -15.00 44.86 47.71
C ALA A 82 -15.42 45.38 49.08
N TYR A 83 -14.45 45.66 49.96
CA TYR A 83 -14.80 46.19 51.28
C TYR A 83 -15.54 47.53 51.14
N PRO A 84 -15.00 48.46 50.34
CA PRO A 84 -15.71 49.74 50.21
C PRO A 84 -17.10 49.54 49.60
N HIS A 85 -17.20 48.54 48.73
CA HIS A 85 -18.47 48.20 48.10
C HIS A 85 -19.47 47.83 49.19
N LYS A 86 -19.03 46.99 50.12
CA LYS A 86 -19.90 46.56 51.20
C LYS A 86 -20.25 47.73 52.12
N ILE A 87 -19.28 48.60 52.34
CA ILE A 87 -19.49 49.78 53.20
C ILE A 87 -20.54 50.71 52.62
N LEU A 88 -20.51 50.91 51.30
CA LEU A 88 -21.45 51.79 50.62
C LEU A 88 -22.79 51.14 50.30
N THR A 89 -22.94 49.86 50.61
CA THR A 89 -24.19 49.18 50.33
C THR A 89 -24.86 48.60 51.56
N GLY A 90 -25.12 49.47 52.54
CA GLY A 90 -25.81 49.08 53.76
C GLY A 90 -25.08 48.24 54.77
N ARG A 91 -23.75 48.20 54.71
CA ARG A 91 -22.98 47.39 55.65
C ARG A 91 -21.83 48.15 56.28
N ARG A 92 -21.94 49.47 56.23
CA ARG A 92 -20.94 50.36 56.79
C ARG A 92 -20.68 50.07 58.27
N ASP A 93 -21.76 49.93 59.03
CA ASP A 93 -21.62 49.68 60.47
C ASP A 93 -21.42 48.22 60.85
N LYS A 94 -21.30 47.34 59.86
CA LYS A 94 -21.09 45.92 60.13
C LYS A 94 -19.70 45.49 59.64
N ILE A 95 -19.03 46.38 58.92
CA ILE A 95 -17.72 46.11 58.36
C ILE A 95 -16.68 45.60 59.34
N GLY A 96 -16.75 46.04 60.58
CA GLY A 96 -15.79 45.58 61.55
C GLY A 96 -15.87 44.09 61.85
N THR A 97 -16.96 43.44 61.47
CA THR A 97 -17.14 42.01 61.74
C THR A 97 -16.74 41.11 60.57
N ILE A 98 -16.33 41.73 59.46
CA ILE A 98 -15.94 40.96 58.28
C ILE A 98 -14.80 39.99 58.56
N ARG A 99 -14.92 38.77 58.03
CA ARG A 99 -13.91 37.72 58.19
C ARG A 99 -14.07 36.92 59.49
N GLN A 100 -14.85 37.44 60.43
CA GLN A 100 -15.05 36.76 61.71
C GLN A 100 -16.21 35.79 61.66
N LYS A 101 -16.24 34.85 62.61
CA LYS A 101 -17.32 33.89 62.66
C LYS A 101 -18.63 34.64 62.96
N GLY A 102 -19.63 34.42 62.13
CA GLY A 102 -20.91 35.07 62.30
C GLY A 102 -20.93 36.49 61.72
N GLY A 103 -19.79 36.94 61.20
CA GLY A 103 -19.73 38.27 60.62
C GLY A 103 -19.94 38.31 59.12
N LEU A 104 -19.72 39.47 58.52
CA LEU A 104 -19.89 39.62 57.07
C LEU A 104 -18.92 38.69 56.34
N HIS A 105 -19.34 38.23 55.17
CA HIS A 105 -18.51 37.33 54.37
C HIS A 105 -17.24 38.04 53.92
N PRO A 106 -16.16 37.28 53.71
CA PRO A 106 -14.87 37.82 53.27
C PRO A 106 -14.93 38.45 51.88
N PHE A 107 -15.85 37.97 51.04
CA PHE A 107 -16.01 38.49 49.70
C PHE A 107 -17.51 38.64 49.44
N PRO A 108 -17.90 39.32 48.35
CA PRO A 108 -19.32 39.48 48.03
C PRO A 108 -20.02 38.12 48.11
N TRP A 109 -21.20 38.09 48.73
CA TRP A 109 -21.96 36.86 48.90
C TRP A 109 -23.45 37.10 48.62
N ARG A 110 -23.97 36.46 47.56
CA ARG A 110 -25.37 36.64 47.15
C ARG A 110 -26.42 36.62 48.25
N GLY A 111 -26.27 35.73 49.22
CA GLY A 111 -27.25 35.65 50.29
C GLY A 111 -27.09 36.71 51.36
N GLU A 112 -25.95 37.41 51.34
CA GLU A 112 -25.69 38.45 52.32
C GLU A 112 -26.33 39.80 51.99
N SER A 113 -26.49 40.08 50.70
CA SER A 113 -27.06 41.35 50.28
C SER A 113 -27.57 41.32 48.86
N GLU A 114 -28.60 42.12 48.58
CA GLU A 114 -29.14 42.17 47.23
C GLU A 114 -28.18 42.91 46.31
N TYR A 115 -27.18 43.56 46.89
CA TYR A 115 -26.16 44.28 46.11
C TYR A 115 -25.02 43.36 45.64
N ASP A 116 -25.01 42.13 46.13
CA ASP A 116 -23.98 41.16 45.73
C ASP A 116 -24.59 40.23 44.69
N VAL A 117 -24.21 40.44 43.43
CA VAL A 117 -24.73 39.65 42.32
C VAL A 117 -24.16 38.24 42.20
N LEU A 118 -22.87 38.10 42.46
CA LEU A 118 -22.22 36.81 42.34
C LEU A 118 -21.35 36.56 43.56
N SER A 119 -21.45 35.36 44.13
CA SER A 119 -20.61 35.04 45.28
C SER A 119 -19.25 34.70 44.67
N VAL A 120 -18.20 35.39 45.11
CA VAL A 120 -16.87 35.15 44.57
C VAL A 120 -15.83 34.74 45.61
N GLY A 121 -14.70 34.25 45.13
CA GLY A 121 -13.61 33.81 45.99
C GLY A 121 -12.52 33.37 45.03
N HIS A 122 -12.86 32.42 44.16
CA HIS A 122 -11.92 32.00 43.13
C HIS A 122 -12.02 33.15 42.13
N SER A 123 -10.96 33.36 41.37
CA SER A 123 -10.94 34.46 40.41
C SER A 123 -11.43 34.15 39.00
N SER A 124 -11.51 35.21 38.20
CA SER A 124 -11.87 35.13 36.79
C SER A 124 -13.28 34.73 36.41
N THR A 125 -14.18 34.66 37.38
CA THR A 125 -15.55 34.25 37.10
C THR A 125 -16.47 35.40 36.72
N SER A 126 -16.06 36.63 37.03
CA SER A 126 -16.90 37.79 36.75
C SER A 126 -17.36 37.95 35.31
N ILE A 127 -16.44 37.92 34.35
CA ILE A 127 -16.85 38.12 32.96
C ILE A 127 -17.83 37.06 32.47
N SER A 128 -17.58 35.80 32.78
CA SER A 128 -18.47 34.72 32.35
C SER A 128 -19.89 34.91 32.87
N ALA A 129 -20.02 35.00 34.20
CA ALA A 129 -21.32 35.19 34.81
C ALA A 129 -21.91 36.46 34.21
N GLY A 130 -21.04 37.46 34.07
CA GLY A 130 -21.44 38.75 33.51
C GLY A 130 -22.12 38.62 32.17
N ILE A 131 -21.55 37.80 31.28
CA ILE A 131 -22.15 37.63 29.95
C ILE A 131 -23.52 36.98 30.10
N GLY A 132 -23.63 36.02 31.01
CA GLY A 132 -24.90 35.36 31.23
C GLY A 132 -25.94 36.35 31.74
N ILE A 133 -25.48 37.25 32.61
CA ILE A 133 -26.36 38.28 33.16
C ILE A 133 -26.78 39.31 32.10
N ALA A 134 -25.85 39.73 31.25
CA ALA A 134 -26.18 40.69 30.21
C ALA A 134 -27.12 40.08 29.17
N VAL A 135 -26.96 38.80 28.88
CA VAL A 135 -27.84 38.15 27.92
C VAL A 135 -29.27 38.15 28.46
N ALA A 136 -29.41 37.79 29.72
CA ALA A 136 -30.73 37.75 30.35
C ALA A 136 -31.34 39.16 30.38
N ALA A 137 -30.52 40.17 30.65
CA ALA A 137 -30.99 41.56 30.72
C ALA A 137 -31.51 42.04 29.37
N GLU A 138 -30.82 41.65 28.31
CA GLU A 138 -31.21 42.03 26.95
C GLU A 138 -32.54 41.39 26.59
N LYS A 139 -32.75 40.14 27.02
CA LYS A 139 -34.00 39.43 26.75
C LYS A 139 -35.12 39.96 27.64
N GLU A 140 -34.75 40.50 28.80
CA GLU A 140 -35.70 41.06 29.75
C GLU A 140 -36.32 42.33 29.15
N GLY A 141 -35.51 43.10 28.44
CA GLY A 141 -36.01 44.31 27.80
C GLY A 141 -36.34 45.47 28.72
N LYS A 142 -35.69 45.54 29.87
CA LYS A 142 -35.96 46.63 30.79
C LYS A 142 -34.77 47.56 30.91
N ASN A 143 -33.81 47.42 30.00
CA ASN A 143 -32.62 48.24 29.97
C ASN A 143 -31.69 48.05 31.16
N ARG A 144 -31.72 46.85 31.74
CA ARG A 144 -30.84 46.55 32.88
C ARG A 144 -29.39 46.54 32.38
N ARG A 145 -28.51 47.23 33.10
CA ARG A 145 -27.12 47.33 32.73
C ARG A 145 -26.22 46.37 33.50
N THR A 146 -25.13 45.94 32.87
CA THR A 146 -24.19 45.01 33.46
C THR A 146 -22.76 45.54 33.45
N VAL A 147 -22.02 45.31 34.53
CA VAL A 147 -20.64 45.77 34.60
C VAL A 147 -19.85 44.86 35.52
N CYS A 148 -18.61 44.57 35.12
CA CYS A 148 -17.72 43.69 35.88
C CYS A 148 -16.39 44.37 36.16
N VAL A 149 -15.84 44.14 37.34
CA VAL A 149 -14.54 44.70 37.70
C VAL A 149 -13.61 43.52 37.86
N ILE A 150 -12.58 43.47 37.04
CA ILE A 150 -11.65 42.35 37.11
C ILE A 150 -10.20 42.84 37.18
N GLY A 151 -9.41 42.19 38.02
CA GLY A 151 -8.02 42.56 38.21
C GLY A 151 -7.10 42.09 37.12
N ASP A 152 -5.94 42.75 37.01
CA ASP A 152 -4.97 42.38 36.00
C ASP A 152 -4.51 40.94 36.21
N GLY A 153 -4.44 40.50 37.46
CA GLY A 153 -4.03 39.14 37.73
C GLY A 153 -5.10 38.13 37.36
N ALA A 154 -6.34 38.41 37.76
CA ALA A 154 -7.47 37.52 37.50
C ALA A 154 -7.79 37.33 36.01
N ILE A 155 -7.60 38.37 35.21
CA ILE A 155 -7.91 38.29 33.78
C ILE A 155 -6.87 37.40 33.07
N THR A 156 -6.09 36.69 33.88
CA THR A 156 -5.05 35.77 33.41
C THR A 156 -5.60 34.37 33.14
N ALA A 157 -6.68 34.01 33.82
CA ALA A 157 -7.26 32.68 33.69
C ALA A 157 -7.86 32.41 32.32
N GLY A 158 -7.79 31.16 31.89
CA GLY A 158 -8.36 30.77 30.61
C GLY A 158 -9.83 31.14 30.54
N ALA A 160 -11.48 33.71 31.63
CA ALA A 160 -11.61 35.09 31.18
C ALA A 160 -11.52 35.19 29.67
N PHE A 161 -10.59 34.47 29.07
CA PHE A 161 -10.41 34.45 27.64
C PHE A 161 -11.62 33.80 26.97
N GLU A 162 -12.03 32.64 27.45
CA GLU A 162 -13.19 31.96 26.88
C GLU A 162 -14.36 32.92 26.93
N ALA A 163 -14.53 33.57 28.08
CA ALA A 163 -15.62 34.53 28.26
C ALA A 163 -15.51 35.68 27.25
N ASN A 165 -13.88 35.98 24.51
CA ASN A 165 -13.98 35.55 23.14
C ASN A 165 -15.47 35.35 22.81
N HIS A 166 -16.20 34.73 23.74
CA HIS A 166 -17.63 34.51 23.53
C HIS A 166 -18.32 35.87 23.45
N ALA A 167 -17.99 36.76 24.37
CA ALA A 167 -18.59 38.09 24.40
C ALA A 167 -18.34 38.76 23.06
N GLY A 168 -17.14 38.55 22.54
CA GLY A 168 -16.78 39.13 21.26
C GLY A 168 -17.69 38.65 20.15
N ASP A 169 -18.24 37.45 20.31
CA ASP A 169 -19.13 36.88 19.30
C ASP A 169 -20.59 37.26 19.39
N ILE A 170 -21.21 37.10 20.55
CA ILE A 170 -22.63 37.43 20.68
C ILE A 170 -22.86 38.90 20.97
N ARG A 171 -21.77 39.62 21.29
CA ARG A 171 -21.83 41.05 21.55
C ARG A 171 -22.91 41.47 22.53
N PRO A 172 -22.74 41.20 23.83
CA PRO A 172 -23.77 41.63 24.78
C PRO A 172 -23.45 43.05 25.21
N ASP A 173 -24.46 43.79 25.65
CA ASP A 173 -24.22 45.14 26.13
C ASP A 173 -23.71 44.95 27.55
N LEU A 175 -20.11 46.16 30.35
CA LEU A 175 -18.86 46.84 30.55
C LEU A 175 -17.93 46.00 31.40
N VAL A 176 -16.71 45.81 30.91
CA VAL A 176 -15.70 45.07 31.66
C VAL A 176 -14.69 46.13 32.07
N ILE A 177 -14.44 46.23 33.36
CA ILE A 177 -13.48 47.20 33.87
C ILE A 177 -12.24 46.47 34.37
N LEU A 178 -11.11 46.77 33.75
CA LEU A 178 -9.84 46.16 34.13
C LEU A 178 -9.21 46.97 35.26
N ASN A 179 -9.17 46.41 36.46
CA ASN A 179 -8.57 47.11 37.60
C ASN A 179 -7.09 46.75 37.61
N ASP A 180 -6.32 47.50 36.83
CA ASP A 180 -4.88 47.30 36.67
C ASP A 180 -4.04 48.04 37.70
N ASN A 181 -3.43 47.31 38.63
CA ASN A 181 -2.60 47.94 39.63
C ASN A 181 -1.17 47.39 39.64
N GLU A 182 -0.70 46.94 38.48
CA GLU A 182 0.65 46.40 38.39
C GLU A 182 1.60 47.30 37.61
N PRO A 239 -1.29 46.77 25.03
CA PRO A 239 -2.14 46.32 26.14
C PRO A 239 -3.59 46.13 25.72
N GLY A 240 -4.18 47.18 25.14
CA GLY A 240 -5.57 47.12 24.71
C GLY A 240 -5.79 46.41 23.38
N THR A 241 -4.71 46.17 22.64
CA THR A 241 -4.79 45.50 21.35
C THR A 241 -5.46 44.14 21.48
N LEU A 242 -5.09 43.41 22.53
CA LEU A 242 -5.66 42.10 22.78
C LEU A 242 -7.17 42.17 22.99
N PHE A 243 -7.61 43.11 23.81
CA PHE A 243 -9.02 43.26 24.11
C PHE A 243 -9.83 43.70 22.91
N GLU A 244 -9.25 44.50 22.03
CA GLU A 244 -9.95 44.91 20.82
C GLU A 244 -10.03 43.72 19.86
N GLU A 245 -8.95 42.95 19.78
CA GLU A 245 -8.92 41.77 18.92
C GLU A 245 -10.02 40.83 19.35
N LEU A 246 -10.21 40.71 20.66
CA LEU A 246 -11.23 39.84 21.22
C LEU A 246 -12.64 40.35 20.93
N GLY A 247 -12.77 41.58 20.44
CA GLY A 247 -14.08 42.11 20.11
C GLY A 247 -14.61 43.25 20.97
N PHE A 248 -13.80 43.72 21.91
CA PHE A 248 -14.25 44.80 22.78
C PHE A 248 -13.87 46.19 22.29
N ASN A 249 -14.67 47.18 22.68
CA ASN A 249 -14.36 48.56 22.33
C ASN A 249 -13.48 48.95 23.51
N TYR A 250 -12.21 49.22 23.24
CA TYR A 250 -11.28 49.54 24.30
C TYR A 250 -11.05 51.02 24.57
N ILE A 251 -11.07 51.39 25.85
CA ILE A 251 -10.83 52.76 26.29
C ILE A 251 -9.83 52.70 27.44
N GLY A 252 -8.86 53.61 27.44
CA GLY A 252 -7.88 53.64 28.49
C GLY A 252 -6.46 53.52 27.98
N PRO A 253 -5.47 53.39 28.87
CA PRO A 253 -5.63 53.36 30.33
C PRO A 253 -6.07 54.70 30.95
N VAL A 254 -6.84 54.61 32.03
CA VAL A 254 -7.34 55.80 32.71
C VAL A 254 -6.95 55.84 34.20
N ASP A 255 -6.91 57.04 34.77
CA ASP A 255 -6.56 57.19 36.18
C ASP A 255 -7.69 56.62 37.02
N GLY A 256 -7.37 55.59 37.79
CA GLY A 256 -8.37 54.94 38.62
C GLY A 256 -8.65 55.60 39.95
N HIS A 257 -7.98 56.71 40.22
CA HIS A 257 -8.19 57.42 41.48
C HIS A 257 -8.77 58.81 41.27
N ASP A 258 -9.34 59.04 40.09
CA ASP A 258 -9.97 60.31 39.73
C ASP A 258 -11.48 60.04 39.68
N VAL A 259 -12.14 60.10 40.83
CA VAL A 259 -13.57 59.81 40.88
C VAL A 259 -14.42 60.59 39.89
N LEU A 260 -14.24 61.91 39.82
CA LEU A 260 -15.03 62.70 38.89
C LEU A 260 -14.73 62.33 37.43
N GLY A 261 -13.48 62.02 37.15
CA GLY A 261 -13.10 61.63 35.80
C GLY A 261 -13.71 60.29 35.43
N LEU A 262 -13.79 59.38 36.39
CA LEU A 262 -14.35 58.05 36.13
C LEU A 262 -15.86 58.14 35.93
N ILE A 263 -16.52 58.99 36.70
CA ILE A 263 -17.96 59.16 36.60
C ILE A 263 -18.39 59.56 35.21
N THR A 264 -17.80 60.62 34.68
CA THR A 264 -18.18 61.05 33.33
C THR A 264 -17.83 59.98 32.29
N THR A 265 -16.74 59.24 32.51
CA THR A 265 -16.35 58.20 31.57
C THR A 265 -17.29 57.01 31.68
N LEU A 266 -17.54 56.57 32.90
CA LEU A 266 -18.43 55.45 33.15
C LEU A 266 -19.84 55.75 32.64
N LYS A 267 -20.28 56.99 32.83
CA LYS A 267 -21.60 57.40 32.41
C LYS A 267 -21.77 57.26 30.90
N ASN A 268 -20.74 57.61 30.15
CA ASN A 268 -20.78 57.51 28.69
C ASN A 268 -20.78 56.04 28.23
N ARG A 270 -21.56 53.32 29.96
CA ARG A 270 -22.70 52.55 30.44
C ARG A 270 -23.78 52.61 29.38
N ASP A 271 -23.83 53.71 28.64
CA ASP A 271 -24.84 53.89 27.60
C ASP A 271 -24.50 53.34 26.22
N LEU A 272 -23.24 53.04 25.96
CA LEU A 272 -22.86 52.52 24.65
C LEU A 272 -23.33 51.09 24.42
N LYS A 273 -23.36 50.66 23.16
CA LYS A 273 -23.80 49.32 22.81
C LYS A 273 -22.61 48.36 22.72
N GLY A 274 -22.90 47.06 22.77
CA GLY A 274 -21.87 46.04 22.65
C GLY A 274 -20.87 45.94 23.80
N PRO A 275 -19.94 44.99 23.71
CA PRO A 275 -18.92 44.77 24.74
C PRO A 275 -18.00 45.98 24.91
N GLN A 276 -18.00 46.56 26.10
CA GLN A 276 -17.17 47.72 26.40
C GLN A 276 -16.06 47.31 27.36
N PHE A 277 -14.88 47.91 27.20
CA PHE A 277 -13.75 47.57 28.05
C PHE A 277 -13.00 48.82 28.50
N LEU A 278 -13.11 49.14 29.79
CA LEU A 278 -12.42 50.30 30.36
C LEU A 278 -11.23 49.82 31.18
N HIS A 279 -10.05 50.31 30.82
CA HIS A 279 -8.84 49.93 31.50
C HIS A 279 -8.42 51.07 32.41
N ILE A 280 -8.42 50.82 33.71
CA ILE A 280 -8.04 51.83 34.68
C ILE A 280 -6.79 51.39 35.44
N THR A 282 -4.81 51.62 39.25
CA THR A 282 -4.94 51.93 40.67
C THR A 282 -3.63 51.61 41.39
N LYS A 283 -3.42 52.26 42.53
CA LYS A 283 -2.20 52.03 43.30
C LYS A 283 -2.31 50.69 44.01
N LYS A 284 -1.24 49.89 43.93
CA LYS A 284 -1.23 48.59 44.57
C LYS A 284 -1.01 48.66 46.06
N GLY A 285 -0.28 49.70 46.50
CA GLY A 285 -0.02 49.85 47.92
C GLY A 285 1.03 48.86 48.38
N ARG A 286 1.03 48.56 49.68
CA ARG A 286 1.99 47.64 50.27
C ARG A 286 1.60 46.16 50.14
N GLY A 287 0.47 45.89 49.48
CA GLY A 287 0.05 44.51 49.31
C GLY A 287 -0.70 43.95 50.50
N TYR A 288 -1.00 42.67 50.45
CA TYR A 288 -1.74 42.00 51.52
C TYR A 288 -1.28 40.54 51.70
N GLU A 289 -1.56 39.97 52.86
CA GLU A 289 -1.19 38.59 53.13
C GLU A 289 -1.97 37.65 52.24
N PRO A 290 -1.29 36.65 51.67
CA PRO A 290 -1.91 35.66 50.78
C PRO A 290 -2.85 34.68 51.49
N ALA A 291 -3.74 34.06 50.72
CA ALA A 291 -4.72 33.11 51.23
C ALA A 291 -4.09 31.83 51.78
N LEU A 318 7.73 26.89 65.51
CA LEU A 318 6.86 26.09 64.65
C LEU A 318 6.68 26.71 63.28
N PRO A 319 7.28 26.10 62.24
CA PRO A 319 7.17 26.62 60.88
C PRO A 319 5.90 26.09 60.24
N SER A 320 5.35 26.84 59.30
CA SER A 320 4.15 26.41 58.60
C SER A 320 4.52 25.26 57.67
N TYR A 321 3.54 24.52 57.19
CA TYR A 321 3.86 23.44 56.26
C TYR A 321 4.34 24.04 54.94
N SER A 322 3.89 25.27 54.67
CA SER A 322 4.28 25.97 53.45
C SER A 322 5.79 26.19 53.46
N LYS A 323 6.33 26.50 54.64
CA LYS A 323 7.76 26.74 54.77
C LYS A 323 8.50 25.40 54.72
N ILE A 324 7.89 24.36 55.28
CA ILE A 324 8.49 23.03 55.27
C ILE A 324 8.70 22.66 53.80
N PHE A 325 7.64 22.79 53.01
CA PHE A 325 7.68 22.49 51.58
C PHE A 325 8.78 23.32 50.91
N GLY A 326 8.73 24.64 51.12
CA GLY A 326 9.73 25.51 50.55
C GLY A 326 11.16 25.07 50.86
N ASP A 327 11.44 24.81 52.13
CA ASP A 327 12.77 24.37 52.54
C ASP A 327 13.16 23.09 51.82
N TRP A 328 12.27 22.10 51.83
CA TRP A 328 12.54 20.82 51.18
C TRP A 328 12.83 21.05 49.70
N LEU A 329 12.06 21.94 49.09
CA LEU A 329 12.21 22.26 47.68
C LEU A 329 13.64 22.74 47.40
N CYS A 330 14.09 23.72 48.17
CA CYS A 330 15.43 24.28 48.00
C CYS A 330 16.55 23.25 48.18
N GLU A 331 16.44 22.42 49.21
CA GLU A 331 17.48 21.43 49.45
C GLU A 331 17.49 20.34 48.39
N THR A 332 16.30 19.97 47.90
CA THR A 332 16.23 18.95 46.87
C THR A 332 16.77 19.48 45.54
N ALA A 333 16.43 20.73 45.22
CA ALA A 333 16.89 21.37 43.99
C ALA A 333 18.41 21.49 43.96
N ALA A 334 19.03 21.52 45.13
CA ALA A 334 20.48 21.64 45.19
C ALA A 334 21.13 20.27 45.00
N LYS A 335 20.35 19.21 45.20
CA LYS A 335 20.85 17.85 45.05
C LYS A 335 20.78 17.36 43.61
N ASP A 336 19.74 17.73 42.87
CA ASP A 336 19.64 17.28 41.49
C ASP A 336 18.95 18.26 40.56
N ASN A 337 19.52 18.37 39.36
CA ASN A 337 19.05 19.28 38.33
C ASN A 337 17.71 18.94 37.65
N LYS A 338 17.04 17.86 38.08
CA LYS A 338 15.78 17.50 37.43
C LYS A 338 14.51 18.07 38.07
N LEU A 339 14.65 18.66 39.25
CA LEU A 339 13.53 19.26 39.96
C LEU A 339 13.00 20.53 39.25
N ALA A 341 9.67 23.21 39.82
CA ALA A 341 8.49 23.53 40.63
C ALA A 341 7.66 24.61 39.95
N ILE A 342 6.35 24.42 40.01
CA ILE A 342 5.37 25.30 39.37
C ILE A 342 4.29 25.80 40.35
N THR A 343 3.88 27.05 40.17
CA THR A 343 2.84 27.63 41.01
C THR A 343 1.91 28.48 40.15
N PRO A 344 0.60 28.45 40.44
CA PRO A 344 -0.30 29.28 39.64
C PRO A 344 -0.52 30.60 40.38
N ALA A 345 0.47 31.49 40.29
CA ALA A 345 0.40 32.81 40.92
C ALA A 345 0.30 32.82 42.45
N ARG A 347 3.24 32.07 44.58
CA ARG A 347 4.62 31.89 45.02
C ARG A 347 4.80 32.02 46.53
N GLU A 348 4.33 33.12 47.09
CA GLU A 348 4.48 33.35 48.52
C GLU A 348 3.59 32.42 49.35
N GLY A 349 2.35 32.27 48.94
CA GLY A 349 1.44 31.39 49.67
C GLY A 349 1.99 29.98 49.83
N SER A 350 2.50 29.41 48.75
CA SER A 350 3.03 28.05 48.81
C SER A 350 4.43 28.00 49.39
N GLY A 351 4.91 29.13 49.90
CA GLY A 351 6.23 29.21 50.51
C GLY A 351 7.41 29.03 49.57
N VAL A 353 9.15 31.63 47.89
CA VAL A 353 9.90 32.85 47.60
C VAL A 353 11.40 32.54 47.54
N GLU A 354 11.96 32.06 48.63
CA GLU A 354 13.37 31.74 48.67
C GLU A 354 13.75 30.81 47.54
N PHE A 355 12.90 29.81 47.28
CA PHE A 355 13.16 28.86 46.21
C PHE A 355 13.25 29.53 44.85
N SER A 356 12.31 30.41 44.54
CA SER A 356 12.28 31.09 43.25
C SER A 356 13.52 31.96 43.05
N ARG A 357 14.07 32.46 44.15
CA ARG A 357 15.25 33.32 44.08
C ARG A 357 16.56 32.55 43.90
N LYS A 358 16.66 31.39 44.54
CA LYS A 358 17.87 30.59 44.45
C LYS A 358 17.87 29.70 43.21
N PHE A 359 16.69 29.41 42.69
CA PHE A 359 16.60 28.55 41.52
C PHE A 359 15.64 29.09 40.48
N PRO A 360 15.89 30.31 39.98
CA PRO A 360 15.05 30.97 38.98
C PRO A 360 14.84 30.09 37.75
N ASP A 361 15.83 29.24 37.51
CA ASP A 361 15.83 28.33 36.36
C ASP A 361 15.07 27.04 36.60
N ARG A 362 14.48 26.90 37.79
CA ARG A 362 13.72 25.69 38.10
C ARG A 362 12.33 26.13 38.55
N TYR A 363 12.10 27.44 38.50
CA TYR A 363 10.84 28.01 38.95
C TYR A 363 9.95 28.51 37.83
N PHE A 364 8.65 28.25 37.97
CA PHE A 364 7.68 28.69 36.97
C PHE A 364 6.39 29.19 37.58
N ASP A 365 6.04 30.41 37.22
CA ASP A 365 4.82 31.05 37.67
C ASP A 365 4.00 31.22 36.39
N VAL A 366 2.97 30.41 36.22
CA VAL A 366 2.16 30.48 35.02
C VAL A 366 0.99 31.45 35.13
N ALA A 367 1.02 32.28 36.18
CA ALA A 367 -0.04 33.24 36.44
C ALA A 367 -1.24 32.44 36.99
N ILE A 368 -2.43 33.03 37.01
CA ILE A 368 -3.60 32.34 37.56
C ILE A 368 -4.14 31.33 36.55
N ALA A 369 -3.33 30.30 36.26
CA ALA A 369 -3.68 29.30 35.27
C ALA A 369 -3.46 27.86 35.76
N GLU A 370 -4.26 27.43 36.73
CA GLU A 370 -4.16 26.10 37.29
C GLU A 370 -4.14 25.00 36.22
N GLN A 371 -4.96 25.15 35.18
CA GLN A 371 -5.03 24.16 34.12
C GLN A 371 -3.70 23.98 33.39
N HIS A 372 -3.12 25.09 32.93
CA HIS A 372 -1.84 25.02 32.24
C HIS A 372 -0.71 24.57 33.16
N ALA A 373 -0.81 24.92 34.44
CA ALA A 373 0.22 24.52 35.39
C ALA A 373 0.40 23.01 35.40
N VAL A 374 -0.71 22.29 35.47
CA VAL A 374 -0.65 20.83 35.52
C VAL A 374 -0.20 20.18 34.21
N THR A 375 -0.74 20.61 33.08
CA THR A 375 -0.35 20.03 31.81
C THR A 375 1.07 20.44 31.44
N PHE A 376 1.53 21.56 31.98
CA PHE A 376 2.88 22.02 31.71
C PHE A 376 3.81 21.06 32.44
N ALA A 377 3.37 20.58 33.59
CA ALA A 377 4.14 19.65 34.38
C ALA A 377 4.24 18.33 33.63
N ALA A 378 3.15 17.97 32.95
CA ALA A 378 3.13 16.74 32.17
C ALA A 378 4.21 16.81 31.10
N GLY A 379 4.28 17.93 30.40
CA GLY A 379 5.28 18.10 29.36
C GLY A 379 6.67 17.93 29.92
N LEU A 380 6.93 18.61 31.04
CA LEU A 380 8.23 18.52 31.70
C LEU A 380 8.51 17.07 32.06
N ALA A 381 7.51 16.38 32.61
CA ALA A 381 7.68 14.98 32.99
C ALA A 381 8.02 14.18 31.73
N ILE A 382 7.29 14.45 30.65
CA ILE A 382 7.54 13.76 29.39
C ILE A 382 8.97 14.01 28.94
N GLY A 383 9.43 15.24 29.09
CA GLY A 383 10.78 15.59 28.69
C GLY A 383 11.84 15.04 29.62
N GLY A 384 11.45 14.18 30.55
CA GLY A 384 12.43 13.60 31.46
C GLY A 384 12.71 14.29 32.78
N TYR A 385 12.07 15.42 33.04
CA TYR A 385 12.31 16.10 34.31
C TYR A 385 11.32 15.65 35.37
N LYS A 386 11.50 16.17 36.58
CA LYS A 386 10.63 15.80 37.70
C LYS A 386 9.86 17.02 38.21
N PRO A 387 8.70 17.31 37.60
CA PRO A 387 7.87 18.46 37.97
C PRO A 387 7.08 18.31 39.27
N ILE A 388 6.95 19.44 39.95
CA ILE A 388 6.20 19.53 41.20
C ILE A 388 5.24 20.70 41.05
N VAL A 389 3.95 20.40 41.11
CA VAL A 389 2.92 21.42 41.00
C VAL A 389 2.48 21.82 42.40
N ALA A 390 2.76 23.05 42.79
CA ALA A 390 2.36 23.58 44.10
C ALA A 390 1.04 24.28 43.85
N ILE A 391 -0.04 23.71 44.40
CA ILE A 391 -1.36 24.26 44.19
C ILE A 391 -2.25 23.98 45.40
N TYR A 392 -3.13 24.92 45.73
CA TYR A 392 -4.03 24.78 46.86
C TYR A 392 -5.12 23.78 46.55
N SER A 393 -5.59 23.07 47.57
CA SER A 393 -6.64 22.08 47.41
C SER A 393 -7.84 22.70 46.72
N THR A 394 -8.22 23.91 47.16
CA THR A 394 -9.37 24.60 46.58
C THR A 394 -9.20 24.99 45.11
N PHE A 395 -8.01 25.47 44.74
CA PHE A 395 -7.75 25.88 43.35
C PHE A 395 -7.43 24.68 42.45
N LEU A 396 -6.94 23.59 43.03
CA LEU A 396 -6.63 22.41 42.23
C LEU A 396 -7.92 21.89 41.61
N GLN A 397 -9.05 22.34 42.13
CA GLN A 397 -10.36 21.94 41.62
C GLN A 397 -10.50 22.34 40.15
N ARG A 398 -9.84 23.43 39.77
CA ARG A 398 -9.94 23.91 38.40
C ARG A 398 -9.03 23.17 37.40
N ALA A 399 -8.15 22.32 37.89
CA ALA A 399 -7.27 21.57 37.00
C ALA A 399 -7.56 20.07 37.04
N TYR A 400 -8.77 19.72 37.48
CA TYR A 400 -9.17 18.32 37.60
C TYR A 400 -8.92 17.52 36.32
N ASP A 401 -9.41 18.04 35.21
CA ASP A 401 -9.28 17.36 33.93
C ASP A 401 -7.83 17.14 33.47
N GLN A 402 -6.94 18.08 33.79
CA GLN A 402 -5.55 17.95 33.42
C GLN A 402 -4.87 16.90 34.31
N VAL A 403 -5.27 16.86 35.57
CA VAL A 403 -4.71 15.89 36.51
C VAL A 403 -5.06 14.47 36.05
N LEU A 404 -6.34 14.26 35.77
CA LEU A 404 -6.84 12.96 35.36
C LEU A 404 -6.49 12.56 33.93
N HIS A 405 -6.83 13.41 32.97
CA HIS A 405 -6.58 13.14 31.55
C HIS A 405 -5.14 13.32 31.05
N ASP A 406 -4.47 14.39 31.48
CA ASP A 406 -3.11 14.66 31.02
C ASP A 406 -1.97 14.08 31.87
N VAL A 407 -2.26 13.72 33.11
CA VAL A 407 -1.22 13.18 33.97
C VAL A 407 -1.50 11.74 34.37
N ALA A 408 -2.68 11.49 34.95
CA ALA A 408 -3.06 10.15 35.39
C ALA A 408 -3.09 9.09 34.29
N ILE A 409 -3.87 9.34 33.23
CA ILE A 409 -3.98 8.38 32.14
C ILE A 409 -2.61 8.02 31.57
N GLN A 410 -1.70 8.99 31.54
CA GLN A 410 -0.38 8.76 30.99
C GLN A 410 0.65 8.27 31.99
N LYS A 411 0.23 8.06 33.23
CA LYS A 411 1.12 7.59 34.30
C LYS A 411 2.31 8.51 34.51
N LEU A 412 2.14 9.78 34.20
CA LEU A 412 3.23 10.73 34.37
C LEU A 412 3.48 11.00 35.85
N PRO A 413 4.72 10.75 36.30
CA PRO A 413 5.10 10.95 37.70
C PRO A 413 5.23 12.41 38.15
N VAL A 414 4.11 13.12 38.13
CA VAL A 414 4.07 14.51 38.58
C VAL A 414 3.77 14.51 40.08
N LEU A 415 4.47 15.34 40.84
CA LEU A 415 4.23 15.42 42.28
C LEU A 415 3.37 16.65 42.59
N PHE A 416 2.24 16.44 43.27
CA PHE A 416 1.38 17.55 43.65
C PHE A 416 1.50 17.87 45.13
N ALA A 417 1.97 19.08 45.43
CA ALA A 417 2.12 19.56 46.81
C ALA A 417 0.91 20.45 47.07
N ILE A 418 -0.13 19.85 47.64
CA ILE A 418 -1.39 20.54 47.90
C ILE A 418 -1.48 21.23 49.26
N ASP A 419 -1.33 22.56 49.23
CA ASP A 419 -1.36 23.38 50.44
C ASP A 419 -2.81 23.74 50.78
N ARG A 420 -3.02 24.37 51.93
CA ARG A 420 -4.37 24.75 52.37
C ARG A 420 -5.36 23.59 52.30
N ALA A 421 -4.92 22.41 52.73
CA ALA A 421 -5.80 21.25 52.76
C ALA A 421 -6.59 21.34 54.06
N GLY A 422 -7.86 20.95 54.02
CA GLY A 422 -8.69 21.03 55.22
C GLY A 422 -9.40 22.36 55.31
N ILE A 423 -9.83 22.75 56.51
CA ILE A 423 -10.52 24.01 56.64
C ILE A 423 -9.44 25.09 56.73
N VAL A 424 -9.59 26.13 55.93
CA VAL A 424 -8.60 27.20 55.87
C VAL A 424 -8.86 28.41 56.77
N GLY A 425 -10.08 28.51 57.31
CA GLY A 425 -10.39 29.61 58.20
C GLY A 425 -11.18 30.78 57.65
N ALA A 426 -10.67 31.99 57.92
CA ALA A 426 -11.31 33.23 57.52
C ALA A 426 -11.80 33.33 56.08
N ASP A 427 -11.04 32.80 55.12
CA ASP A 427 -11.45 32.89 53.72
C ASP A 427 -12.79 32.21 53.45
N GLY A 428 -13.19 31.28 54.31
CA GLY A 428 -14.48 30.63 54.15
C GLY A 428 -14.81 29.67 53.00
N GLN A 429 -16.10 29.49 52.79
CA GLN A 429 -16.66 28.59 51.79
C GLN A 429 -15.90 28.44 50.47
N THR A 430 -15.64 29.57 49.83
CA THR A 430 -14.98 29.57 48.53
C THR A 430 -13.53 29.08 48.49
N HIS A 431 -12.90 28.96 49.65
CA HIS A 431 -11.48 28.57 49.68
C HIS A 431 -11.10 27.30 50.43
N GLN A 432 -12.08 26.59 51.00
CA GLN A 432 -11.77 25.38 51.78
C GLN A 432 -11.15 24.27 50.94
N GLY A 433 -10.11 23.64 51.47
CA GLY A 433 -9.48 22.53 50.76
C GLY A 433 -10.21 21.33 51.31
N ALA A 434 -11.51 21.29 51.06
CA ALA A 434 -12.38 20.27 51.59
C ALA A 434 -12.68 19.06 50.72
N PHE A 435 -12.22 19.04 49.48
CA PHE A 435 -12.58 17.94 48.61
C PHE A 435 -11.52 17.12 47.90
N ASP A 436 -10.26 17.51 48.00
CA ASP A 436 -9.20 16.78 47.31
C ASP A 436 -9.06 15.30 47.68
N LEU A 437 -9.39 14.92 48.90
CA LEU A 437 -9.28 13.52 49.29
C LEU A 437 -10.39 12.70 48.64
N SER A 438 -11.37 13.38 48.03
CA SER A 438 -12.47 12.70 47.36
C SER A 438 -12.31 12.73 45.85
N TYR A 439 -12.25 13.92 45.26
CA TYR A 439 -12.14 13.99 43.80
C TYR A 439 -10.86 13.35 43.24
N LEU A 440 -9.82 13.28 44.05
CA LEU A 440 -8.55 12.69 43.64
C LEU A 440 -8.55 11.16 43.79
N ARG A 441 -9.31 10.66 44.77
CA ARG A 441 -9.35 9.23 45.07
C ARG A 441 -9.92 8.32 43.98
N CYS A 442 -10.88 8.83 43.22
CA CYS A 442 -11.48 8.03 42.17
C CYS A 442 -10.58 7.96 40.93
N ILE A 443 -9.46 8.68 40.95
CA ILE A 443 -8.53 8.69 39.84
C ILE A 443 -7.55 7.54 39.88
N PRO A 444 -7.56 6.68 38.84
CA PRO A 444 -6.67 5.53 38.75
C PRO A 444 -5.21 5.98 38.65
N GLU A 445 -4.31 5.23 39.28
CA GLU A 445 -2.87 5.50 39.26
C GLU A 445 -2.39 6.59 40.22
N VAL A 447 -1.50 8.36 43.73
CA VAL A 447 -1.03 8.03 45.07
C VAL A 447 -1.29 9.29 45.90
N ILE A 448 -2.09 9.15 46.96
CA ILE A 448 -2.46 10.25 47.82
C ILE A 448 -1.93 10.09 49.24
N THR A 450 -1.18 11.82 53.21
CA THR A 450 -1.62 12.84 54.16
C THR A 450 -0.76 12.82 55.43
N PRO A 451 0.23 13.71 55.52
CA PRO A 451 1.12 13.79 56.68
C PRO A 451 0.40 14.20 57.96
N SER A 452 0.83 13.62 59.08
CA SER A 452 0.23 13.95 60.38
C SER A 452 1.04 15.05 61.06
N ASP A 453 2.27 15.24 60.61
CA ASP A 453 3.14 16.29 61.14
C ASP A 453 4.19 16.67 60.10
N GLU A 454 5.01 17.67 60.41
CA GLU A 454 6.01 18.16 59.46
C GLU A 454 7.11 17.19 59.04
N ASN A 455 7.44 16.21 59.87
CA ASN A 455 8.47 15.24 59.48
C ASN A 455 7.87 14.34 58.40
N GLU A 456 6.67 13.82 58.68
CA GLU A 456 5.94 12.97 57.75
C GLU A 456 5.78 13.71 56.42
N CYS A 457 5.51 15.01 56.51
CA CYS A 457 5.36 15.83 55.32
C CYS A 457 6.61 15.73 54.45
N ARG A 458 7.77 16.01 55.04
CA ARG A 458 9.04 15.95 54.32
C ARG A 458 9.24 14.57 53.69
N GLN A 459 9.08 13.53 54.51
CA GLN A 459 9.24 12.13 54.07
C GLN A 459 8.35 11.81 52.87
N LEU A 461 6.92 14.05 50.75
CA LEU A 461 7.29 14.84 49.58
C LEU A 461 8.43 14.07 48.93
N TYR A 462 9.37 13.64 49.77
CA TYR A 462 10.53 12.88 49.32
C TYR A 462 10.06 11.62 48.59
N THR A 463 9.17 10.86 49.23
CA THR A 463 8.65 9.64 48.63
C THR A 463 7.94 9.96 47.31
N GLY A 464 7.09 10.98 47.34
CA GLY A 464 6.38 11.38 46.15
C GLY A 464 7.33 11.78 45.04
N TYR A 465 8.38 12.52 45.37
CA TYR A 465 9.34 12.97 44.37
C TYR A 465 10.10 11.83 43.70
N HIS A 466 10.31 10.73 44.42
CA HIS A 466 11.05 9.61 43.86
C HIS A 466 10.16 8.47 43.37
N TYR A 467 8.85 8.67 43.47
CA TYR A 467 7.89 7.67 43.01
C TYR A 467 7.67 7.92 41.53
N ASN A 468 8.17 7.03 40.67
CA ASN A 468 8.06 7.25 39.23
C ASN A 468 7.06 6.44 38.41
N ASP A 469 6.19 5.69 39.08
CA ASP A 469 5.21 4.87 38.36
C ASP A 469 3.95 5.63 38.00
N GLY A 470 3.82 6.85 38.51
CA GLY A 470 2.64 7.64 38.23
C GLY A 470 2.59 8.89 39.09
N PRO A 471 1.46 9.60 39.10
CA PRO A 471 1.32 10.83 39.90
C PRO A 471 1.12 10.53 41.38
N SER A 472 1.64 11.43 42.22
CA SER A 472 1.51 11.28 43.67
C SER A 472 1.13 12.64 44.23
N ALA A 473 0.48 12.64 45.39
CA ALA A 473 0.07 13.89 46.00
C ALA A 473 0.29 13.88 47.50
N VAL A 474 0.69 15.04 48.01
CA VAL A 474 0.92 15.22 49.43
C VAL A 474 0.11 16.46 49.77
N ARG A 475 -0.86 16.33 50.66
CA ARG A 475 -1.66 17.48 51.02
C ARG A 475 -1.46 17.81 52.48
N TYR A 476 -1.40 19.11 52.77
CA TYR A 476 -1.21 19.59 54.12
C TYR A 476 -2.03 20.85 54.39
N PRO A 477 -2.41 21.07 55.65
CA PRO A 477 -3.20 22.25 56.01
C PRO A 477 -2.43 23.54 56.03
N ARG A 478 -3.18 24.62 56.12
CA ARG A 478 -2.63 25.96 56.23
C ARG A 478 -2.38 26.00 57.73
N GLY A 479 -1.17 26.38 58.13
CA GLY A 479 -0.89 26.43 59.55
C GLY A 479 0.48 25.92 59.93
N ASN A 480 0.77 25.99 61.22
CA ASN A 480 2.06 25.56 61.75
C ASN A 480 2.16 24.07 61.99
N ALA A 481 3.39 23.59 62.02
CA ALA A 481 3.68 22.19 62.26
C ALA A 481 3.49 21.93 63.74
N VAL A 482 3.69 20.68 64.16
CA VAL A 482 3.51 20.32 65.56
C VAL A 482 4.78 20.54 66.37
N GLY A 483 5.92 20.57 65.69
CA GLY A 483 7.18 20.77 66.38
C GLY A 483 7.88 19.45 66.66
N VAL A 484 7.65 18.47 65.77
CA VAL A 484 8.25 17.15 65.90
C VAL A 484 9.69 17.21 65.44
N GLU A 485 10.46 16.16 65.72
CA GLU A 485 11.85 16.11 65.30
C GLU A 485 11.93 15.60 63.87
N LEU A 486 12.83 16.19 63.09
CA LEU A 486 12.99 15.82 61.70
C LEU A 486 14.08 14.76 61.53
N THR A 487 13.72 13.67 60.86
CA THR A 487 14.65 12.56 60.63
C THR A 487 15.11 12.52 59.19
N PRO A 488 16.22 11.83 58.92
CA PRO A 488 16.72 11.74 57.54
C PRO A 488 15.69 11.19 56.58
N LEU A 489 15.53 11.87 55.45
CA LEU A 489 14.56 11.48 54.43
C LEU A 489 14.74 10.05 53.98
N GLU A 490 13.64 9.31 53.95
CA GLU A 490 13.66 7.91 53.54
C GLU A 490 12.30 7.58 52.93
N LYS A 491 12.33 6.95 51.76
CA LYS A 491 11.10 6.60 51.07
C LYS A 491 10.21 5.72 51.94
N LEU A 492 8.95 6.09 52.05
CA LEU A 492 7.98 5.33 52.83
C LEU A 492 7.33 4.29 51.94
N PRO A 493 7.19 3.05 52.42
CA PRO A 493 6.57 2.03 51.58
C PRO A 493 5.18 2.53 51.17
N ILE A 494 4.89 2.42 49.88
CA ILE A 494 3.62 2.87 49.33
C ILE A 494 2.39 2.10 49.85
N GLY A 495 1.41 2.84 50.34
CA GLY A 495 0.18 2.24 50.86
C GLY A 495 0.30 1.54 52.20
N LYS A 496 1.20 2.02 53.05
CA LYS A 496 1.39 1.41 54.36
C LYS A 496 1.23 2.34 55.56
N GLY A 497 0.39 1.93 56.50
CA GLY A 497 0.15 2.73 57.70
C GLY A 497 1.04 2.22 58.83
N ILE A 498 0.86 2.79 60.02
CA ILE A 498 1.66 2.38 61.16
C ILE A 498 0.87 2.60 62.46
N VAL A 499 0.76 1.55 63.28
CA VAL A 499 0.03 1.64 64.53
C VAL A 499 0.84 2.44 65.53
N LYS A 500 0.19 3.43 66.15
CA LYS A 500 0.87 4.28 67.11
C LYS A 500 0.52 3.94 68.55
N ARG A 501 -0.57 3.21 68.74
CA ARG A 501 -1.00 2.84 70.08
C ARG A 501 -1.87 1.59 70.02
N ARG A 502 -1.66 0.70 70.99
CA ARG A 502 -2.43 -0.54 71.06
C ARG A 502 -3.49 -0.38 72.15
N GLY A 503 -4.76 -0.41 71.75
CA GLY A 503 -5.83 -0.26 72.72
C GLY A 503 -6.76 -1.46 72.70
N GLU A 504 -8.04 -1.22 72.92
CA GLU A 504 -9.01 -2.30 72.94
C GLU A 504 -10.38 -1.85 72.47
N LYS A 505 -11.10 -2.78 71.84
CA LYS A 505 -12.46 -2.51 71.39
C LYS A 505 -12.59 -1.51 70.24
N LEU A 506 -11.81 -0.45 70.29
CA LEU A 506 -11.89 0.59 69.27
C LEU A 506 -10.55 0.90 68.62
N ALA A 507 -10.55 1.00 67.30
CA ALA A 507 -9.35 1.32 66.55
C ALA A 507 -9.61 2.60 65.75
N ILE A 508 -8.83 3.63 66.05
CA ILE A 508 -8.97 4.92 65.38
C ILE A 508 -7.93 5.04 64.27
N LEU A 509 -8.41 5.16 63.02
CA LEU A 509 -7.53 5.28 61.86
C LEU A 509 -7.44 6.74 61.44
N ASN A 510 -6.26 7.33 61.61
CA ASN A 510 -6.07 8.74 61.28
C ASN A 510 -5.47 9.05 59.93
N PHE A 511 -6.05 10.05 59.26
CA PHE A 511 -5.58 10.50 57.96
C PHE A 511 -5.31 12.00 58.04
N GLY A 512 -4.06 12.41 58.27
CA GLY A 512 -3.79 13.83 58.29
C GLY A 512 -3.44 14.53 59.59
N THR A 513 -3.38 15.85 59.51
CA THR A 513 -3.01 16.72 60.63
C THR A 513 -3.97 16.84 61.81
N LEU A 514 -5.02 16.03 61.83
CA LEU A 514 -5.97 16.06 62.94
C LEU A 514 -5.53 15.04 63.98
N PRO A 516 -3.19 14.96 66.45
CA PRO A 516 -3.07 15.37 67.85
C PRO A 516 -4.38 15.20 68.62
N GLU A 517 -5.50 15.54 67.99
CA GLU A 517 -6.79 15.39 68.65
C GLU A 517 -7.19 13.93 68.68
N ALA A 518 -6.95 13.21 67.59
CA ALA A 518 -7.29 11.80 67.52
C ALA A 518 -6.50 11.05 68.60
N ALA A 519 -5.27 11.49 68.83
CA ALA A 519 -4.40 10.87 69.84
C ALA A 519 -5.00 11.03 71.22
N LYS A 520 -5.58 12.19 71.49
CA LYS A 520 -6.20 12.45 72.78
C LYS A 520 -7.39 11.52 73.00
N VAL A 521 -8.18 11.32 71.94
CA VAL A 521 -9.34 10.45 72.00
C VAL A 521 -8.93 9.01 72.29
N ALA A 522 -7.92 8.52 71.58
CA ALA A 522 -7.45 7.16 71.77
C ALA A 522 -6.97 6.94 73.20
N GLU A 523 -6.20 7.89 73.72
CA GLU A 523 -5.67 7.79 75.07
C GLU A 523 -6.83 7.83 76.08
N SER A 524 -7.82 8.67 75.80
CA SER A 524 -8.98 8.82 76.66
C SER A 524 -9.93 7.62 76.62
N LEU A 525 -9.92 6.89 75.52
CA LEU A 525 -10.79 5.72 75.37
C LEU A 525 -9.98 4.43 75.28
N ASN A 526 -8.68 4.55 75.56
CA ASN A 526 -7.77 3.40 75.48
C ASN A 526 -7.99 2.61 74.19
N ALA A 527 -8.14 3.33 73.09
CA ALA A 527 -8.36 2.71 71.80
C ALA A 527 -7.04 2.55 71.04
N THR A 528 -7.05 1.72 70.00
CA THR A 528 -5.88 1.52 69.18
C THR A 528 -5.81 2.73 68.25
N LEU A 529 -4.62 3.24 68.01
CA LEU A 529 -4.41 4.40 67.14
C LEU A 529 -3.48 4.05 65.99
N VAL A 530 -3.93 4.36 64.77
CA VAL A 530 -3.16 4.10 63.57
C VAL A 530 -3.00 5.35 62.72
N ASP A 531 -1.78 5.57 62.21
CA ASP A 531 -1.51 6.70 61.34
C ASP A 531 -1.49 6.07 59.96
N ARG A 533 -1.24 7.28 56.91
CA ARG A 533 -0.30 7.82 55.92
C ARG A 533 -0.78 7.94 54.48
N PHE A 534 -1.31 6.85 53.92
CA PHE A 534 -1.78 6.86 52.54
C PHE A 534 -3.29 6.74 52.43
N VAL A 535 -3.90 7.61 51.63
CA VAL A 535 -5.33 7.56 51.40
C VAL A 535 -5.53 6.62 50.22
N LYS A 536 -4.52 6.55 49.37
CA LYS A 536 -4.55 5.68 48.21
C LYS A 536 -3.14 5.46 47.71
N PRO A 537 -2.74 4.19 47.54
CA PRO A 537 -3.59 3.04 47.82
C PRO A 537 -3.67 2.83 49.33
N LEU A 538 -4.80 2.32 49.80
CA LEU A 538 -4.98 2.09 51.23
C LEU A 538 -4.24 0.85 51.72
N ASP A 539 -3.82 0.89 52.98
CA ASP A 539 -3.12 -0.24 53.59
C ASP A 539 -4.21 -1.25 53.94
N GLU A 540 -4.75 -1.91 52.94
CA GLU A 540 -5.82 -2.88 53.13
C GLU A 540 -5.55 -3.95 54.19
N ALA A 541 -4.41 -4.61 54.12
CA ALA A 541 -4.09 -5.64 55.10
C ALA A 541 -4.25 -5.10 56.53
N LEU A 542 -3.72 -3.92 56.78
CA LEU A 542 -3.82 -3.32 58.11
C LEU A 542 -5.27 -3.03 58.49
N ILE A 543 -6.08 -2.58 57.54
CA ILE A 543 -7.48 -2.30 57.82
C ILE A 543 -8.16 -3.58 58.26
N LEU A 544 -8.03 -4.61 57.44
CA LEU A 544 -8.61 -5.91 57.72
C LEU A 544 -8.15 -6.41 59.07
N GLU A 545 -6.89 -6.17 59.39
CA GLU A 545 -6.32 -6.61 60.67
C GLU A 545 -6.96 -5.88 61.84
N ALA A 547 -9.90 -4.47 61.82
CA ALA A 547 -11.31 -4.86 61.85
C ALA A 547 -11.49 -6.21 62.55
N ALA A 548 -10.53 -7.10 62.33
CA ALA A 548 -10.57 -8.43 62.91
C ALA A 548 -10.25 -8.44 64.40
N SER A 549 -9.55 -7.41 64.86
CA SER A 549 -9.14 -7.34 66.26
C SER A 549 -9.89 -6.29 67.09
N HIS A 550 -10.87 -5.63 66.48
CA HIS A 550 -11.64 -4.62 67.20
C HIS A 550 -13.13 -4.72 66.86
N GLU A 551 -13.97 -4.16 67.73
CA GLU A 551 -15.41 -4.21 67.52
C GLU A 551 -15.86 -3.18 66.49
N ALA A 552 -15.19 -2.03 66.51
CA ALA A 552 -15.51 -0.96 65.58
C ALA A 552 -14.30 -0.10 65.26
N LEU A 553 -14.29 0.46 64.06
CA LEU A 553 -13.22 1.33 63.59
C LEU A 553 -13.76 2.76 63.54
N VAL A 554 -12.85 3.72 63.58
CA VAL A 554 -13.20 5.14 63.49
C VAL A 554 -12.17 5.78 62.57
N THR A 555 -12.63 6.44 61.51
CA THR A 555 -11.70 7.09 60.60
C THR A 555 -11.74 8.60 60.82
N VAL A 556 -10.57 9.24 60.79
CA VAL A 556 -10.46 10.67 61.00
C VAL A 556 -9.70 11.35 59.86
N GLU A 557 -10.31 12.37 59.28
CA GLU A 557 -9.71 13.12 58.17
C GLU A 557 -10.31 14.51 58.13
N GLU A 558 -9.58 15.48 57.59
CA GLU A 558 -10.10 16.84 57.48
C GLU A 558 -10.48 16.99 56.01
N ASN A 559 -11.56 16.30 55.65
CA ASN A 559 -12.04 16.31 54.27
C ASN A 559 -13.48 15.82 54.29
N ALA A 560 -14.22 16.09 53.22
CA ALA A 560 -15.61 15.66 53.15
C ALA A 560 -15.69 14.17 53.44
N ILE A 561 -16.65 13.79 54.29
CA ILE A 561 -16.85 12.38 54.62
C ILE A 561 -17.28 11.65 53.35
N GLY A 563 -17.10 10.25 49.98
CA GLY A 563 -16.09 9.91 49.00
C GLY A 563 -14.65 10.04 49.48
N GLY A 564 -14.47 10.50 50.71
CA GLY A 564 -13.14 10.68 51.25
C GLY A 564 -12.39 9.42 51.66
N ALA A 565 -11.39 9.60 52.51
CA ALA A 565 -10.56 8.51 53.01
C ALA A 565 -11.35 7.47 53.81
N GLY A 566 -12.19 7.93 54.73
CA GLY A 566 -12.99 7.01 55.52
C GLY A 566 -13.85 6.17 54.59
N SER A 567 -14.41 6.82 53.58
CA SER A 567 -15.25 6.15 52.61
C SER A 567 -14.44 5.04 51.94
N GLY A 568 -13.16 5.30 51.72
CA GLY A 568 -12.28 4.32 51.11
C GLY A 568 -12.11 3.11 52.02
N VAL A 569 -12.00 3.38 53.32
CA VAL A 569 -11.86 2.30 54.30
C VAL A 569 -13.12 1.46 54.28
N ASN A 570 -14.29 2.11 54.24
CA ASN A 570 -15.56 1.38 54.20
C ASN A 570 -15.57 0.45 52.98
N GLU A 571 -15.13 0.97 51.85
CA GLU A 571 -15.10 0.20 50.61
C GLU A 571 -14.27 -1.07 50.70
N VAL A 572 -13.12 -0.98 51.39
CA VAL A 572 -12.24 -2.13 51.55
C VAL A 572 -12.94 -3.21 52.38
N LEU A 573 -13.53 -2.82 53.50
CA LEU A 573 -14.24 -3.77 54.36
C LEU A 573 -15.39 -4.45 53.62
N ALA A 575 -15.79 -4.90 50.43
CA ALA A 575 -15.29 -5.77 49.37
C ALA A 575 -14.85 -7.13 49.90
N HIS A 576 -14.26 -7.16 51.08
CA HIS A 576 -13.80 -8.40 51.69
C HIS A 576 -14.91 -9.02 52.51
N ARG A 577 -16.08 -8.38 52.47
CA ARG A 577 -17.25 -8.82 53.20
C ARG A 577 -17.00 -8.95 54.70
N LYS A 578 -16.27 -7.97 55.25
CA LYS A 578 -15.96 -7.92 56.68
C LYS A 578 -16.67 -6.70 57.26
N PRO A 579 -18.01 -6.70 57.23
CA PRO A 579 -18.77 -5.56 57.75
C PRO A 579 -18.55 -5.27 59.23
N VAL A 580 -17.62 -4.36 59.51
CA VAL A 580 -17.35 -3.94 60.87
C VAL A 580 -17.80 -2.48 60.92
N PRO A 581 -18.57 -2.11 61.95
CA PRO A 581 -19.00 -0.71 62.00
C PRO A 581 -17.82 0.26 61.96
N VAL A 582 -17.93 1.28 61.12
CA VAL A 582 -16.89 2.28 60.96
C VAL A 582 -17.49 3.68 61.05
N LEU A 583 -17.03 4.48 62.02
CA LEU A 583 -17.53 5.84 62.15
C LEU A 583 -16.59 6.75 61.35
N ASN A 584 -17.11 7.31 60.26
CA ASN A 584 -16.31 8.20 59.43
C ASN A 584 -16.41 9.60 60.01
N ILE A 585 -15.30 10.11 60.51
CA ILE A 585 -15.29 11.46 61.07
C ILE A 585 -14.60 12.38 60.06
N GLY A 586 -15.27 13.47 59.71
CA GLY A 586 -14.71 14.40 58.75
C GLY A 586 -15.62 15.59 58.55
N LEU A 587 -15.54 16.22 57.38
CA LEU A 587 -16.36 17.39 57.10
C LEU A 587 -17.79 17.05 56.71
N PRO A 588 -18.78 17.78 57.27
CA PRO A 588 -20.22 17.59 57.03
C PRO A 588 -20.51 17.88 55.56
N ASP A 589 -21.77 17.66 55.14
CA ASP A 589 -22.10 17.91 53.75
C ASP A 589 -22.64 19.30 53.45
N PHE A 590 -21.89 20.31 53.88
CA PHE A 590 -22.23 21.69 53.59
C PHE A 590 -20.93 22.46 53.49
N PHE A 591 -20.95 23.55 52.73
CA PHE A 591 -19.74 24.35 52.59
C PHE A 591 -19.42 24.95 53.96
N ILE A 592 -18.16 24.82 54.37
CA ILE A 592 -17.73 25.30 55.69
C ILE A 592 -17.65 26.80 55.87
N PRO A 593 -18.39 27.35 56.85
CA PRO A 593 -18.44 28.78 57.14
C PRO A 593 -17.10 29.34 57.63
N GLN A 594 -16.95 30.65 57.46
CA GLN A 594 -15.74 31.36 57.86
C GLN A 594 -15.53 31.41 59.37
N GLY A 595 -14.28 31.58 59.78
CA GLY A 595 -13.97 31.66 61.20
C GLY A 595 -12.55 31.22 61.43
N THR A 596 -12.13 31.17 62.68
CA THR A 596 -10.80 30.71 63.00
C THR A 596 -10.75 29.21 62.70
N GLN A 597 -9.57 28.71 62.34
CA GLN A 597 -9.43 27.29 62.06
C GLN A 597 -9.79 26.48 63.29
N GLU A 598 -9.25 26.89 64.44
CA GLU A 598 -9.52 26.22 65.71
C GLU A 598 -10.98 26.34 66.08
N GLU A 599 -11.49 27.54 65.92
CA GLU A 599 -12.87 27.91 66.21
C GLU A 599 -13.86 27.11 65.35
N ARG A 601 -13.07 24.16 63.73
CA ARG A 601 -12.84 22.74 63.95
C ARG A 601 -13.60 22.30 65.19
N ALA A 602 -13.64 23.17 66.19
CA ALA A 602 -14.35 22.87 67.42
C ALA A 602 -15.84 22.80 67.13
N GLU A 603 -16.34 23.77 66.36
CA GLU A 603 -17.77 23.80 66.04
C GLU A 603 -18.22 22.60 65.24
N LEU A 604 -17.32 22.00 64.46
CA LEU A 604 -17.68 20.84 63.64
C LEU A 604 -17.43 19.52 64.37
N GLY A 605 -16.93 19.62 65.61
CA GLY A 605 -16.66 18.44 66.40
C GLY A 605 -15.41 17.73 65.95
N LEU A 606 -14.44 18.52 65.49
CA LEU A 606 -13.19 17.96 65.01
C LEU A 606 -12.05 18.08 66.01
N ASP A 607 -12.39 18.15 67.30
CA ASP A 607 -11.36 18.20 68.34
C ASP A 607 -11.62 17.04 69.31
N ALA A 608 -10.67 16.78 70.20
CA ALA A 608 -10.78 15.68 71.16
C ALA A 608 -12.19 15.51 71.72
N ALA A 609 -12.70 16.54 72.38
CA ALA A 609 -14.02 16.49 72.97
C ALA A 609 -15.10 16.17 71.94
N GLY A 610 -15.14 16.95 70.87
CA GLY A 610 -16.13 16.72 69.84
C GLY A 610 -16.13 15.30 69.29
N GLU A 612 -14.98 12.46 70.71
CA GLU A 612 -15.43 11.49 71.70
C GLU A 612 -16.96 11.51 71.77
N ALA A 613 -17.55 12.71 71.70
CA ALA A 613 -19.00 12.84 71.76
C ALA A 613 -19.63 12.10 70.58
N LYS A 614 -19.11 12.33 69.38
CA LYS A 614 -19.62 11.67 68.19
C LYS A 614 -19.59 10.17 68.38
N ILE A 615 -18.44 9.66 68.81
CA ILE A 615 -18.25 8.24 69.03
C ILE A 615 -19.25 7.72 70.06
N LYS A 616 -19.50 8.51 71.10
CA LYS A 616 -20.45 8.14 72.14
C LYS A 616 -21.86 8.04 71.55
N ALA A 617 -22.28 9.09 70.86
CA ALA A 617 -23.60 9.10 70.24
C ALA A 617 -23.78 7.94 69.26
N TRP A 618 -22.75 7.71 68.44
CA TRP A 618 -22.76 6.66 67.44
C TRP A 618 -22.90 5.27 68.03
N LEU A 619 -22.15 4.98 69.08
CA LEU A 619 -22.20 3.68 69.72
C LEU A 619 -23.53 3.50 70.47
N ALA A 620 -24.12 4.61 70.90
CA ALA A 620 -25.38 4.59 71.63
C ALA A 620 -26.56 4.19 70.73
N TYR B 8 0.08 2.18 -4.65
CA TYR B 8 0.83 2.80 -3.51
C TYR B 8 2.34 2.57 -3.66
N PRO B 9 2.89 2.80 -4.88
CA PRO B 9 4.31 2.60 -5.13
C PRO B 9 5.26 3.49 -4.30
N THR B 10 4.80 4.70 -4.00
CA THR B 10 5.64 5.63 -3.22
C THR B 10 5.51 5.32 -1.73
N LEU B 11 4.28 5.04 -1.29
CA LEU B 11 4.04 4.74 0.11
C LEU B 11 4.69 3.42 0.50
N ALA B 12 4.68 2.46 -0.43
CA ALA B 12 5.28 1.15 -0.16
C ALA B 12 6.74 1.29 0.27
N LEU B 13 7.38 2.36 -0.19
CA LEU B 13 8.78 2.61 0.15
C LEU B 13 8.89 3.28 1.51
N VAL B 14 7.76 3.37 2.22
CA VAL B 14 7.75 4.03 3.52
C VAL B 14 7.12 3.20 4.64
N ASP B 15 7.98 2.66 5.51
CA ASP B 15 7.53 1.86 6.65
C ASP B 15 8.07 2.56 7.90
N SER B 16 8.89 3.58 7.69
CA SER B 16 9.47 4.36 8.77
C SER B 16 9.65 5.80 8.29
N THR B 17 9.64 6.75 9.22
CA THR B 17 9.81 8.15 8.87
C THR B 17 11.21 8.40 8.32
N GLN B 18 12.11 7.46 8.58
CA GLN B 18 13.48 7.61 8.11
C GLN B 18 13.54 7.28 6.61
N GLU B 19 12.59 6.46 6.16
CA GLU B 19 12.52 6.09 4.76
C GLU B 19 11.86 7.26 4.03
N LEU B 20 10.91 7.88 4.70
CA LEU B 20 10.21 9.02 4.13
C LEU B 20 11.24 10.11 3.81
N ARG B 21 12.20 10.29 4.71
CA ARG B 21 13.21 11.31 4.54
C ARG B 21 14.22 10.97 3.44
N LEU B 22 14.27 9.72 3.01
CA LEU B 22 15.21 9.33 1.96
C LEU B 22 14.66 9.65 0.57
N LEU B 23 13.34 9.66 0.45
CA LEU B 23 12.71 9.97 -0.83
C LEU B 23 13.08 11.37 -1.30
N PRO B 24 13.01 11.61 -2.61
CA PRO B 24 13.35 12.92 -3.17
C PRO B 24 12.11 13.81 -3.12
N LYS B 25 12.30 15.08 -2.78
CA LYS B 25 11.21 16.05 -2.68
C LYS B 25 10.12 15.86 -3.73
N GLU B 26 10.52 15.97 -4.99
CA GLU B 26 9.61 15.85 -6.12
C GLU B 26 8.66 14.66 -6.03
N SER B 27 9.04 13.67 -5.22
CA SER B 27 8.21 12.48 -5.08
C SER B 27 7.15 12.64 -4.01
N LEU B 28 7.43 13.50 -3.03
CA LEU B 28 6.51 13.74 -1.92
C LEU B 28 5.06 14.04 -2.31
N PRO B 29 4.84 14.92 -3.30
CA PRO B 29 3.44 15.20 -3.67
C PRO B 29 2.67 13.94 -4.08
N LYS B 30 3.31 13.04 -4.81
CA LYS B 30 2.65 11.81 -5.23
C LYS B 30 2.32 10.98 -3.99
N LEU B 31 3.21 11.02 -3.00
CA LEU B 31 3.01 10.30 -1.75
C LEU B 31 1.72 10.76 -1.08
N CYS B 32 1.50 12.08 -1.09
CA CYS B 32 0.30 12.64 -0.47
C CYS B 32 -0.97 12.12 -1.14
N ASP B 33 -0.97 12.05 -2.47
CA ASP B 33 -2.15 11.57 -3.19
C ASP B 33 -2.41 10.11 -2.84
N GLU B 34 -1.34 9.32 -2.80
CA GLU B 34 -1.46 7.91 -2.47
C GLU B 34 -1.92 7.76 -1.03
N LEU B 35 -1.23 8.44 -0.13
CA LEU B 35 -1.55 8.39 1.28
C LEU B 35 -3.00 8.83 1.52
N ARG B 36 -3.47 9.78 0.72
CA ARG B 36 -4.84 10.27 0.85
C ARG B 36 -5.86 9.25 0.33
N ARG B 37 -5.46 8.45 -0.66
CA ARG B 37 -6.35 7.44 -1.23
C ARG B 37 -6.30 6.15 -0.40
N TYR B 38 -5.17 5.91 0.23
CA TYR B 38 -5.00 4.73 1.07
C TYR B 38 -5.99 4.81 2.23
N LEU B 39 -6.00 5.96 2.89
CA LEU B 39 -6.91 6.18 4.01
C LEU B 39 -8.32 5.89 3.50
N LEU B 40 -8.70 6.55 2.43
CA LEU B 40 -10.02 6.35 1.83
C LEU B 40 -10.16 4.91 1.35
N GLY B 53 -8.54 15.05 9.24
CA GLY B 53 -8.19 13.71 8.82
C GLY B 53 -7.34 13.72 7.56
N LEU B 54 -7.98 13.65 6.41
CA LEU B 54 -7.25 13.67 5.15
C LEU B 54 -6.83 15.10 4.85
N GLY B 55 -7.18 16.01 5.75
CA GLY B 55 -6.84 17.40 5.59
C GLY B 55 -5.48 17.78 6.15
N THR B 56 -4.81 16.82 6.79
CA THR B 56 -3.50 17.07 7.37
C THR B 56 -2.42 16.24 6.68
N VAL B 57 -2.76 15.67 5.53
CA VAL B 57 -1.82 14.84 4.78
C VAL B 57 -0.56 15.59 4.36
N GLU B 58 -0.73 16.70 3.65
CA GLU B 58 0.42 17.49 3.20
C GLU B 58 1.29 17.94 4.37
N LEU B 59 0.65 18.39 5.45
CA LEU B 59 1.40 18.87 6.62
C LEU B 59 2.14 17.75 7.35
N THR B 60 1.48 16.61 7.50
CA THR B 60 2.08 15.48 8.19
C THR B 60 3.36 15.04 7.49
N VAL B 61 3.33 14.97 6.17
CA VAL B 61 4.51 14.58 5.40
C VAL B 61 5.60 15.63 5.59
N ALA B 62 5.26 16.89 5.34
CA ALA B 62 6.21 17.98 5.48
C ALA B 62 6.94 17.90 6.81
N LEU B 63 6.18 17.72 7.90
CA LEU B 63 6.76 17.64 9.23
C LEU B 63 7.74 16.48 9.43
N HIS B 64 7.33 15.27 9.05
CA HIS B 64 8.20 14.13 9.21
C HIS B 64 9.36 14.14 8.24
N TYR B 65 9.21 14.89 7.17
CA TYR B 65 10.26 14.99 6.17
C TYR B 65 11.34 15.97 6.63
N VAL B 66 10.91 17.05 7.27
CA VAL B 66 11.85 18.08 7.73
C VAL B 66 12.40 17.83 9.13
N TYR B 67 11.55 17.33 10.02
CA TYR B 67 11.96 17.07 11.40
C TYR B 67 12.59 15.70 11.62
N ASN B 68 13.51 15.64 12.57
CA ASN B 68 14.20 14.41 12.93
C ASN B 68 13.40 13.63 13.96
N THR B 69 12.22 13.15 13.55
CA THR B 69 11.39 12.38 14.46
C THR B 69 11.87 10.95 14.43
N PRO B 70 11.64 10.18 15.51
CA PRO B 70 10.95 10.60 16.73
C PRO B 70 11.82 11.32 17.77
N PHE B 71 13.00 11.78 17.37
CA PHE B 71 13.87 12.50 18.30
C PHE B 71 13.21 13.85 18.55
N ASP B 72 12.85 14.53 17.47
CA ASP B 72 12.16 15.80 17.57
C ASP B 72 10.74 15.44 17.99
N GLN B 73 10.18 16.24 18.88
CA GLN B 73 8.84 15.98 19.39
C GLN B 73 7.73 16.67 18.62
N LEU B 74 6.87 15.86 18.00
CA LEU B 74 5.73 16.36 17.24
C LEU B 74 4.50 16.11 18.12
N ILE B 75 3.73 17.15 18.38
CA ILE B 75 2.55 17.03 19.22
C ILE B 75 1.26 17.40 18.50
N TRP B 76 0.32 16.45 18.43
CA TRP B 76 -0.96 16.69 17.78
C TRP B 76 -2.05 16.95 18.82
N ASP B 77 -2.80 18.01 18.62
CA ASP B 77 -3.87 18.36 19.54
C ASP B 77 -5.16 17.61 19.17
N VAL B 78 -5.64 16.80 20.11
CA VAL B 78 -6.85 15.98 19.94
C VAL B 78 -6.51 14.59 19.37
N GLY B 79 -5.71 14.58 18.31
CA GLY B 79 -5.31 13.32 17.71
C GLY B 79 -6.33 12.67 16.78
N HIS B 80 -7.55 13.20 16.78
CA HIS B 80 -8.60 12.66 15.93
C HIS B 80 -8.17 12.70 14.47
N GLN B 81 -7.25 13.60 14.14
CA GLN B 81 -6.77 13.75 12.78
C GLN B 81 -5.30 13.37 12.67
N ALA B 82 -4.91 12.33 13.39
CA ALA B 82 -3.52 11.87 13.38
C ALA B 82 -3.35 10.54 12.64
N TYR B 83 -4.31 10.20 11.79
CA TYR B 83 -4.24 8.96 11.02
C TYR B 83 -3.02 8.99 10.10
N PRO B 84 -2.90 10.05 9.27
CA PRO B 84 -1.73 10.09 8.38
C PRO B 84 -0.43 10.00 9.18
N HIS B 85 -0.41 10.64 10.36
CA HIS B 85 0.76 10.60 11.21
C HIS B 85 1.07 9.16 11.64
N LYS B 86 0.02 8.40 11.95
CA LYS B 86 0.18 7.01 12.36
C LYS B 86 0.63 6.09 11.23
N ILE B 87 0.20 6.38 9.99
CA ILE B 87 0.62 5.57 8.86
C ILE B 87 2.13 5.65 8.70
N LEU B 88 2.64 6.86 8.52
CA LEU B 88 4.07 7.08 8.35
C LEU B 88 4.87 6.58 9.55
N THR B 89 4.18 6.23 10.62
CA THR B 89 4.82 5.74 11.83
C THR B 89 4.72 4.23 11.96
N HIS B 105 -5.17 2.17 18.64
CA HIS B 105 -5.59 3.38 19.33
C HIS B 105 -6.19 4.42 18.38
N PRO B 106 -7.29 5.07 18.80
CA PRO B 106 -7.98 6.09 18.02
C PRO B 106 -7.20 7.41 17.90
N PHE B 107 -6.40 7.71 18.91
CA PHE B 107 -5.59 8.93 18.93
C PHE B 107 -4.16 8.54 19.30
N PRO B 108 -3.17 9.40 19.02
CA PRO B 108 -1.79 9.07 19.36
C PRO B 108 -1.65 8.71 20.84
N TRP B 109 -1.10 7.52 21.10
CA TRP B 109 -0.90 7.01 22.44
C TRP B 109 0.58 6.70 22.66
N ARG B 110 1.16 7.35 23.66
CA ARG B 110 2.58 7.18 23.96
C ARG B 110 3.05 5.73 24.13
N GLY B 111 2.20 4.89 24.70
CA GLY B 111 2.55 3.49 24.90
C GLY B 111 2.50 2.66 23.64
N GLU B 112 1.89 3.20 22.60
CA GLU B 112 1.77 2.50 21.32
C GLU B 112 3.01 2.70 20.45
N SER B 113 3.38 3.96 20.26
CA SER B 113 4.54 4.30 19.44
C SER B 113 5.37 5.40 20.10
N GLU B 114 6.65 5.46 19.75
CA GLU B 114 7.52 6.49 20.31
C GLU B 114 7.35 7.76 19.48
N TYR B 115 6.58 7.66 18.41
CA TYR B 115 6.31 8.80 17.53
C TYR B 115 5.11 9.60 18.06
N ASP B 116 4.43 9.04 19.06
CA ASP B 116 3.30 9.72 19.67
C ASP B 116 3.78 10.31 20.99
N VAL B 117 4.31 11.54 20.91
CA VAL B 117 4.85 12.25 22.07
C VAL B 117 3.88 12.45 23.22
N LEU B 118 2.66 12.87 22.90
CA LEU B 118 1.66 13.13 23.92
C LEU B 118 0.35 12.39 23.65
N SER B 119 -0.12 11.66 24.66
CA SER B 119 -1.38 10.93 24.55
C SER B 119 -2.53 11.94 24.63
N VAL B 120 -3.38 11.95 23.61
CA VAL B 120 -4.49 12.89 23.56
C VAL B 120 -5.89 12.28 23.55
N GLY B 121 -6.88 13.15 23.34
CA GLY B 121 -8.28 12.76 23.31
C GLY B 121 -9.03 14.06 23.48
N HIS B 122 -8.82 14.69 24.64
CA HIS B 122 -9.41 15.99 24.93
C HIS B 122 -8.55 16.97 24.13
N SER B 123 -9.14 18.10 23.73
CA SER B 123 -8.40 19.10 22.95
C SER B 123 -7.63 20.13 23.77
N SER B 124 -6.85 20.94 23.06
CA SER B 124 -6.07 22.04 23.63
C SER B 124 -4.94 21.70 24.59
N THR B 125 -4.48 20.46 24.59
CA THR B 125 -3.40 20.02 25.46
C THR B 125 -2.03 20.18 24.81
N SER B 126 -2.01 20.16 23.48
CA SER B 126 -0.76 20.28 22.73
C SER B 126 0.15 21.41 23.18
N ILE B 127 -0.27 22.65 22.94
CA ILE B 127 0.56 23.78 23.32
C ILE B 127 1.02 23.70 24.76
N SER B 128 0.12 23.32 25.66
CA SER B 128 0.43 23.23 27.07
C SER B 128 1.57 22.24 27.39
N ALA B 129 1.40 20.98 27.02
CA ALA B 129 2.43 19.98 27.27
C ALA B 129 3.66 20.31 26.42
N GLY B 130 3.39 20.87 25.25
CA GLY B 130 4.44 21.25 24.32
C GLY B 130 5.44 22.26 24.83
N ILE B 131 5.00 23.27 25.59
CA ILE B 131 5.99 24.22 26.06
C ILE B 131 6.75 23.52 27.17
N GLY B 132 6.08 22.58 27.82
CA GLY B 132 6.73 21.84 28.88
C GLY B 132 7.85 20.99 28.29
N ILE B 133 7.58 20.42 27.12
CA ILE B 133 8.54 19.59 26.40
C ILE B 133 9.65 20.45 25.80
N ALA B 134 9.30 21.67 25.40
CA ALA B 134 10.27 22.60 24.81
C ALA B 134 11.26 23.07 25.86
N VAL B 135 10.77 23.30 27.07
CA VAL B 135 11.63 23.75 28.16
C VAL B 135 12.57 22.60 28.53
N ALA B 136 12.04 21.38 28.55
CA ALA B 136 12.86 20.21 28.86
C ALA B 136 13.97 20.08 27.80
N ALA B 137 13.58 20.18 26.53
CA ALA B 137 14.53 20.07 25.43
C ALA B 137 15.58 21.16 25.50
N GLU B 138 15.18 22.33 26.00
CA GLU B 138 16.09 23.47 26.13
C GLU B 138 17.17 23.12 27.13
N LYS B 139 16.77 22.57 28.27
CA LYS B 139 17.69 22.19 29.34
C LYS B 139 18.49 20.92 29.00
N GLU B 140 17.90 20.04 28.20
CA GLU B 140 18.59 18.81 27.82
C GLU B 140 19.86 19.14 27.05
N GLY B 141 19.81 20.20 26.24
CA GLY B 141 20.97 20.61 25.48
C GLY B 141 21.38 19.71 24.33
N LYS B 142 20.46 18.91 23.82
CA LYS B 142 20.76 18.02 22.70
C LYS B 142 20.11 18.50 21.40
N ASN B 143 19.77 19.78 21.36
CA ASN B 143 19.16 20.41 20.20
C ASN B 143 17.82 19.81 19.73
N ARG B 144 17.14 19.07 20.61
CA ARG B 144 15.85 18.46 20.27
C ARG B 144 14.81 19.56 19.99
N ARG B 145 14.08 19.43 18.88
CA ARG B 145 13.07 20.40 18.48
C ARG B 145 11.65 20.02 18.94
N THR B 146 10.78 21.02 19.09
CA THR B 146 9.40 20.80 19.52
C THR B 146 8.39 21.51 18.61
N VAL B 147 7.40 20.77 18.13
CA VAL B 147 6.38 21.34 17.27
C VAL B 147 5.00 20.83 17.65
N CYS B 148 4.06 21.76 17.81
CA CYS B 148 2.69 21.43 18.16
C CYS B 148 1.74 21.84 17.05
N VAL B 149 0.81 20.93 16.73
CA VAL B 149 -0.17 21.20 15.70
C VAL B 149 -1.50 21.24 16.42
N ILE B 150 -2.19 22.37 16.31
CA ILE B 150 -3.47 22.54 16.97
C ILE B 150 -4.51 23.09 15.98
N GLY B 151 -5.75 22.64 16.13
CA GLY B 151 -6.81 23.10 15.25
C GLY B 151 -7.43 24.40 15.72
N ASP B 152 -8.20 25.05 14.85
CA ASP B 152 -8.84 26.31 15.20
C ASP B 152 -9.85 26.15 16.33
N GLY B 153 -10.36 24.93 16.52
CA GLY B 153 -11.31 24.69 17.58
C GLY B 153 -10.59 24.63 18.92
N ALA B 154 -9.46 23.95 18.94
CA ALA B 154 -8.69 23.80 20.16
C ALA B 154 -8.12 25.12 20.69
N ILE B 155 -7.93 26.10 19.83
CA ILE B 155 -7.40 27.37 20.30
C ILE B 155 -8.45 28.25 20.95
N THR B 156 -9.68 27.73 21.12
CA THR B 156 -10.73 28.51 21.78
C THR B 156 -10.77 28.11 23.25
N ALA B 157 -10.04 27.06 23.61
CA ALA B 157 -10.02 26.60 25.00
C ALA B 157 -9.21 27.54 25.88
N GLY B 158 -9.64 27.69 27.13
CA GLY B 158 -8.92 28.54 28.05
C GLY B 158 -7.49 28.07 28.31
N ALA B 160 -5.38 26.82 26.25
CA ALA B 160 -4.50 27.16 25.14
C ALA B 160 -4.03 28.60 25.34
N PHE B 161 -4.95 29.44 25.81
CA PHE B 161 -4.70 30.86 26.09
C PHE B 161 -3.65 30.97 27.18
N GLU B 162 -3.82 30.19 28.25
CA GLU B 162 -2.87 30.19 29.37
C GLU B 162 -1.50 29.68 28.91
N ALA B 163 -1.50 28.67 28.05
CA ALA B 163 -0.26 28.09 27.53
C ALA B 163 0.53 29.11 26.69
N ASN B 165 0.24 32.35 26.57
CA ASN B 165 0.66 33.48 27.39
C ASN B 165 1.95 33.15 28.11
N HIS B 166 1.98 31.99 28.75
CA HIS B 166 3.16 31.57 29.50
C HIS B 166 4.39 31.45 28.59
N ALA B 167 4.19 30.87 27.41
CA ALA B 167 5.27 30.70 26.45
C ALA B 167 5.79 32.07 25.98
N GLY B 168 4.87 33.01 25.77
CA GLY B 168 5.27 34.33 25.32
C GLY B 168 6.10 35.03 26.37
N ASP B 169 6.05 34.50 27.59
CA ASP B 169 6.80 35.07 28.68
C ASP B 169 8.19 34.43 28.85
N ILE B 170 8.24 33.12 29.07
CA ILE B 170 9.53 32.45 29.26
C ILE B 170 10.25 32.23 27.93
N ARG B 171 9.50 32.38 26.84
CA ARG B 171 10.04 32.28 25.48
C ARG B 171 10.90 31.07 25.14
N PRO B 172 10.32 29.86 25.18
CA PRO B 172 11.14 28.70 24.83
C PRO B 172 11.16 28.55 23.31
N ASP B 173 12.16 27.84 22.78
CA ASP B 173 12.23 27.61 21.33
C ASP B 173 11.18 26.56 20.97
N LEU B 175 7.62 25.61 17.94
CA LEU B 175 6.75 26.02 16.86
C LEU B 175 5.33 25.55 17.09
N VAL B 176 4.37 26.47 17.02
CA VAL B 176 2.97 26.10 17.17
C VAL B 176 2.37 26.30 15.79
N ILE B 177 1.73 25.27 15.26
CA ILE B 177 1.12 25.34 13.95
C ILE B 177 -0.38 25.30 14.11
N LEU B 178 -1.04 26.34 13.62
CA LEU B 178 -2.48 26.44 13.68
C LEU B 178 -3.03 25.91 12.36
N ASN B 179 -3.73 24.79 12.45
CA ASN B 179 -4.33 24.16 11.28
C ASN B 179 -5.74 24.71 11.15
N ASP B 180 -5.83 25.86 10.49
CA ASP B 180 -7.10 26.57 10.28
C ASP B 180 -7.89 26.02 9.11
N ASN B 181 -8.98 25.31 9.39
CA ASN B 181 -9.83 24.75 8.33
C ASN B 181 -11.27 25.24 8.42
N LEU B 242 -3.29 38.62 17.21
CA LEU B 242 -3.73 38.02 18.46
C LEU B 242 -2.66 37.13 19.08
N PHE B 243 -2.09 36.26 18.26
CA PHE B 243 -1.05 35.35 18.71
C PHE B 243 0.21 36.16 18.91
N GLU B 244 0.39 37.17 18.07
CA GLU B 244 1.54 38.05 18.15
C GLU B 244 1.40 38.84 19.45
N GLU B 245 0.16 39.14 19.83
CA GLU B 245 -0.10 39.88 21.05
C GLU B 245 0.15 39.04 22.30
N LEU B 246 0.02 37.72 22.15
CA LEU B 246 0.26 36.81 23.26
C LEU B 246 1.75 36.56 23.47
N GLY B 247 2.59 36.96 22.51
CA GLY B 247 4.02 36.76 22.66
C GLY B 247 4.70 35.96 21.57
N PHE B 248 3.92 35.45 20.61
CA PHE B 248 4.49 34.65 19.53
C PHE B 248 4.83 35.45 18.27
N ASN B 249 5.82 34.97 17.53
CA ASN B 249 6.22 35.57 16.27
C ASN B 249 5.33 34.85 15.25
N TYR B 250 4.42 35.58 14.64
CA TYR B 250 3.48 35.02 13.68
C TYR B 250 3.96 34.94 12.22
N ILE B 251 3.71 33.79 11.58
CA ILE B 251 4.09 33.58 10.19
C ILE B 251 2.87 33.10 9.39
N GLY B 252 2.67 33.68 8.21
CA GLY B 252 1.55 33.27 7.39
C GLY B 252 0.51 34.33 7.13
N PRO B 253 -0.71 33.93 6.72
CA PRO B 253 -1.10 32.53 6.49
C PRO B 253 -0.43 31.89 5.28
N VAL B 254 -0.43 30.56 5.24
CA VAL B 254 0.16 29.82 4.13
C VAL B 254 -0.73 28.66 3.71
N ASP B 255 -0.52 28.16 2.51
CA ASP B 255 -1.32 27.06 1.99
C ASP B 255 -0.98 25.76 2.72
N GLY B 256 -1.96 25.19 3.41
CA GLY B 256 -1.73 23.96 4.14
C GLY B 256 -1.71 22.71 3.27
N HIS B 257 -2.11 22.85 2.00
CA HIS B 257 -2.13 21.68 1.12
C HIS B 257 -1.00 21.66 0.09
N ASP B 258 0.03 22.47 0.31
CA ASP B 258 1.17 22.52 -0.60
C ASP B 258 2.39 21.85 0.03
N VAL B 259 2.51 20.54 -0.14
CA VAL B 259 3.60 19.75 0.42
C VAL B 259 4.97 20.42 0.36
N LEU B 260 5.41 20.74 -0.84
CA LEU B 260 6.72 21.37 -1.02
C LEU B 260 6.74 22.79 -0.44
N GLY B 261 5.58 23.42 -0.40
CA GLY B 261 5.47 24.76 0.15
C GLY B 261 5.72 24.76 1.65
N LEU B 262 5.05 23.85 2.36
CA LEU B 262 5.22 23.77 3.81
C LEU B 262 6.66 23.39 4.14
N ILE B 263 7.21 22.46 3.37
CA ILE B 263 8.59 22.04 3.59
C ILE B 263 9.53 23.24 3.56
N THR B 264 9.46 24.01 2.47
CA THR B 264 10.31 25.19 2.33
C THR B 264 10.17 26.11 3.54
N THR B 265 8.93 26.38 3.96
CA THR B 265 8.68 27.26 5.10
C THR B 265 9.23 26.71 6.40
N LEU B 266 8.96 25.44 6.68
CA LEU B 266 9.46 24.81 7.90
C LEU B 266 10.97 24.92 7.94
N LYS B 267 11.60 24.64 6.80
CA LYS B 267 13.05 24.71 6.70
C LYS B 267 13.55 26.13 6.91
N ASN B 268 12.78 27.11 6.43
CA ASN B 268 13.16 28.51 6.57
C ASN B 268 13.09 28.99 8.02
N ARG B 270 13.85 27.07 10.57
CA ARG B 270 14.75 26.21 11.33
C ARG B 270 15.52 26.91 12.43
N ASP B 271 16.14 28.04 12.10
CA ASP B 271 16.95 28.76 13.08
C ASP B 271 16.26 29.93 13.78
N LEU B 272 14.95 30.05 13.64
CA LEU B 272 14.26 31.13 14.32
C LEU B 272 14.17 30.76 15.79
N LYS B 273 14.51 31.69 16.66
CA LYS B 273 14.49 31.45 18.10
C LYS B 273 13.15 31.86 18.71
N GLY B 274 12.96 31.48 19.97
CA GLY B 274 11.74 31.82 20.67
C GLY B 274 10.49 31.15 20.12
N PRO B 275 9.33 31.47 20.68
CA PRO B 275 8.04 30.90 20.25
C PRO B 275 7.56 31.35 18.88
N GLN B 276 7.47 30.39 17.97
CA GLN B 276 7.04 30.65 16.60
C GLN B 276 5.63 30.11 16.37
N PHE B 277 4.85 30.82 15.58
CA PHE B 277 3.48 30.42 15.29
C PHE B 277 3.24 30.40 13.79
N LEU B 278 2.96 29.23 13.25
CA LEU B 278 2.72 29.09 11.82
C LEU B 278 1.25 28.83 11.54
N HIS B 279 0.64 29.76 10.81
CA HIS B 279 -0.77 29.67 10.47
C HIS B 279 -0.97 29.11 9.06
N ILE B 280 -1.54 27.91 8.97
CA ILE B 280 -1.78 27.27 7.69
C ILE B 280 -3.28 27.18 7.45
N THR B 282 -6.33 24.88 5.68
CA THR B 282 -6.70 23.58 5.14
C THR B 282 -8.20 23.52 4.92
N LYS B 283 -8.64 22.61 4.06
CA LYS B 283 -10.07 22.47 3.76
C LYS B 283 -10.74 21.38 4.59
N LEU B 318 -34.96 2.50 17.38
CA LEU B 318 -34.55 2.61 18.78
C LEU B 318 -33.82 3.94 18.98
N PRO B 319 -34.39 4.83 19.80
CA PRO B 319 -33.84 6.15 20.10
C PRO B 319 -32.59 6.14 20.94
N SER B 320 -31.71 7.11 20.69
CA SER B 320 -30.49 7.24 21.46
C SER B 320 -30.81 8.25 22.54
N TYR B 321 -30.19 8.13 23.70
CA TYR B 321 -30.45 9.05 24.80
C TYR B 321 -30.26 10.49 24.33
N SER B 322 -29.22 10.72 23.52
CA SER B 322 -28.95 12.05 22.98
C SER B 322 -30.18 12.58 22.24
N LYS B 323 -30.90 11.66 21.61
CA LYS B 323 -32.10 11.97 20.85
C LYS B 323 -33.27 12.33 21.77
N ILE B 324 -33.48 11.55 22.82
CA ILE B 324 -34.58 11.87 23.71
C ILE B 324 -34.30 13.20 24.40
N PHE B 325 -33.02 13.48 24.67
CA PHE B 325 -32.66 14.74 25.30
C PHE B 325 -33.05 15.90 24.41
N GLY B 326 -32.65 15.82 23.14
CA GLY B 326 -32.96 16.86 22.19
C GLY B 326 -34.44 17.08 21.97
N ASP B 327 -35.20 15.98 21.92
CA ASP B 327 -36.64 16.07 21.73
C ASP B 327 -37.23 16.71 22.99
N TRP B 328 -36.75 16.29 24.16
CA TRP B 328 -37.24 16.84 25.40
C TRP B 328 -36.97 18.35 25.42
N LEU B 329 -35.80 18.77 24.95
CA LEU B 329 -35.46 20.20 24.92
C LEU B 329 -36.47 20.99 24.08
N CYS B 330 -36.76 20.50 22.87
CA CYS B 330 -37.70 21.18 21.98
C CYS B 330 -39.09 21.27 22.60
N GLU B 331 -39.53 20.16 23.20
CA GLU B 331 -40.83 20.09 23.85
C GLU B 331 -40.93 21.13 24.95
N THR B 332 -39.88 21.17 25.78
CA THR B 332 -39.86 22.09 26.90
C THR B 332 -39.75 23.55 26.49
N ALA B 333 -38.96 23.83 25.46
CA ALA B 333 -38.79 25.20 25.00
C ALA B 333 -40.10 25.74 24.42
N ALA B 334 -41.05 24.85 24.15
CA ALA B 334 -42.34 25.25 23.61
C ALA B 334 -43.36 25.50 24.73
N LYS B 335 -42.98 25.20 25.97
CA LYS B 335 -43.90 25.39 27.10
C LYS B 335 -43.64 26.68 27.86
N ASP B 336 -42.42 27.21 27.76
CA ASP B 336 -42.10 28.44 28.47
C ASP B 336 -41.05 29.27 27.72
N ASN B 337 -40.68 30.40 28.29
CA ASN B 337 -39.68 31.28 27.69
C ASN B 337 -38.37 31.24 28.49
N LYS B 338 -38.36 30.49 29.58
CA LYS B 338 -37.18 30.42 30.45
C LYS B 338 -36.02 29.53 30.01
N LEU B 339 -36.31 28.43 29.33
CA LEU B 339 -35.27 27.49 28.92
C LEU B 339 -34.16 28.05 28.03
N ALA B 341 -30.39 26.49 26.47
CA ALA B 341 -29.51 25.32 26.37
C ALA B 341 -28.13 25.71 25.89
N ILE B 342 -27.11 25.27 26.62
CA ILE B 342 -25.72 25.56 26.31
C ILE B 342 -24.91 24.29 26.04
N THR B 343 -23.94 24.41 25.14
CA THR B 343 -23.07 23.30 24.79
C THR B 343 -21.69 23.83 24.48
N PRO B 344 -20.65 23.13 24.94
CA PRO B 344 -19.30 23.62 24.63
C PRO B 344 -18.80 22.93 23.36
N ALA B 345 -19.32 23.36 22.21
CA ALA B 345 -18.93 22.82 20.91
C ALA B 345 -19.23 21.35 20.62
N ARG B 347 -22.80 20.20 19.27
CA ARG B 347 -24.21 20.20 18.91
C ARG B 347 -24.76 18.83 18.52
N GLU B 348 -24.25 18.27 17.43
CA GLU B 348 -24.71 16.96 16.96
C GLU B 348 -24.45 15.89 18.01
N GLY B 349 -23.26 15.90 18.58
CA GLY B 349 -22.92 14.92 19.60
C GLY B 349 -24.00 14.80 20.65
N SER B 350 -24.48 15.95 21.15
CA SER B 350 -25.53 15.96 22.17
C SER B 350 -26.94 15.97 21.60
N GLY B 351 -27.06 15.67 20.30
CA GLY B 351 -28.36 15.64 19.64
C GLY B 351 -29.18 16.92 19.74
N VAL B 353 -29.11 19.42 17.21
CA VAL B 353 -29.25 20.05 15.90
C VAL B 353 -30.64 20.64 15.67
N GLU B 354 -31.65 19.79 15.82
CA GLU B 354 -33.04 20.22 15.66
C GLU B 354 -33.34 21.43 16.53
N PHE B 355 -32.95 21.33 17.80
CA PHE B 355 -33.19 22.40 18.76
C PHE B 355 -32.54 23.73 18.37
N SER B 356 -31.31 23.67 17.86
CA SER B 356 -30.60 24.89 17.47
C SER B 356 -31.31 25.60 16.32
N ARG B 357 -31.99 24.82 15.47
CA ARG B 357 -32.70 25.37 14.33
C ARG B 357 -34.08 25.90 14.69
N LYS B 358 -34.76 25.22 15.59
CA LYS B 358 -36.10 25.63 16.00
C LYS B 358 -36.10 26.76 17.03
N PHE B 359 -35.12 26.76 17.92
CA PHE B 359 -35.05 27.78 18.95
C PHE B 359 -33.68 28.41 19.00
N PRO B 360 -33.26 29.06 17.88
CA PRO B 360 -31.95 29.71 17.80
C PRO B 360 -31.68 30.70 18.91
N ASP B 361 -32.73 31.32 19.42
CA ASP B 361 -32.61 32.30 20.49
C ASP B 361 -32.53 31.66 21.88
N ARG B 362 -32.50 30.34 21.95
CA ARG B 362 -32.41 29.63 23.22
C ARG B 362 -31.19 28.71 23.21
N TYR B 363 -30.43 28.76 22.12
CA TYR B 363 -29.27 27.90 21.94
C TYR B 363 -27.96 28.68 22.05
N PHE B 364 -26.99 28.10 22.76
CA PHE B 364 -25.70 28.76 22.91
C PHE B 364 -24.51 27.81 22.83
N ASP B 365 -23.73 27.93 21.75
CA ASP B 365 -22.54 27.13 21.58
C ASP B 365 -21.41 28.07 21.96
N VAL B 366 -20.70 27.76 23.04
CA VAL B 366 -19.61 28.62 23.50
C VAL B 366 -18.23 28.11 23.08
N ALA B 367 -18.19 27.25 22.07
CA ALA B 367 -16.93 26.69 21.58
C ALA B 367 -16.40 25.67 22.58
N ILE B 368 -15.12 25.30 22.46
CA ILE B 368 -14.52 24.33 23.37
C ILE B 368 -14.12 25.01 24.68
N ALA B 369 -15.13 25.46 25.42
CA ALA B 369 -14.88 26.17 26.66
C ALA B 369 -15.87 25.69 27.71
N GLU B 370 -15.53 24.58 28.36
CA GLU B 370 -16.40 23.99 29.37
C GLU B 370 -16.54 24.91 30.58
N GLN B 371 -15.43 25.50 31.01
CA GLN B 371 -15.45 26.41 32.16
C GLN B 371 -16.45 27.53 31.94
N HIS B 372 -16.26 28.28 30.86
CA HIS B 372 -17.15 29.39 30.57
C HIS B 372 -18.59 28.93 30.41
N ALA B 373 -18.76 27.74 29.83
CA ALA B 373 -20.10 27.21 29.62
C ALA B 373 -20.89 27.15 30.93
N VAL B 374 -20.28 26.62 31.98
CA VAL B 374 -20.97 26.50 33.25
C VAL B 374 -21.20 27.84 33.97
N THR B 375 -20.19 28.69 34.00
CA THR B 375 -20.33 29.99 34.66
C THR B 375 -21.24 30.93 33.89
N PHE B 376 -21.37 30.68 32.59
CA PHE B 376 -22.24 31.48 31.75
C PHE B 376 -23.65 31.03 32.13
N ALA B 377 -23.80 29.73 32.41
CA ALA B 377 -25.10 29.19 32.81
C ALA B 377 -25.49 29.81 34.15
N ALA B 378 -24.51 29.91 35.06
CA ALA B 378 -24.75 30.49 36.36
C ALA B 378 -25.30 31.92 36.19
N GLY B 379 -24.74 32.66 35.23
CA GLY B 379 -25.20 34.01 34.99
C GLY B 379 -26.62 34.06 34.44
N LEU B 380 -26.96 33.10 33.59
CA LEU B 380 -28.31 33.04 33.03
C LEU B 380 -29.31 32.77 34.16
N ALA B 381 -28.94 31.90 35.10
CA ALA B 381 -29.84 31.59 36.21
C ALA B 381 -30.00 32.83 37.08
N ILE B 382 -28.89 33.50 37.38
CA ILE B 382 -28.95 34.72 38.18
C ILE B 382 -29.91 35.72 37.52
N GLY B 383 -29.93 35.71 36.20
CA GLY B 383 -30.79 36.62 35.46
C GLY B 383 -32.26 36.21 35.36
N GLY B 384 -32.61 35.04 35.89
CA GLY B 384 -34.01 34.63 35.85
C GLY B 384 -34.38 33.57 34.82
N TYR B 385 -33.41 33.05 34.07
CA TYR B 385 -33.70 32.02 33.10
C TYR B 385 -33.33 30.65 33.66
N LYS B 386 -33.73 29.59 32.97
CA LYS B 386 -33.46 28.21 33.40
C LYS B 386 -32.42 27.58 32.48
N PRO B 387 -31.12 27.76 32.79
CA PRO B 387 -30.07 27.17 31.95
C PRO B 387 -29.88 25.67 32.07
N ILE B 388 -29.51 25.04 30.96
CA ILE B 388 -29.25 23.61 30.88
C ILE B 388 -27.92 23.45 30.18
N VAL B 389 -26.93 22.89 30.89
CA VAL B 389 -25.61 22.66 30.29
C VAL B 389 -25.50 21.22 29.79
N ALA B 390 -25.45 21.07 28.47
CA ALA B 390 -25.35 19.75 27.83
C ALA B 390 -23.87 19.49 27.64
N ILE B 391 -23.33 18.57 28.42
CA ILE B 391 -21.91 18.29 28.35
C ILE B 391 -21.58 16.83 28.61
N TYR B 392 -20.48 16.36 28.01
CA TYR B 392 -20.02 14.99 28.18
C TYR B 392 -19.43 14.81 29.56
N SER B 393 -19.58 13.62 30.13
CA SER B 393 -19.03 13.36 31.44
C SER B 393 -17.53 13.64 31.50
N THR B 394 -16.80 13.28 30.43
CA THR B 394 -15.35 13.52 30.41
C THR B 394 -15.00 14.98 30.38
N PHE B 395 -15.68 15.74 29.52
CA PHE B 395 -15.39 17.16 29.40
C PHE B 395 -15.87 17.97 30.60
N LEU B 396 -16.88 17.44 31.30
CA LEU B 396 -17.41 18.12 32.48
C LEU B 396 -16.31 18.14 33.54
N GLN B 397 -15.34 17.24 33.39
CA GLN B 397 -14.21 17.19 34.31
C GLN B 397 -13.46 18.53 34.27
N ARG B 398 -13.44 19.14 33.08
CA ARG B 398 -12.73 20.40 32.90
C ARG B 398 -13.45 21.61 33.48
N ALA B 399 -14.72 21.45 33.87
CA ALA B 399 -15.48 22.56 34.44
C ALA B 399 -15.80 22.29 35.89
N TYR B 400 -15.07 21.35 36.48
CA TYR B 400 -15.30 20.98 37.87
C TYR B 400 -15.36 22.16 38.84
N ASP B 401 -14.38 23.06 38.75
CA ASP B 401 -14.36 24.22 39.64
C ASP B 401 -15.56 25.16 39.47
N GLN B 402 -16.02 25.33 38.24
CA GLN B 402 -17.14 26.21 37.97
C GLN B 402 -18.43 25.59 38.50
N VAL B 403 -18.54 24.26 38.40
CA VAL B 403 -19.71 23.56 38.88
C VAL B 403 -19.80 23.69 40.40
N LEU B 404 -18.68 23.49 41.06
CA LEU B 404 -18.61 23.55 42.50
C LEU B 404 -18.65 24.98 43.07
N HIS B 405 -17.83 25.86 42.51
CA HIS B 405 -17.74 27.24 43.00
C HIS B 405 -18.78 28.21 42.42
N ASP B 406 -19.10 28.08 41.13
CA ASP B 406 -20.05 29.01 40.54
C ASP B 406 -21.50 28.55 40.48
N VAL B 407 -21.77 27.29 40.78
CA VAL B 407 -23.14 26.82 40.75
C VAL B 407 -23.58 26.31 42.13
N ALA B 408 -22.87 25.30 42.65
CA ALA B 408 -23.20 24.72 43.94
C ALA B 408 -23.10 25.69 45.12
N ILE B 409 -22.00 26.42 45.24
CA ILE B 409 -21.83 27.34 46.34
C ILE B 409 -22.92 28.42 46.37
N GLN B 410 -23.37 28.86 45.20
CA GLN B 410 -24.42 29.89 45.12
C GLN B 410 -25.79 29.25 45.11
N LYS B 411 -25.82 27.93 45.09
CA LYS B 411 -27.07 27.18 45.03
C LYS B 411 -27.94 27.62 43.86
N LEU B 412 -27.32 27.87 42.72
CA LEU B 412 -28.03 28.25 41.51
C LEU B 412 -28.56 26.98 40.83
N PRO B 413 -29.85 26.97 40.49
CA PRO B 413 -30.52 25.83 39.84
C PRO B 413 -30.18 25.54 38.37
N VAL B 414 -28.90 25.33 38.06
CA VAL B 414 -28.53 25.00 36.70
C VAL B 414 -28.76 23.51 36.51
N LEU B 415 -29.24 23.10 35.35
CA LEU B 415 -29.45 21.67 35.10
C LEU B 415 -28.33 21.16 34.20
N PHE B 416 -27.75 20.03 34.58
CA PHE B 416 -26.67 19.44 33.80
C PHE B 416 -27.10 18.15 33.12
N ALA B 417 -27.12 18.16 31.79
CA ALA B 417 -27.47 16.97 31.02
C ALA B 417 -26.11 16.36 30.64
N ILE B 418 -25.70 15.35 31.41
CA ILE B 418 -24.41 14.70 31.20
C ILE B 418 -24.51 13.49 30.27
N ASP B 419 -24.07 13.69 29.03
CA ASP B 419 -24.11 12.68 27.99
C ASP B 419 -22.83 11.84 28.01
N ARG B 420 -22.88 10.71 27.30
CA ARG B 420 -21.72 9.83 27.22
C ARG B 420 -21.25 9.42 28.61
N ALA B 421 -22.20 9.18 29.51
CA ALA B 421 -21.83 8.76 30.87
C ALA B 421 -21.60 7.25 30.87
N GLY B 422 -20.53 6.81 31.52
CA GLY B 422 -20.23 5.39 31.55
C GLY B 422 -19.25 5.03 30.43
N ILE B 423 -19.29 3.78 30.01
CA ILE B 423 -18.40 3.32 28.96
C ILE B 423 -18.91 3.85 27.61
N VAL B 424 -18.06 4.59 26.92
CA VAL B 424 -18.45 5.17 25.63
C VAL B 424 -18.08 4.29 24.45
N GLY B 425 -17.15 3.36 24.68
CA GLY B 425 -16.76 2.45 23.61
C GLY B 425 -15.46 2.74 22.88
N ALA B 426 -15.57 2.82 21.55
CA ALA B 426 -14.43 3.07 20.67
C ALA B 426 -13.48 4.22 20.98
N ASP B 427 -13.95 5.27 21.66
CA ASP B 427 -13.10 6.42 21.96
C ASP B 427 -11.98 6.20 22.99
N GLY B 428 -12.01 5.07 23.68
CA GLY B 428 -10.96 4.78 24.64
C GLY B 428 -10.98 5.47 26.00
N GLN B 429 -9.85 5.38 26.69
CA GLN B 429 -9.68 5.96 28.03
C GLN B 429 -9.86 7.47 28.12
N THR B 430 -9.49 8.19 27.06
CA THR B 430 -9.59 9.64 27.06
C THR B 430 -11.01 10.22 27.01
N HIS B 431 -12.00 9.38 26.70
CA HIS B 431 -13.39 9.82 26.61
C HIS B 431 -14.38 9.10 27.53
N GLN B 432 -13.87 8.27 28.44
CA GLN B 432 -14.73 7.52 29.35
C GLN B 432 -15.39 8.41 30.43
N GLY B 433 -16.72 8.38 30.49
CA GLY B 433 -17.42 9.15 31.51
C GLY B 433 -17.53 8.20 32.69
N ALA B 434 -16.39 7.96 33.33
CA ALA B 434 -16.32 7.02 34.44
C ALA B 434 -16.27 7.53 35.87
N PHE B 435 -16.01 8.81 36.07
CA PHE B 435 -15.86 9.35 37.43
C PHE B 435 -16.96 10.30 37.83
N ASP B 436 -17.85 10.47 36.87
CA ASP B 436 -19.02 11.31 36.97
C ASP B 436 -19.70 11.29 38.35
N LEU B 437 -20.11 10.10 38.80
CA LEU B 437 -20.80 9.92 40.06
C LEU B 437 -19.92 10.00 41.31
N SER B 438 -18.62 10.16 41.11
CA SER B 438 -17.73 10.25 42.24
C SER B 438 -17.35 11.70 42.55
N TYR B 439 -16.95 12.46 41.54
CA TYR B 439 -16.55 13.85 41.79
C TYR B 439 -17.70 14.83 42.06
N LEU B 440 -18.89 14.55 41.55
CA LEU B 440 -20.03 15.43 41.80
C LEU B 440 -20.64 15.12 43.14
N ARG B 441 -20.57 13.84 43.52
CA ARG B 441 -21.16 13.37 44.77
C ARG B 441 -20.62 13.98 46.05
N CYS B 442 -19.33 14.36 46.07
CA CYS B 442 -18.77 14.96 47.26
C CYS B 442 -19.16 16.43 47.38
N ILE B 443 -19.77 16.97 46.33
CA ILE B 443 -20.18 18.37 46.34
C ILE B 443 -21.50 18.59 47.06
N PRO B 444 -21.51 19.47 48.08
CA PRO B 444 -22.75 19.75 48.81
C PRO B 444 -23.74 20.47 47.90
N GLU B 445 -25.04 20.26 48.15
CA GLU B 445 -26.12 20.89 47.39
C GLU B 445 -26.35 20.34 45.97
N VAL B 447 -27.64 17.65 43.20
CA VAL B 447 -28.63 16.59 43.04
C VAL B 447 -28.21 15.75 41.83
N ILE B 448 -27.94 14.48 42.06
CA ILE B 448 -27.49 13.60 40.99
C ILE B 448 -28.47 12.49 40.68
N THR B 450 -29.62 9.24 38.03
CA THR B 450 -29.14 8.26 37.05
C THR B 450 -30.26 7.43 36.42
N PRO B 451 -30.79 7.89 35.28
CA PRO B 451 -31.86 7.19 34.55
C PRO B 451 -31.50 5.73 34.28
N SER B 452 -32.50 4.85 34.41
CA SER B 452 -32.29 3.43 34.14
C SER B 452 -32.78 3.09 32.73
N ASP B 453 -33.55 4.01 32.14
CA ASP B 453 -34.07 3.87 30.78
C ASP B 453 -34.44 5.25 30.25
N GLU B 454 -34.83 5.33 28.98
CA GLU B 454 -35.16 6.61 28.36
C GLU B 454 -36.36 7.33 28.95
N ASN B 455 -37.30 6.58 29.51
CA ASN B 455 -38.47 7.20 30.12
C ASN B 455 -38.05 7.88 31.43
N GLU B 456 -37.23 7.19 32.21
CA GLU B 456 -36.72 7.74 33.46
C GLU B 456 -35.94 9.02 33.14
N CYS B 457 -35.21 8.97 32.04
CA CYS B 457 -34.39 10.09 31.60
C CYS B 457 -35.21 11.36 31.40
N ARG B 458 -36.33 11.25 30.69
CA ARG B 458 -37.19 12.41 30.49
C ARG B 458 -37.78 12.87 31.82
N GLN B 459 -38.20 11.93 32.67
CA GLN B 459 -38.77 12.31 33.95
C GLN B 459 -37.74 13.10 34.78
N LEU B 461 -35.03 14.77 33.64
CA LEU B 461 -34.70 16.03 33.00
C LEU B 461 -35.80 17.00 33.48
N TYR B 462 -37.05 16.55 33.39
CA TYR B 462 -38.19 17.35 33.81
C TYR B 462 -38.06 17.72 35.28
N THR B 463 -37.73 16.73 36.11
CA THR B 463 -37.58 16.96 37.54
C THR B 463 -36.44 17.92 37.84
N GLY B 464 -35.26 17.64 37.28
CA GLY B 464 -34.11 18.49 37.49
C GLY B 464 -34.38 19.89 36.96
N TYR B 465 -35.13 19.99 35.87
CA TYR B 465 -35.46 21.29 35.28
C TYR B 465 -36.36 22.13 36.17
N HIS B 466 -37.23 21.49 36.94
CA HIS B 466 -38.14 22.21 37.82
C HIS B 466 -37.73 22.21 39.28
N TYR B 467 -36.50 21.78 39.55
CA TYR B 467 -35.96 21.77 40.91
C TYR B 467 -35.22 23.09 41.05
N ASN B 468 -35.79 24.04 41.80
CA ASN B 468 -35.16 25.35 41.91
C ASN B 468 -34.34 25.71 43.14
N ASP B 469 -34.10 24.74 44.02
CA ASP B 469 -33.33 25.00 45.22
C ASP B 469 -31.82 24.81 45.06
N GLY B 470 -31.40 24.30 43.89
CA GLY B 470 -29.99 24.10 43.66
C GLY B 470 -29.69 23.40 42.35
N PRO B 471 -28.42 23.07 42.08
CA PRO B 471 -28.05 22.39 40.84
C PRO B 471 -28.46 20.93 40.83
N SER B 472 -28.82 20.43 39.66
CA SER B 472 -29.20 19.03 39.51
C SER B 472 -28.52 18.49 38.27
N ALA B 473 -28.26 17.19 38.25
CA ALA B 473 -27.59 16.58 37.11
C ALA B 473 -28.29 15.28 36.72
N VAL B 474 -28.36 15.02 35.42
CA VAL B 474 -28.97 13.81 34.89
C VAL B 474 -27.92 13.23 33.96
N ARG B 475 -27.37 12.07 34.32
CA ARG B 475 -26.34 11.43 33.53
C ARG B 475 -26.89 10.22 32.78
N TYR B 476 -26.50 10.09 31.52
CA TYR B 476 -26.95 8.98 30.69
C TYR B 476 -25.85 8.55 29.71
N PRO B 477 -25.88 7.28 29.28
CA PRO B 477 -24.87 6.76 28.36
C PRO B 477 -25.09 7.12 26.89
N ARG B 478 -24.04 6.87 26.12
CA ARG B 478 -24.07 7.08 24.67
C ARG B 478 -24.71 5.82 24.15
N GLY B 479 -25.50 5.93 23.09
CA GLY B 479 -26.13 4.74 22.55
C GLY B 479 -27.63 4.72 22.63
N ASN B 480 -28.20 3.62 22.16
CA ASN B 480 -29.63 3.43 22.11
C ASN B 480 -30.30 3.13 23.44
N ALA B 481 -31.53 3.61 23.56
CA ALA B 481 -32.32 3.41 24.76
C ALA B 481 -32.88 2.00 24.74
N VAL B 482 -33.51 1.61 25.85
CA VAL B 482 -34.08 0.29 26.00
C VAL B 482 -35.28 0.01 25.08
N GLY B 483 -36.10 1.03 24.85
CA GLY B 483 -37.27 0.85 24.01
C GLY B 483 -38.52 0.75 24.85
N VAL B 484 -38.50 1.40 26.00
CA VAL B 484 -39.63 1.39 26.92
C VAL B 484 -40.68 2.41 26.52
N GLU B 485 -41.86 2.33 27.11
CA GLU B 485 -42.94 3.26 26.82
C GLU B 485 -42.66 4.60 27.49
N LEU B 486 -42.91 5.68 26.76
CA LEU B 486 -42.70 7.02 27.29
C LEU B 486 -44.00 7.52 27.92
N THR B 487 -43.95 7.82 29.22
CA THR B 487 -45.12 8.30 29.94
C THR B 487 -45.10 9.82 30.05
N PRO B 488 -46.28 10.44 30.20
CA PRO B 488 -46.31 11.91 30.32
C PRO B 488 -45.45 12.38 31.48
N LEU B 489 -44.74 13.48 31.25
CA LEU B 489 -43.83 14.07 32.24
C LEU B 489 -44.44 14.37 33.59
N GLU B 490 -43.70 14.03 34.64
CA GLU B 490 -44.14 14.27 36.00
C GLU B 490 -42.91 14.37 36.92
N LYS B 491 -42.97 15.27 37.88
CA LYS B 491 -41.86 15.45 38.80
C LYS B 491 -41.67 14.24 39.70
N LEU B 492 -40.42 13.85 39.91
CA LEU B 492 -40.10 12.73 40.78
C LEU B 492 -39.68 13.24 42.14
N PRO B 493 -40.14 12.59 43.21
CA PRO B 493 -39.75 13.05 44.54
C PRO B 493 -38.24 12.93 44.68
N ILE B 494 -37.57 14.06 44.92
CA ILE B 494 -36.13 14.08 45.07
C ILE B 494 -35.63 13.10 46.12
N GLY B 495 -34.56 12.38 45.78
CA GLY B 495 -33.96 11.42 46.72
C GLY B 495 -34.80 10.22 47.09
N LYS B 496 -35.66 9.75 46.19
CA LYS B 496 -36.49 8.59 46.46
C LYS B 496 -36.31 7.49 45.42
N GLY B 497 -35.93 6.31 45.88
CA GLY B 497 -35.74 5.20 44.96
C GLY B 497 -37.03 4.40 44.89
N ILE B 498 -37.10 3.41 44.01
CA ILE B 498 -38.30 2.60 43.89
C ILE B 498 -38.01 1.11 43.79
N VAL B 499 -38.72 0.32 44.60
CA VAL B 499 -38.57 -1.13 44.60
C VAL B 499 -39.29 -1.72 43.39
N LYS B 500 -38.54 -2.42 42.54
CA LYS B 500 -39.11 -3.00 41.33
C LYS B 500 -39.46 -4.47 41.49
N ARG B 501 -38.75 -5.15 42.37
CA ARG B 501 -38.96 -6.58 42.63
C ARG B 501 -38.59 -6.91 44.05
N ARG B 502 -39.43 -7.68 44.73
CA ARG B 502 -39.15 -8.07 46.09
C ARG B 502 -38.73 -9.54 46.13
N GLY B 503 -37.49 -9.79 46.50
CA GLY B 503 -36.98 -11.14 46.58
C GLY B 503 -36.59 -11.53 47.98
N GLU B 504 -35.44 -12.18 48.13
CA GLU B 504 -34.99 -12.63 49.43
C GLU B 504 -33.48 -12.67 49.58
N LYS B 505 -33.03 -12.55 50.82
CA LYS B 505 -31.62 -12.60 51.17
C LYS B 505 -30.72 -11.52 50.58
N LEU B 506 -30.85 -11.25 49.28
CA LEU B 506 -30.06 -10.23 48.63
C LEU B 506 -30.90 -9.11 48.04
N ALA B 507 -30.43 -7.88 48.18
CA ALA B 507 -31.12 -6.72 47.63
C ALA B 507 -30.17 -5.99 46.69
N ILE B 508 -30.54 -5.93 45.41
CA ILE B 508 -29.73 -5.26 44.38
C ILE B 508 -30.19 -3.83 44.16
N LEU B 509 -29.32 -2.87 44.48
CA LEU B 509 -29.61 -1.44 44.32
C LEU B 509 -28.97 -0.95 43.04
N ASN B 510 -29.81 -0.66 42.06
CA ASN B 510 -29.31 -0.20 40.77
C ASN B 510 -29.27 1.31 40.60
N PHE B 511 -28.23 1.78 39.93
CA PHE B 511 -28.03 3.21 39.66
C PHE B 511 -27.68 3.34 38.20
N GLY B 512 -28.66 3.63 37.35
CA GLY B 512 -28.34 3.79 35.95
C GLY B 512 -28.83 2.75 34.96
N THR B 513 -28.29 2.86 33.76
CA THR B 513 -28.65 2.01 32.63
C THR B 513 -28.14 0.57 32.59
N LEU B 514 -27.52 0.09 33.67
CA LEU B 514 -27.07 -1.29 33.69
C LEU B 514 -28.21 -2.13 34.25
N PRO B 516 -31.08 -3.42 33.00
CA PRO B 516 -31.50 -4.63 32.30
C PRO B 516 -30.73 -5.85 32.77
N GLU B 517 -29.42 -5.70 32.88
CA GLU B 517 -28.58 -6.79 33.34
C GLU B 517 -28.86 -7.07 34.81
N ALA B 518 -28.93 -6.02 35.62
CA ALA B 518 -29.19 -6.19 37.05
C ALA B 518 -30.52 -6.90 37.29
N ALA B 519 -31.50 -6.62 36.44
CA ALA B 519 -32.81 -7.25 36.58
C ALA B 519 -32.71 -8.74 36.31
N LYS B 520 -31.88 -9.11 35.34
CA LYS B 520 -31.70 -10.53 35.01
C LYS B 520 -31.12 -11.25 36.21
N VAL B 521 -30.13 -10.64 36.86
CA VAL B 521 -29.52 -11.24 38.04
C VAL B 521 -30.58 -11.38 39.14
N ALA B 522 -31.39 -10.34 39.31
CA ALA B 522 -32.45 -10.35 40.32
C ALA B 522 -33.39 -11.53 40.13
N GLU B 523 -33.80 -11.76 38.88
CA GLU B 523 -34.71 -12.86 38.57
C GLU B 523 -34.00 -14.18 38.78
N SER B 524 -32.74 -14.26 38.37
CA SER B 524 -31.96 -15.48 38.50
C SER B 524 -31.67 -15.89 39.94
N LEU B 525 -31.39 -14.91 40.79
CA LEU B 525 -31.09 -15.19 42.19
C LEU B 525 -32.27 -14.92 43.12
N ASN B 526 -33.41 -14.57 42.54
CA ASN B 526 -34.59 -14.23 43.33
C ASN B 526 -34.24 -13.19 44.38
N ALA B 527 -33.52 -12.15 43.97
CA ALA B 527 -33.12 -11.08 44.87
C ALA B 527 -34.11 -9.92 44.72
N THR B 528 -34.19 -9.07 45.73
CA THR B 528 -35.06 -7.91 45.62
C THR B 528 -34.29 -6.97 44.68
N LEU B 529 -35.02 -6.22 43.87
CA LEU B 529 -34.39 -5.29 42.95
C LEU B 529 -34.96 -3.91 43.16
N VAL B 530 -34.08 -2.91 43.20
CA VAL B 530 -34.54 -1.54 43.38
C VAL B 530 -33.78 -0.57 42.47
N ASP B 531 -34.53 0.33 41.86
CA ASP B 531 -33.96 1.35 40.99
C ASP B 531 -33.83 2.59 41.88
N ARG B 533 -32.54 5.51 41.43
CA ARG B 533 -32.83 6.80 40.79
C ARG B 533 -31.85 7.91 41.13
N PHE B 534 -31.73 8.22 42.43
CA PHE B 534 -30.84 9.28 42.87
C PHE B 534 -29.55 8.79 43.49
N VAL B 535 -28.45 9.41 43.10
CA VAL B 535 -27.14 9.08 43.66
C VAL B 535 -26.95 9.99 44.85
N LYS B 536 -27.59 11.15 44.77
CA LYS B 536 -27.56 12.17 45.81
C LYS B 536 -28.71 13.16 45.61
N PRO B 537 -29.50 13.39 46.66
CA PRO B 537 -29.32 12.74 47.95
C PRO B 537 -29.80 11.29 47.87
N LEU B 538 -29.15 10.39 48.59
CA LEU B 538 -29.54 8.98 48.57
C LEU B 538 -30.82 8.73 49.37
N ASP B 539 -31.52 7.66 49.04
CA ASP B 539 -32.75 7.31 49.76
C ASP B 539 -32.30 6.50 50.98
N GLU B 540 -31.94 7.21 52.06
CA GLU B 540 -31.46 6.54 53.26
C GLU B 540 -32.44 5.58 53.91
N ALA B 541 -33.71 5.97 54.01
CA ALA B 541 -34.71 5.11 54.61
C ALA B 541 -34.82 3.79 53.83
N LEU B 542 -34.90 3.87 52.51
CA LEU B 542 -34.99 2.68 51.68
C LEU B 542 -33.77 1.79 51.92
N ILE B 543 -32.58 2.39 51.98
CA ILE B 543 -31.35 1.65 52.20
C ILE B 543 -31.38 0.93 53.54
N LEU B 544 -31.78 1.65 54.59
CA LEU B 544 -31.85 1.08 55.92
C LEU B 544 -32.92 -0.02 55.98
N GLU B 545 -34.01 0.18 55.25
CA GLU B 545 -35.09 -0.78 55.20
C GLU B 545 -34.61 -2.07 54.53
N ALA B 547 -31.45 -3.08 54.14
CA ALA B 547 -30.40 -3.66 54.95
C ALA B 547 -30.99 -4.50 56.08
N ALA B 548 -32.12 -4.04 56.60
CA ALA B 548 -32.78 -4.76 57.68
C ALA B 548 -33.53 -5.96 57.12
N SER B 549 -33.91 -5.89 55.85
CA SER B 549 -34.66 -6.96 55.20
C SER B 549 -33.81 -8.05 54.54
N HIS B 550 -32.50 -7.86 54.50
CA HIS B 550 -31.66 -8.86 53.86
C HIS B 550 -30.36 -9.12 54.58
N GLU B 551 -29.62 -10.09 54.06
CA GLU B 551 -28.33 -10.46 54.65
C GLU B 551 -27.23 -9.61 54.02
N ALA B 552 -27.42 -9.26 52.76
CA ALA B 552 -26.43 -8.45 52.06
C ALA B 552 -27.03 -7.57 50.96
N LEU B 553 -26.28 -6.54 50.57
CA LEU B 553 -26.72 -5.64 49.52
C LEU B 553 -25.69 -5.65 48.41
N VAL B 554 -26.14 -5.34 47.21
CA VAL B 554 -25.24 -5.28 46.07
C VAL B 554 -25.63 -4.03 45.29
N THR B 555 -24.65 -3.15 45.06
CA THR B 555 -24.90 -1.92 44.33
C THR B 555 -24.35 -2.06 42.91
N VAL B 556 -25.09 -1.54 41.94
CA VAL B 556 -24.70 -1.60 40.54
C VAL B 556 -24.72 -0.20 39.96
N GLU B 557 -23.60 0.20 39.36
CA GLU B 557 -23.46 1.52 38.76
C GLU B 557 -22.39 1.42 37.69
N GLU B 558 -22.51 2.24 36.64
CA GLU B 558 -21.52 2.26 35.59
C GLU B 558 -20.66 3.49 35.83
N ASN B 559 -19.93 3.45 36.93
CA ASN B 559 -19.07 4.54 37.35
C ASN B 559 -17.96 3.88 38.17
N ALA B 560 -16.88 4.62 38.40
CA ALA B 560 -15.79 4.10 39.21
C ALA B 560 -16.37 3.65 40.54
N ILE B 561 -15.93 2.49 41.01
CA ILE B 561 -16.41 1.98 42.29
C ILE B 561 -15.97 2.93 43.40
N GLY B 563 -15.51 5.90 45.52
CA GLY B 563 -16.21 7.15 45.72
C GLY B 563 -17.51 7.26 44.95
N GLY B 564 -17.97 6.15 44.37
CA GLY B 564 -19.20 6.17 43.60
C GLY B 564 -20.51 6.06 44.36
N ALA B 565 -21.58 5.75 43.65
CA ALA B 565 -22.91 5.63 44.22
C ALA B 565 -22.97 4.57 45.32
N GLY B 566 -22.49 3.36 45.00
CA GLY B 566 -22.48 2.29 45.97
C GLY B 566 -21.70 2.70 47.20
N SER B 567 -20.61 3.42 46.98
CA SER B 567 -19.77 3.89 48.07
C SER B 567 -20.63 4.77 49.00
N GLY B 568 -21.53 5.54 48.41
CA GLY B 568 -22.41 6.37 49.19
C GLY B 568 -23.32 5.49 50.02
N VAL B 569 -23.75 4.36 49.44
CA VAL B 569 -24.60 3.41 50.16
C VAL B 569 -23.84 2.89 51.38
N ASN B 570 -22.57 2.56 51.20
CA ASN B 570 -21.75 2.05 52.30
C ASN B 570 -21.75 3.07 53.43
N GLU B 571 -21.58 4.35 53.06
CA GLU B 571 -21.53 5.44 54.01
C GLU B 571 -22.78 5.57 54.88
N VAL B 572 -23.95 5.38 54.29
CA VAL B 572 -25.18 5.46 55.06
C VAL B 572 -25.23 4.36 56.12
N LEU B 573 -25.02 3.12 55.69
CA LEU B 573 -25.06 1.99 56.60
C LEU B 573 -24.08 2.15 57.75
N ALA B 575 -22.78 5.10 58.91
CA ALA B 575 -23.17 6.22 59.77
C ALA B 575 -24.23 5.78 60.77
N HIS B 576 -25.04 4.80 60.38
CA HIS B 576 -26.11 4.29 61.23
C HIS B 576 -25.66 3.06 62.03
N ARG B 577 -24.41 2.66 61.83
CA ARG B 577 -23.86 1.50 62.50
C ARG B 577 -24.66 0.22 62.21
N LYS B 578 -25.19 0.10 61.00
CA LYS B 578 -25.93 -1.09 60.55
C LYS B 578 -25.12 -1.70 59.41
N PRO B 579 -23.92 -2.21 59.72
CA PRO B 579 -23.02 -2.82 58.74
C PRO B 579 -23.38 -4.18 58.14
N VAL B 580 -24.22 -4.17 57.11
CA VAL B 580 -24.55 -5.40 56.44
C VAL B 580 -23.57 -5.36 55.26
N PRO B 581 -23.02 -6.51 54.86
CA PRO B 581 -22.07 -6.46 53.73
C PRO B 581 -22.67 -5.93 52.44
N VAL B 582 -21.89 -5.14 51.72
CA VAL B 582 -22.35 -4.58 50.45
C VAL B 582 -21.33 -4.86 49.35
N LEU B 583 -21.81 -5.38 48.22
CA LEU B 583 -20.94 -5.66 47.10
C LEU B 583 -21.05 -4.53 46.07
N ASN B 584 -20.02 -3.68 46.02
CA ASN B 584 -20.01 -2.56 45.08
C ASN B 584 -19.59 -2.98 43.67
N ILE B 585 -20.54 -3.03 42.75
CA ILE B 585 -20.25 -3.40 41.37
C ILE B 585 -20.17 -2.12 40.52
N GLY B 586 -19.05 -1.94 39.83
CA GLY B 586 -18.87 -0.77 38.99
C GLY B 586 -17.57 -0.89 38.24
N LEU B 587 -17.04 0.23 37.75
CA LEU B 587 -15.79 0.20 37.01
C LEU B 587 -14.58 0.05 37.93
N PRO B 588 -13.59 -0.76 37.50
CA PRO B 588 -12.38 -1.01 38.28
C PRO B 588 -11.46 0.19 38.31
N ASP B 589 -10.45 0.14 39.18
CA ASP B 589 -9.52 1.24 39.35
C ASP B 589 -8.43 1.38 38.28
N PHE B 590 -8.84 1.36 37.02
CA PHE B 590 -7.91 1.55 35.92
C PHE B 590 -8.70 2.12 34.76
N PHE B 591 -8.06 2.92 33.92
CA PHE B 591 -8.74 3.50 32.78
C PHE B 591 -9.04 2.35 31.83
N ILE B 592 -10.31 2.23 31.43
CA ILE B 592 -10.72 1.14 30.57
C ILE B 592 -10.40 1.38 29.10
N PRO B 593 -9.78 0.38 28.44
CA PRO B 593 -9.38 0.41 27.03
C PRO B 593 -10.55 0.53 26.04
N GLN B 594 -10.23 0.88 24.80
CA GLN B 594 -11.24 1.04 23.77
C GLN B 594 -11.82 -0.32 23.37
N GLY B 595 -13.03 -0.28 22.81
CA GLY B 595 -13.69 -1.50 22.39
C GLY B 595 -15.17 -1.23 22.47
N THR B 596 -15.96 -1.94 21.68
CA THR B 596 -17.41 -1.71 21.71
C THR B 596 -17.89 -1.78 23.16
N GLN B 597 -18.96 -1.05 23.46
CA GLN B 597 -19.52 -1.01 24.79
C GLN B 597 -19.85 -2.40 25.32
N GLU B 598 -20.51 -3.23 24.51
CA GLU B 598 -20.84 -4.59 24.94
C GLU B 598 -19.59 -5.39 25.28
N GLU B 599 -18.58 -5.31 24.41
CA GLU B 599 -17.33 -6.02 24.62
C GLU B 599 -16.70 -5.62 25.94
N ARG B 601 -18.10 -4.08 28.48
CA ARG B 601 -18.98 -4.39 29.60
C ARG B 601 -18.90 -5.86 29.96
N ALA B 602 -18.82 -6.71 28.94
CA ALA B 602 -18.72 -8.16 29.16
C ALA B 602 -17.34 -8.46 29.75
N GLU B 603 -16.33 -7.76 29.26
CA GLU B 603 -14.97 -7.96 29.74
C GLU B 603 -14.71 -7.48 31.17
N LEU B 604 -15.50 -6.50 31.61
CA LEU B 604 -15.35 -5.96 32.96
C LEU B 604 -16.26 -6.68 33.94
N GLY B 605 -17.15 -7.52 33.43
CA GLY B 605 -18.05 -8.26 34.31
C GLY B 605 -19.32 -7.50 34.64
N LEU B 606 -19.66 -6.53 33.80
CA LEU B 606 -20.87 -5.76 34.01
C LEU B 606 -21.94 -6.43 33.16
N ASP B 607 -21.72 -7.71 32.95
CA ASP B 607 -22.58 -8.61 32.19
C ASP B 607 -23.51 -9.28 33.21
N ALA B 608 -24.65 -9.81 32.77
CA ALA B 608 -25.54 -10.47 33.71
C ALA B 608 -24.81 -11.66 34.32
N ALA B 609 -24.16 -12.44 33.46
CA ALA B 609 -23.42 -13.62 33.90
C ALA B 609 -22.23 -13.19 34.75
N GLY B 610 -21.60 -12.08 34.35
CA GLY B 610 -20.45 -11.56 35.07
C GLY B 610 -20.80 -11.04 36.46
N GLU B 612 -23.50 -11.97 38.31
CA GLU B 612 -23.87 -13.12 39.12
C GLU B 612 -22.62 -13.85 39.59
N ALA B 613 -21.67 -14.04 38.68
CA ALA B 613 -20.42 -14.71 39.03
C ALA B 613 -19.70 -13.91 40.11
N LYS B 614 -19.73 -12.59 40.00
CA LYS B 614 -19.08 -11.71 40.99
C LYS B 614 -19.74 -11.87 42.36
N ILE B 615 -21.06 -11.93 42.35
CA ILE B 615 -21.82 -12.06 43.60
C ILE B 615 -21.52 -13.39 44.30
N LYS B 616 -21.57 -14.48 43.55
CA LYS B 616 -21.30 -15.82 44.11
C LYS B 616 -19.95 -15.84 44.81
N ALA B 617 -18.90 -15.46 44.07
CA ALA B 617 -17.55 -15.43 44.59
C ALA B 617 -17.45 -14.56 45.83
N TRP B 618 -18.17 -13.44 45.83
CA TRP B 618 -18.14 -12.53 46.96
C TRP B 618 -18.79 -13.18 48.18
N LEU B 619 -19.85 -13.94 47.96
CA LEU B 619 -20.52 -14.61 49.06
C LEU B 619 -19.70 -15.81 49.52
N ALA B 620 -18.84 -16.30 48.64
CA ALA B 620 -18.00 -17.45 48.96
C ALA B 620 -16.83 -17.04 49.84
N LEU B 621 -16.67 -15.75 50.08
CA LEU B 621 -15.59 -15.27 50.93
C LEU B 621 -15.90 -15.62 52.38
N PHE C 3 20.18 -61.42 -21.63
CA PHE C 3 21.61 -61.13 -21.93
C PHE C 3 22.54 -61.86 -20.95
N ASP C 4 23.77 -61.37 -20.82
CA ASP C 4 24.76 -61.97 -19.94
C ASP C 4 24.44 -61.62 -18.48
N ILE C 5 23.59 -62.42 -17.86
CA ILE C 5 23.19 -62.20 -16.47
C ILE C 5 24.38 -62.20 -15.50
N ALA C 6 25.36 -63.05 -15.76
CA ALA C 6 26.53 -63.16 -14.90
C ALA C 6 27.42 -61.92 -14.90
N LYS C 7 27.60 -61.30 -16.06
CA LYS C 7 28.44 -60.12 -16.19
C LYS C 7 27.81 -58.88 -15.55
N TYR C 8 26.49 -58.79 -15.61
CA TYR C 8 25.77 -57.66 -15.03
C TYR C 8 24.64 -58.20 -14.15
N PRO C 9 24.99 -58.72 -12.96
CA PRO C 9 24.01 -59.28 -12.03
C PRO C 9 22.90 -58.33 -11.60
N THR C 10 23.25 -57.09 -11.29
CA THR C 10 22.27 -56.11 -10.86
C THR C 10 21.42 -55.57 -11.99
N LEU C 11 22.05 -55.26 -13.12
CA LEU C 11 21.34 -54.74 -14.27
C LEU C 11 20.31 -55.77 -14.72
N ALA C 12 20.68 -57.05 -14.62
CA ALA C 12 19.82 -58.15 -15.04
C ALA C 12 18.46 -58.17 -14.34
N LEU C 13 18.35 -57.45 -13.23
CA LEU C 13 17.11 -57.39 -12.48
C LEU C 13 16.21 -56.27 -13.00
N VAL C 14 16.84 -55.19 -13.44
CA VAL C 14 16.09 -54.05 -13.95
C VAL C 14 15.73 -54.22 -15.41
N ASP C 15 14.64 -54.92 -15.66
CA ASP C 15 14.16 -55.14 -17.02
C ASP C 15 13.05 -54.12 -17.20
N SER C 16 12.57 -53.60 -16.07
CA SER C 16 11.50 -52.61 -16.03
C SER C 16 11.80 -51.50 -15.02
N THR C 17 11.27 -50.31 -15.30
CA THR C 17 11.48 -49.18 -14.40
C THR C 17 10.89 -49.47 -13.03
N GLN C 18 9.86 -50.31 -12.99
CA GLN C 18 9.23 -50.70 -11.75
C GLN C 18 10.19 -51.62 -10.99
N GLU C 19 10.88 -52.48 -11.74
CA GLU C 19 11.85 -53.39 -11.15
C GLU C 19 12.88 -52.58 -10.39
N LEU C 20 13.37 -51.52 -11.04
CA LEU C 20 14.37 -50.64 -10.45
C LEU C 20 13.94 -50.10 -9.09
N ARG C 21 12.70 -49.64 -9.00
CA ARG C 21 12.18 -49.07 -7.75
C ARG C 21 12.01 -50.08 -6.63
N LEU C 22 12.24 -51.35 -6.91
CA LEU C 22 12.10 -52.39 -5.89
C LEU C 22 13.45 -52.61 -5.22
N LEU C 23 14.52 -52.33 -5.96
CA LEU C 23 15.88 -52.49 -5.44
C LEU C 23 16.16 -51.51 -4.31
N PRO C 24 16.96 -51.95 -3.33
CA PRO C 24 17.30 -51.08 -2.20
C PRO C 24 18.39 -50.09 -2.63
N LYS C 25 18.30 -48.86 -2.13
CA LYS C 25 19.26 -47.81 -2.46
C LYS C 25 20.71 -48.27 -2.52
N GLU C 26 21.14 -48.95 -1.46
CA GLU C 26 22.51 -49.46 -1.33
C GLU C 26 22.97 -50.29 -2.52
N SER C 27 22.03 -50.68 -3.37
CA SER C 27 22.37 -51.49 -4.53
C SER C 27 22.56 -50.65 -5.80
N LEU C 28 22.01 -49.45 -5.80
CA LEU C 28 22.07 -48.55 -6.95
C LEU C 28 23.47 -48.17 -7.44
N PRO C 29 24.41 -47.90 -6.54
CA PRO C 29 25.77 -47.54 -6.99
C PRO C 29 26.35 -48.61 -7.90
N LYS C 30 26.11 -49.87 -7.53
CA LYS C 30 26.57 -51.02 -8.30
C LYS C 30 25.86 -51.06 -9.66
N LEU C 31 24.55 -50.83 -9.63
CA LEU C 31 23.76 -50.82 -10.87
C LEU C 31 24.40 -49.84 -11.84
N CYS C 32 24.66 -48.63 -11.33
CA CYS C 32 25.27 -47.58 -12.12
C CYS C 32 26.56 -48.07 -12.76
N ASP C 33 27.47 -48.63 -11.98
CA ASP C 33 28.72 -49.12 -12.52
C ASP C 33 28.44 -50.17 -13.58
N GLU C 34 27.43 -51.00 -13.34
CA GLU C 34 27.06 -52.04 -14.29
C GLU C 34 26.46 -51.45 -15.55
N LEU C 35 25.63 -50.42 -15.40
CA LEU C 35 24.99 -49.78 -16.55
C LEU C 35 26.02 -49.11 -17.43
N ARG C 36 27.03 -48.50 -16.80
CA ARG C 36 28.09 -47.83 -17.53
C ARG C 36 28.87 -48.85 -18.35
N ARG C 37 29.20 -49.98 -17.73
CA ARG C 37 29.93 -51.02 -18.42
C ARG C 37 29.11 -51.57 -19.58
N TYR C 38 27.84 -51.86 -19.30
CA TYR C 38 26.94 -52.41 -20.32
C TYR C 38 26.86 -51.47 -21.51
N LEU C 39 26.83 -50.17 -21.24
CA LEU C 39 26.76 -49.17 -22.30
C LEU C 39 28.01 -49.22 -23.19
N LEU C 40 29.14 -49.57 -22.61
CA LEU C 40 30.40 -49.65 -23.36
C LEU C 40 30.61 -50.97 -24.07
N ASP C 41 29.77 -51.96 -23.76
CA ASP C 41 29.90 -53.28 -24.39
C ASP C 41 28.88 -53.58 -25.46
N SER C 42 27.64 -53.16 -25.24
CA SER C 42 26.56 -53.46 -26.18
C SER C 42 26.36 -52.50 -27.36
N VAL C 43 26.66 -51.23 -27.20
CA VAL C 43 26.46 -50.29 -28.29
C VAL C 43 27.70 -50.15 -29.18
N SER C 44 27.48 -50.04 -30.48
CA SER C 44 28.56 -49.86 -31.44
C SER C 44 29.17 -48.50 -31.16
N ARG C 45 30.48 -48.38 -31.26
CA ARG C 45 31.11 -47.10 -30.99
C ARG C 45 30.87 -46.10 -32.11
N SER C 46 30.45 -46.61 -33.27
CA SER C 46 30.19 -45.76 -34.42
C SER C 46 28.97 -44.88 -34.16
N SER C 47 28.32 -45.08 -33.01
CA SER C 47 27.14 -44.27 -32.70
C SER C 47 27.45 -42.97 -31.95
N GLY C 48 28.69 -42.84 -31.47
CA GLY C 48 29.12 -41.65 -30.77
C GLY C 48 28.42 -41.31 -29.46
N HIS C 49 27.10 -41.18 -29.53
CA HIS C 49 26.27 -40.83 -28.39
C HIS C 49 26.34 -41.71 -27.13
N PHE C 50 27.05 -42.83 -27.20
CA PHE C 50 27.14 -43.69 -26.02
C PHE C 50 27.94 -42.87 -25.01
N ALA C 51 28.84 -42.03 -25.53
CA ALA C 51 29.71 -41.19 -24.70
C ALA C 51 28.95 -40.12 -23.92
N SER C 52 28.05 -39.41 -24.60
CA SER C 52 27.28 -38.38 -23.93
C SER C 52 26.40 -39.04 -22.87
N GLY C 53 25.94 -40.25 -23.17
CA GLY C 53 25.11 -40.98 -22.24
C GLY C 53 25.88 -41.39 -20.99
N LEU C 54 27.19 -41.52 -21.13
CA LEU C 54 28.03 -41.89 -20.00
C LEU C 54 27.86 -40.88 -18.87
N GLY C 55 27.72 -39.61 -19.22
CA GLY C 55 27.58 -38.59 -18.19
C GLY C 55 26.23 -38.53 -17.52
N THR C 56 25.28 -39.36 -17.94
CA THR C 56 23.95 -39.34 -17.36
C THR C 56 23.54 -40.66 -16.69
N VAL C 57 24.46 -41.61 -16.60
CA VAL C 57 24.16 -42.89 -15.98
C VAL C 57 23.58 -42.73 -14.56
N GLU C 58 24.28 -42.00 -13.70
CA GLU C 58 23.81 -41.78 -12.34
C GLU C 58 22.51 -41.00 -12.29
N LEU C 59 22.41 -39.98 -13.14
CA LEU C 59 21.21 -39.14 -13.18
C LEU C 59 19.96 -39.90 -13.60
N THR C 60 20.11 -40.80 -14.57
CA THR C 60 19.00 -41.58 -15.08
C THR C 60 18.49 -42.57 -14.03
N VAL C 61 19.40 -43.28 -13.38
CA VAL C 61 19.00 -44.23 -12.34
C VAL C 61 18.21 -43.50 -11.25
N ALA C 62 18.78 -42.40 -10.74
CA ALA C 62 18.15 -41.61 -9.70
C ALA C 62 16.78 -41.10 -10.13
N LEU C 63 16.67 -40.62 -11.36
CA LEU C 63 15.39 -40.11 -11.86
C LEU C 63 14.32 -41.20 -11.90
N HIS C 64 14.61 -42.33 -12.54
CA HIS C 64 13.64 -43.40 -12.64
C HIS C 64 13.42 -44.08 -11.29
N TYR C 65 14.26 -43.75 -10.32
CA TYR C 65 14.11 -44.33 -9.00
C TYR C 65 13.17 -43.53 -8.12
N VAL C 66 13.19 -42.20 -8.23
CA VAL C 66 12.31 -41.39 -7.40
C VAL C 66 11.01 -41.02 -8.11
N TYR C 67 11.06 -40.83 -9.43
CA TYR C 67 9.86 -40.47 -10.17
C TYR C 67 9.02 -41.69 -10.54
N ASN C 68 7.71 -41.52 -10.48
CA ASN C 68 6.77 -42.58 -10.82
C ASN C 68 6.57 -42.64 -12.33
N THR C 69 7.61 -42.99 -13.05
CA THR C 69 7.55 -43.09 -14.50
C THR C 69 6.96 -44.46 -14.86
N PRO C 70 6.23 -44.56 -16.00
CA PRO C 70 5.89 -43.57 -17.01
C PRO C 70 4.71 -42.64 -16.70
N PHE C 71 4.19 -42.70 -15.47
CA PHE C 71 3.08 -41.83 -15.11
C PHE C 71 3.63 -40.41 -15.05
N ASP C 72 4.66 -40.22 -14.23
CA ASP C 72 5.28 -38.90 -14.15
C ASP C 72 5.95 -38.70 -15.51
N GLN C 73 6.04 -37.45 -15.95
CA GLN C 73 6.63 -37.15 -17.25
C GLN C 73 8.07 -36.66 -17.17
N LEU C 74 8.99 -37.47 -17.71
CA LEU C 74 10.41 -37.15 -17.73
C LEU C 74 10.77 -36.79 -19.16
N ILE C 75 11.38 -35.63 -19.35
CA ILE C 75 11.75 -35.18 -20.68
C ILE C 75 13.25 -34.92 -20.82
N TRP C 76 13.84 -35.41 -21.90
CA TRP C 76 15.26 -35.22 -22.17
C TRP C 76 15.44 -34.23 -23.30
N ASP C 77 16.22 -33.19 -23.08
CA ASP C 77 16.45 -32.21 -24.13
C ASP C 77 17.51 -32.76 -25.09
N VAL C 78 17.24 -32.65 -26.38
CA VAL C 78 18.08 -33.16 -27.46
C VAL C 78 17.97 -34.69 -27.52
N GLY C 79 18.27 -35.35 -26.41
CA GLY C 79 18.15 -36.80 -26.35
C GLY C 79 19.35 -37.62 -26.72
N HIS C 80 20.46 -36.98 -27.06
CA HIS C 80 21.65 -37.72 -27.44
C HIS C 80 22.28 -38.31 -26.18
N GLN C 81 21.73 -37.97 -25.01
CA GLN C 81 22.26 -38.45 -23.74
C GLN C 81 21.29 -39.41 -23.07
N ALA C 82 20.33 -39.91 -23.85
CA ALA C 82 19.32 -40.81 -23.31
C ALA C 82 19.48 -42.31 -23.59
N TYR C 83 20.70 -42.78 -23.80
CA TYR C 83 20.88 -44.21 -24.03
C TYR C 83 20.60 -44.96 -22.73
N PRO C 84 21.12 -44.48 -21.59
CA PRO C 84 20.87 -45.15 -20.31
C PRO C 84 19.36 -45.20 -20.03
N HIS C 85 18.68 -44.11 -20.37
CA HIS C 85 17.23 -44.00 -20.21
C HIS C 85 16.52 -45.11 -20.99
N LYS C 86 16.94 -45.29 -22.24
CA LYS C 86 16.36 -46.32 -23.09
C LYS C 86 16.66 -47.73 -22.56
N ILE C 87 17.86 -47.90 -22.00
CA ILE C 87 18.24 -49.20 -21.48
C ILE C 87 17.41 -49.58 -20.26
N LEU C 88 17.15 -48.61 -19.37
CA LEU C 88 16.36 -48.87 -18.17
C LEU C 88 14.86 -48.85 -18.41
N THR C 89 14.44 -48.44 -19.59
CA THR C 89 13.01 -48.38 -19.88
C THR C 89 12.55 -49.39 -20.93
N GLY C 90 12.93 -50.65 -20.72
CA GLY C 90 12.52 -51.73 -21.60
C GLY C 90 13.29 -51.97 -22.89
N ARG C 91 14.37 -51.24 -23.11
CA ARG C 91 15.12 -51.42 -24.36
C ARG C 91 16.57 -51.87 -24.17
N ARG C 92 16.83 -52.47 -23.02
CA ARG C 92 18.16 -52.96 -22.68
C ARG C 92 18.77 -53.91 -23.70
N ASP C 93 18.00 -54.93 -24.12
CA ASP C 93 18.51 -55.90 -25.06
C ASP C 93 18.41 -55.51 -26.54
N LYS C 94 17.98 -54.28 -26.83
CA LYS C 94 17.88 -53.80 -28.20
C LYS C 94 18.81 -52.62 -28.47
N ILE C 95 19.45 -52.12 -27.41
CA ILE C 95 20.32 -50.96 -27.51
C ILE C 95 21.36 -51.07 -28.64
N GLY C 96 21.84 -52.29 -28.90
CA GLY C 96 22.82 -52.50 -29.95
C GLY C 96 22.31 -52.17 -31.34
N THR C 97 21.01 -51.97 -31.49
CA THR C 97 20.43 -51.67 -32.81
C THR C 97 20.20 -50.17 -33.01
N ILE C 98 20.51 -49.39 -31.98
CA ILE C 98 20.29 -47.95 -32.04
C ILE C 98 21.03 -47.27 -33.19
N ARG C 99 20.34 -46.37 -33.88
CA ARG C 99 20.87 -45.61 -35.02
C ARG C 99 20.81 -46.41 -36.33
N GLN C 100 20.52 -47.70 -36.24
CA GLN C 100 20.46 -48.52 -37.46
C GLN C 100 19.06 -48.51 -38.07
N LYS C 101 18.99 -48.82 -39.36
CA LYS C 101 17.72 -48.87 -40.07
C LYS C 101 16.83 -49.92 -39.39
N GLY C 102 15.60 -49.53 -39.06
CA GLY C 102 14.68 -50.45 -38.41
C GLY C 102 15.03 -50.72 -36.96
N GLY C 103 16.05 -50.01 -36.45
CA GLY C 103 16.46 -50.20 -35.07
C GLY C 103 15.97 -49.08 -34.18
N LEU C 104 16.34 -49.10 -32.90
CA LEU C 104 15.90 -48.05 -31.99
C LEU C 104 16.23 -46.66 -32.54
N HIS C 105 15.35 -45.71 -32.26
CA HIS C 105 15.56 -44.34 -32.70
C HIS C 105 16.79 -43.74 -32.02
N PRO C 106 17.50 -42.85 -32.72
CA PRO C 106 18.70 -42.21 -32.17
C PRO C 106 18.43 -41.37 -30.92
N PHE C 107 17.20 -40.90 -30.77
CA PHE C 107 16.81 -40.09 -29.60
C PHE C 107 15.44 -40.53 -29.12
N PRO C 108 15.01 -40.04 -27.96
CA PRO C 108 13.69 -40.44 -27.48
C PRO C 108 12.66 -40.19 -28.57
N TRP C 109 11.73 -41.12 -28.74
CA TRP C 109 10.70 -41.03 -29.77
C TRP C 109 9.40 -41.61 -29.23
N ARG C 110 8.38 -40.76 -29.13
CA ARG C 110 7.08 -41.15 -28.59
C ARG C 110 6.49 -42.45 -29.13
N GLY C 111 6.59 -42.66 -30.44
CA GLY C 111 6.01 -43.86 -31.02
C GLY C 111 6.72 -45.14 -30.62
N GLU C 112 7.97 -45.00 -30.17
CA GLU C 112 8.80 -46.13 -29.78
C GLU C 112 8.58 -46.64 -28.37
N SER C 113 8.26 -45.76 -27.44
CA SER C 113 8.07 -46.18 -26.06
C SER C 113 7.14 -45.31 -25.24
N GLU C 114 6.60 -45.93 -24.20
CA GLU C 114 5.69 -45.30 -23.27
C GLU C 114 6.51 -44.32 -22.43
N TYR C 115 7.77 -44.67 -22.21
CA TYR C 115 8.66 -43.85 -21.40
C TYR C 115 9.22 -42.63 -22.13
N ASP C 116 8.97 -42.51 -23.42
CA ASP C 116 9.46 -41.36 -24.18
C ASP C 116 8.31 -40.37 -24.38
N VAL C 117 8.34 -39.31 -23.58
CA VAL C 117 7.32 -38.29 -23.62
C VAL C 117 7.40 -37.34 -24.82
N LEU C 118 8.62 -36.98 -25.21
CA LEU C 118 8.82 -36.03 -26.29
C LEU C 118 9.87 -36.50 -27.32
N SER C 119 9.50 -36.46 -28.60
CA SER C 119 10.43 -36.82 -29.67
C SER C 119 11.35 -35.63 -29.81
N VAL C 120 12.61 -35.80 -29.43
CA VAL C 120 13.58 -34.73 -29.52
C VAL C 120 14.66 -34.99 -30.56
N GLY C 121 15.41 -33.95 -30.88
CA GLY C 121 16.48 -34.02 -31.86
C GLY C 121 17.07 -32.63 -31.85
N HIS C 122 16.25 -31.65 -32.22
CA HIS C 122 16.67 -30.27 -32.16
C HIS C 122 16.71 -30.03 -30.66
N SER C 123 17.47 -29.05 -30.23
CA SER C 123 17.60 -28.78 -28.81
C SER C 123 16.66 -27.72 -28.27
N SER C 124 16.70 -27.57 -26.95
CA SER C 124 15.96 -26.54 -26.24
C SER C 124 14.44 -26.59 -26.21
N THR C 125 13.86 -27.74 -26.55
CA THR C 125 12.40 -27.87 -26.56
C THR C 125 11.82 -28.45 -25.27
N SER C 126 12.66 -29.07 -24.44
CA SER C 126 12.20 -29.71 -23.21
C SER C 126 11.37 -28.86 -22.27
N ILE C 127 11.89 -27.70 -21.90
CA ILE C 127 11.18 -26.83 -20.96
C ILE C 127 9.84 -26.32 -21.51
N SER C 128 9.80 -25.93 -22.78
CA SER C 128 8.56 -25.43 -23.37
C SER C 128 7.46 -26.49 -23.28
N ALA C 129 7.78 -27.70 -23.75
CA ALA C 129 6.83 -28.79 -23.72
C ALA C 129 6.56 -29.16 -22.26
N GLY C 130 7.60 -29.09 -21.42
CA GLY C 130 7.43 -29.41 -20.02
C GLY C 130 6.39 -28.54 -19.33
N ILE C 131 6.37 -27.25 -19.66
CA ILE C 131 5.40 -26.32 -19.09
C ILE C 131 3.99 -26.70 -19.52
N GLY C 132 3.82 -26.99 -20.81
CA GLY C 132 2.51 -27.39 -21.31
C GLY C 132 2.03 -28.67 -20.64
N ILE C 133 2.97 -29.59 -20.41
CA ILE C 133 2.65 -30.85 -19.76
C ILE C 133 2.32 -30.67 -18.28
N ALA C 134 3.08 -29.81 -17.61
CA ALA C 134 2.84 -29.55 -16.19
C ALA C 134 1.52 -28.82 -16.00
N VAL C 135 1.18 -27.97 -16.97
CA VAL C 135 -0.07 -27.24 -16.91
C VAL C 135 -1.20 -28.24 -17.03
N ALA C 136 -1.06 -29.18 -17.96
CA ALA C 136 -2.09 -30.19 -18.15
C ALA C 136 -2.16 -31.11 -16.92
N ALA C 137 -1.01 -31.36 -16.30
CA ALA C 137 -0.96 -32.20 -15.12
C ALA C 137 -1.68 -31.53 -13.95
N GLU C 138 -1.53 -30.21 -13.86
CA GLU C 138 -2.17 -29.45 -12.80
C GLU C 138 -3.69 -29.49 -12.96
N LYS C 139 -4.16 -29.49 -14.20
CA LYS C 139 -5.59 -29.53 -14.47
C LYS C 139 -6.12 -30.94 -14.32
N GLU C 140 -5.27 -31.94 -14.53
CA GLU C 140 -5.66 -33.34 -14.41
C GLU C 140 -6.04 -33.62 -12.94
N GLY C 141 -5.32 -33.00 -12.02
CA GLY C 141 -5.60 -33.18 -10.60
C GLY C 141 -5.11 -34.48 -9.99
N LYS C 142 -4.30 -35.25 -10.71
CA LYS C 142 -3.80 -36.53 -10.21
C LYS C 142 -2.37 -36.49 -9.69
N ASN C 143 -1.91 -35.31 -9.33
CA ASN C 143 -0.56 -35.14 -8.79
C ASN C 143 0.53 -35.69 -9.71
N ARG C 144 0.29 -35.66 -11.02
CA ARG C 144 1.30 -36.15 -11.95
C ARG C 144 2.49 -35.17 -11.93
N ARG C 145 3.70 -35.67 -11.77
CA ARG C 145 4.89 -34.82 -11.72
C ARG C 145 5.60 -34.70 -13.06
N THR C 146 6.29 -33.57 -13.27
CA THR C 146 6.99 -33.28 -14.52
C THR C 146 8.44 -32.88 -14.24
N VAL C 147 9.36 -33.42 -15.04
CA VAL C 147 10.78 -33.12 -14.89
C VAL C 147 11.51 -33.12 -16.23
N CYS C 148 12.30 -32.08 -16.45
CA CYS C 148 13.05 -31.92 -17.71
C CYS C 148 14.55 -31.87 -17.46
N VAL C 149 15.29 -32.58 -18.29
CA VAL C 149 16.75 -32.57 -18.19
C VAL C 149 17.25 -31.81 -19.42
N ILE C 150 17.93 -30.69 -19.19
CA ILE C 150 18.44 -29.88 -20.29
C ILE C 150 19.93 -29.57 -20.12
N GLY C 151 20.68 -29.71 -21.20
CA GLY C 151 22.12 -29.47 -21.16
C GLY C 151 22.49 -28.01 -21.09
N ASP C 152 23.72 -27.73 -20.69
CA ASP C 152 24.20 -26.36 -20.56
C ASP C 152 24.26 -25.69 -21.93
N GLY C 153 24.50 -26.48 -22.97
CA GLY C 153 24.55 -25.92 -24.31
C GLY C 153 23.15 -25.67 -24.83
N ALA C 154 22.22 -26.58 -24.53
CA ALA C 154 20.86 -26.44 -24.99
C ALA C 154 20.08 -25.31 -24.30
N ILE C 155 20.42 -25.03 -23.04
CA ILE C 155 19.71 -23.98 -22.30
C ILE C 155 20.10 -22.59 -22.82
N THR C 156 20.89 -22.60 -23.87
CA THR C 156 21.40 -21.39 -24.51
C THR C 156 20.45 -20.73 -25.53
N ALA C 157 19.47 -21.47 -26.04
CA ALA C 157 18.55 -20.95 -27.05
C ALA C 157 17.47 -20.01 -26.50
N GLY C 158 16.95 -19.15 -27.37
CA GLY C 158 15.91 -18.21 -26.97
C GLY C 158 14.69 -18.96 -26.45
N ALA C 160 14.38 -21.56 -24.68
CA ALA C 160 14.53 -21.85 -23.26
C ALA C 160 14.25 -20.62 -22.40
N PHE C 161 14.76 -19.45 -22.80
CA PHE C 161 14.51 -18.24 -22.02
C PHE C 161 13.02 -17.89 -22.04
N GLU C 162 12.38 -18.03 -23.19
CA GLU C 162 10.96 -17.75 -23.30
C GLU C 162 10.21 -18.68 -22.37
N ALA C 163 10.55 -19.96 -22.41
CA ALA C 163 9.89 -20.95 -21.58
C ALA C 163 10.06 -20.62 -20.09
N ASN C 165 10.69 -18.02 -18.73
CA ASN C 165 10.02 -16.76 -18.44
C ASN C 165 8.54 -17.03 -18.21
N HIS C 166 7.95 -17.82 -19.10
CA HIS C 166 6.55 -18.13 -18.98
C HIS C 166 6.33 -18.88 -17.67
N ALA C 167 7.22 -19.80 -17.38
CA ALA C 167 7.14 -20.59 -16.16
C ALA C 167 7.17 -19.66 -14.95
N GLY C 168 8.12 -18.72 -14.96
CA GLY C 168 8.25 -17.78 -13.87
C GLY C 168 6.96 -17.00 -13.62
N ASP C 169 6.16 -16.83 -14.68
CA ASP C 169 4.90 -16.11 -14.56
C ASP C 169 3.76 -16.99 -14.06
N ILE C 170 3.45 -18.06 -14.77
CA ILE C 170 2.35 -18.95 -14.36
C ILE C 170 2.70 -19.91 -13.22
N ARG C 171 3.99 -20.11 -12.97
CA ARG C 171 4.43 -20.96 -11.86
C ARG C 171 3.91 -22.39 -11.82
N PRO C 172 4.26 -23.21 -12.82
CA PRO C 172 3.76 -24.58 -12.76
C PRO C 172 4.67 -25.43 -11.88
N ASP C 173 4.14 -26.54 -11.39
CA ASP C 173 4.92 -27.46 -10.55
C ASP C 173 5.74 -28.31 -11.51
N LEU C 175 10.17 -29.73 -12.45
CA LEU C 175 11.59 -29.67 -12.16
C LEU C 175 12.37 -29.60 -13.45
N VAL C 176 13.23 -28.60 -13.55
CA VAL C 176 14.10 -28.46 -14.70
C VAL C 176 15.49 -28.77 -14.18
N ILE C 177 16.14 -29.76 -14.77
CA ILE C 177 17.47 -30.15 -14.33
C ILE C 177 18.51 -29.76 -15.37
N LEU C 178 19.45 -28.92 -14.94
CA LEU C 178 20.51 -28.46 -15.81
C LEU C 178 21.65 -29.45 -15.76
N ASN C 179 21.83 -30.19 -16.84
CA ASN C 179 22.90 -31.17 -16.94
C ASN C 179 24.11 -30.43 -17.53
N ASP C 180 24.84 -29.77 -16.64
CA ASP C 180 26.00 -28.97 -17.00
C ASP C 180 27.34 -29.71 -16.90
N ASN C 181 27.91 -30.04 -18.06
CA ASN C 181 29.21 -30.71 -18.09
C ASN C 181 30.26 -29.72 -18.60
N GLU C 182 29.99 -28.44 -18.40
CA GLU C 182 30.87 -27.34 -18.80
C GLU C 182 31.23 -27.37 -20.28
N GLY C 240 23.24 -19.21 -12.08
CA GLY C 240 22.75 -19.51 -10.75
C GLY C 240 21.69 -18.52 -10.31
N THR C 241 22.10 -17.27 -10.12
CA THR C 241 21.19 -16.21 -9.69
C THR C 241 20.27 -15.79 -10.83
N LEU C 242 20.68 -16.04 -12.07
CA LEU C 242 19.85 -15.68 -13.21
C LEU C 242 18.59 -16.53 -13.28
N PHE C 243 18.70 -17.79 -12.88
CA PHE C 243 17.56 -18.69 -12.89
C PHE C 243 16.59 -18.28 -11.79
N GLU C 244 17.12 -17.66 -10.74
CA GLU C 244 16.27 -17.20 -9.65
C GLU C 244 15.49 -15.98 -10.14
N GLU C 245 16.17 -15.12 -10.89
CA GLU C 245 15.52 -13.92 -11.42
C GLU C 245 14.38 -14.35 -12.33
N LEU C 246 14.60 -15.43 -13.08
CA LEU C 246 13.57 -15.92 -13.99
C LEU C 246 12.38 -16.50 -13.24
N GLY C 247 12.52 -16.69 -11.93
CA GLY C 247 11.40 -17.20 -11.16
C GLY C 247 11.51 -18.61 -10.62
N PHE C 248 12.64 -19.27 -10.85
CA PHE C 248 12.83 -20.64 -10.37
C PHE C 248 13.49 -20.70 -8.99
N ASN C 249 13.29 -21.83 -8.30
CA ASN C 249 13.91 -22.06 -6.99
C ASN C 249 15.18 -22.83 -7.32
N TYR C 250 16.32 -22.15 -7.23
CA TYR C 250 17.60 -22.75 -7.58
C TYR C 250 18.31 -23.52 -6.47
N ILE C 251 18.79 -24.72 -6.80
CA ILE C 251 19.53 -25.53 -5.84
C ILE C 251 20.95 -25.68 -6.37
N GLY C 252 21.87 -24.92 -5.73
CA GLY C 252 23.27 -24.90 -6.07
C GLY C 252 23.81 -26.12 -6.80
N PRO C 253 24.90 -25.96 -7.57
CA PRO C 253 25.48 -27.08 -8.32
C PRO C 253 25.78 -28.26 -7.41
N VAL C 254 25.32 -29.45 -7.79
CA VAL C 254 25.57 -30.64 -6.98
C VAL C 254 26.30 -31.65 -7.82
N ASP C 255 26.79 -32.72 -7.18
CA ASP C 255 27.51 -33.76 -7.91
C ASP C 255 26.53 -34.61 -8.72
N GLY C 256 26.62 -34.49 -10.04
CA GLY C 256 25.73 -35.25 -10.90
C GLY C 256 26.09 -36.71 -11.02
N HIS C 257 27.19 -37.12 -10.40
CA HIS C 257 27.61 -38.52 -10.44
C HIS C 257 27.46 -39.21 -9.08
N ASP C 258 26.65 -38.60 -8.22
CA ASP C 258 26.38 -39.15 -6.89
C ASP C 258 24.94 -39.65 -6.90
N VAL C 259 24.73 -40.89 -7.34
CA VAL C 259 23.38 -41.43 -7.42
C VAL C 259 22.57 -41.29 -6.14
N LEU C 260 23.16 -41.61 -4.99
CA LEU C 260 22.42 -41.50 -3.73
C LEU C 260 22.16 -40.05 -3.33
N GLY C 261 23.13 -39.18 -3.61
CA GLY C 261 22.95 -37.78 -3.28
C GLY C 261 21.83 -37.18 -4.12
N LEU C 262 21.73 -37.62 -5.37
CA LEU C 262 20.70 -37.14 -6.28
C LEU C 262 19.32 -37.65 -5.91
N ILE C 263 19.27 -38.90 -5.47
CA ILE C 263 18.01 -39.50 -5.07
C ILE C 263 17.39 -38.72 -3.91
N THR C 264 18.22 -38.38 -2.92
CA THR C 264 17.73 -37.63 -1.77
C THR C 264 17.26 -36.26 -2.21
N THR C 265 18.07 -35.60 -3.04
CA THR C 265 17.73 -34.27 -3.54
C THR C 265 16.48 -34.26 -4.42
N LEU C 266 16.43 -35.19 -5.37
CA LEU C 266 15.29 -35.27 -6.28
C LEU C 266 13.99 -35.57 -5.56
N LYS C 267 14.04 -36.44 -4.57
CA LYS C 267 12.82 -36.77 -3.84
C LYS C 267 12.22 -35.52 -3.18
N ASN C 268 13.06 -34.73 -2.51
CA ASN C 268 12.58 -33.52 -1.86
C ASN C 268 12.03 -32.51 -2.86
N ARG C 270 10.92 -33.08 -5.89
CA ARG C 270 9.78 -33.57 -6.64
C ARG C 270 8.50 -33.15 -5.91
N ASP C 271 8.57 -33.05 -4.59
CA ASP C 271 7.41 -32.67 -3.80
C ASP C 271 7.21 -31.16 -3.64
N LEU C 272 8.24 -30.36 -3.93
CA LEU C 272 8.12 -28.91 -3.80
C LEU C 272 7.15 -28.32 -4.80
N LYS C 273 6.62 -27.15 -4.48
CA LYS C 273 5.67 -26.43 -5.33
C LYS C 273 6.36 -25.45 -6.25
N GLY C 274 5.74 -25.18 -7.40
CA GLY C 274 6.29 -24.21 -8.35
C GLY C 274 7.55 -24.60 -9.10
N PRO C 275 8.05 -23.69 -9.95
CA PRO C 275 9.25 -23.85 -10.78
C PRO C 275 10.51 -24.21 -9.99
N GLN C 276 10.93 -25.45 -10.09
CA GLN C 276 12.12 -25.93 -9.40
C GLN C 276 13.26 -26.07 -10.42
N PHE C 277 14.48 -25.77 -9.99
CA PHE C 277 15.64 -25.85 -10.89
C PHE C 277 16.85 -26.49 -10.19
N LEU C 278 17.30 -27.62 -10.68
CA LEU C 278 18.46 -28.30 -10.11
C LEU C 278 19.64 -28.23 -11.07
N HIS C 279 20.76 -27.74 -10.58
CA HIS C 279 21.99 -27.59 -11.36
C HIS C 279 22.96 -28.69 -10.97
N ILE C 280 23.23 -29.62 -11.89
CA ILE C 280 24.17 -30.71 -11.60
C ILE C 280 25.41 -30.61 -12.47
N THR C 282 28.37 -32.81 -14.42
CA THR C 282 28.69 -34.13 -14.92
C THR C 282 29.96 -34.06 -15.78
N LYS C 283 30.65 -35.19 -15.91
CA LYS C 283 31.88 -35.25 -16.70
C LYS C 283 31.57 -35.24 -18.20
N LYS C 284 32.38 -34.50 -18.96
CA LYS C 284 32.22 -34.40 -20.41
C LYS C 284 32.81 -35.60 -21.12
N GLY C 285 33.91 -36.12 -20.58
CA GLY C 285 34.57 -37.25 -21.21
C GLY C 285 35.30 -36.73 -22.44
N ARG C 286 35.66 -37.64 -23.35
CA ARG C 286 36.38 -37.25 -24.55
C ARG C 286 35.50 -36.64 -25.63
N GLY C 287 34.19 -36.65 -25.40
CA GLY C 287 33.27 -36.07 -26.38
C GLY C 287 32.70 -37.08 -27.37
N TYR C 288 32.04 -36.56 -28.40
CA TYR C 288 31.43 -37.40 -29.42
C TYR C 288 31.44 -36.67 -30.76
N GLU C 289 31.33 -37.42 -31.84
CA GLU C 289 31.31 -36.87 -33.20
C GLU C 289 30.08 -36.00 -33.41
N PRO C 290 30.26 -34.79 -33.97
CA PRO C 290 29.11 -33.91 -34.20
C PRO C 290 28.17 -34.42 -35.30
N ALA C 291 26.94 -33.88 -35.34
CA ALA C 291 25.93 -34.26 -36.31
C ALA C 291 26.26 -33.78 -37.73
N LEU C 318 39.14 -38.58 -49.81
CA LEU C 318 38.13 -37.70 -50.39
C LEU C 318 37.58 -36.74 -49.33
N PRO C 319 37.75 -35.43 -49.54
CA PRO C 319 37.29 -34.40 -48.61
C PRO C 319 35.77 -34.35 -48.50
N SER C 320 35.29 -33.87 -47.35
CA SER C 320 33.86 -33.72 -47.15
C SER C 320 33.54 -32.30 -47.59
N TYR C 321 32.29 -32.03 -47.91
CA TYR C 321 31.93 -30.69 -48.32
C TYR C 321 32.28 -29.68 -47.23
N SER C 322 32.14 -30.10 -45.97
CA SER C 322 32.46 -29.25 -44.82
C SER C 322 33.93 -28.83 -44.87
N LYS C 323 34.79 -29.76 -45.26
CA LYS C 323 36.22 -29.49 -45.36
C LYS C 323 36.44 -28.50 -46.49
N ILE C 324 35.76 -28.73 -47.62
CA ILE C 324 35.87 -27.84 -48.77
C ILE C 324 35.51 -26.42 -48.31
N PHE C 325 34.35 -26.30 -47.67
CA PHE C 325 33.87 -25.02 -47.17
C PHE C 325 34.90 -24.35 -46.26
N GLY C 326 35.41 -25.12 -45.30
CA GLY C 326 36.40 -24.61 -44.37
C GLY C 326 37.68 -24.13 -45.03
N ASP C 327 38.19 -24.90 -46.00
CA ASP C 327 39.40 -24.50 -46.70
C ASP C 327 39.11 -23.23 -47.49
N TRP C 328 37.93 -23.18 -48.11
CA TRP C 328 37.53 -21.99 -48.86
C TRP C 328 37.48 -20.77 -47.95
N LEU C 329 36.88 -20.93 -46.76
CA LEU C 329 36.80 -19.82 -45.82
C LEU C 329 38.19 -19.30 -45.51
N CYS C 330 39.10 -20.21 -45.21
CA CYS C 330 40.48 -19.84 -44.88
C CYS C 330 41.21 -19.08 -45.98
N GLU C 331 41.26 -19.63 -47.19
CA GLU C 331 41.97 -18.96 -48.27
C GLU C 331 41.33 -17.64 -48.66
N THR C 332 40.03 -17.52 -48.43
CA THR C 332 39.36 -16.27 -48.77
C THR C 332 39.65 -15.20 -47.71
N ALA C 333 39.56 -15.57 -46.44
CA ALA C 333 39.81 -14.63 -45.36
C ALA C 333 41.24 -14.11 -45.37
N ALA C 334 42.17 -14.95 -45.84
CA ALA C 334 43.57 -14.57 -45.90
C ALA C 334 43.72 -13.41 -46.88
N LYS C 335 42.86 -13.39 -47.88
CA LYS C 335 42.89 -12.35 -48.90
C LYS C 335 41.92 -11.21 -48.65
N ASP C 336 40.77 -11.50 -48.05
CA ASP C 336 39.77 -10.47 -47.80
C ASP C 336 39.54 -10.23 -46.32
N ASN C 337 39.92 -9.04 -45.89
CA ASN C 337 39.79 -8.61 -44.50
C ASN C 337 38.32 -8.40 -44.13
N LYS C 338 37.45 -8.39 -45.15
CA LYS C 338 36.02 -8.15 -44.93
C LYS C 338 35.15 -9.39 -44.63
N LEU C 339 35.72 -10.58 -44.75
CA LEU C 339 34.96 -11.80 -44.49
C LEU C 339 34.78 -12.06 -43.00
N ALA C 341 32.74 -15.14 -40.53
CA ALA C 341 31.98 -16.40 -40.55
C ALA C 341 31.30 -16.63 -39.21
N ILE C 342 30.09 -17.19 -39.26
CA ILE C 342 29.30 -17.41 -38.04
C ILE C 342 28.72 -18.82 -37.94
N THR C 343 28.70 -19.37 -36.73
CA THR C 343 28.11 -20.70 -36.53
C THR C 343 27.29 -20.74 -35.25
N PRO C 344 26.18 -21.47 -35.26
CA PRO C 344 25.37 -21.55 -34.03
C PRO C 344 25.80 -22.82 -33.28
N ALA C 345 26.96 -22.74 -32.64
CA ALA C 345 27.50 -23.85 -31.84
C ALA C 345 27.86 -25.13 -32.60
N ARG C 347 30.83 -25.43 -34.75
CA ARG C 347 32.13 -25.18 -35.37
C ARG C 347 32.72 -26.37 -36.13
N GLU C 348 32.88 -27.49 -35.44
CA GLU C 348 33.47 -28.68 -36.05
C GLU C 348 32.64 -29.29 -37.17
N GLY C 349 31.34 -29.41 -36.93
CA GLY C 349 30.46 -29.97 -37.93
C GLY C 349 30.51 -29.22 -39.25
N SER C 350 30.56 -27.90 -39.17
CA SER C 350 30.60 -27.10 -40.39
C SER C 350 32.01 -26.99 -40.93
N GLY C 351 32.93 -27.71 -40.29
CA GLY C 351 34.32 -27.72 -40.71
C GLY C 351 35.06 -26.40 -40.54
N VAL C 353 37.01 -25.51 -37.65
CA VAL C 353 38.04 -25.48 -36.62
C VAL C 353 39.28 -24.71 -37.10
N GLU C 354 39.87 -25.14 -38.21
CA GLU C 354 41.06 -24.48 -38.71
C GLU C 354 40.82 -22.99 -38.92
N PHE C 355 39.64 -22.66 -39.43
CA PHE C 355 39.31 -21.26 -39.66
C PHE C 355 39.24 -20.45 -38.38
N SER C 356 38.61 -21.00 -37.36
CA SER C 356 38.47 -20.29 -36.09
C SER C 356 39.81 -20.04 -35.40
N ARG C 357 40.80 -20.85 -35.73
CA ARG C 357 42.11 -20.72 -35.12
C ARG C 357 42.99 -19.71 -35.86
N LYS C 358 42.88 -19.69 -37.18
CA LYS C 358 43.67 -18.76 -37.97
C LYS C 358 43.03 -17.38 -37.99
N PHE C 359 41.71 -17.34 -37.96
CA PHE C 359 41.00 -16.08 -38.00
C PHE C 359 40.01 -15.94 -36.85
N PRO C 360 40.53 -16.03 -35.61
CA PRO C 360 39.69 -15.90 -34.41
C PRO C 360 38.97 -14.56 -34.37
N ASP C 361 39.52 -13.58 -35.08
CA ASP C 361 38.94 -12.24 -35.12
C ASP C 361 37.93 -12.10 -36.24
N ARG C 362 37.66 -13.20 -36.95
CA ARG C 362 36.70 -13.18 -38.05
C ARG C 362 35.68 -14.31 -37.88
N TYR C 363 35.74 -14.98 -36.74
CA TYR C 363 34.87 -16.10 -36.44
C TYR C 363 33.97 -15.86 -35.23
N PHE C 364 32.70 -16.21 -35.36
CA PHE C 364 31.76 -16.03 -34.26
C PHE C 364 30.94 -17.28 -33.94
N ASP C 365 30.95 -17.68 -32.67
CA ASP C 365 30.15 -18.81 -32.23
C ASP C 365 29.06 -18.22 -31.33
N VAL C 366 27.85 -18.18 -31.87
CA VAL C 366 26.69 -17.59 -31.20
C VAL C 366 25.98 -18.52 -30.22
N ALA C 367 26.58 -19.67 -29.96
CA ALA C 367 25.98 -20.67 -29.08
C ALA C 367 24.81 -21.24 -29.88
N ILE C 368 23.94 -22.01 -29.23
CA ILE C 368 22.82 -22.62 -29.95
C ILE C 368 21.71 -21.61 -30.17
N ALA C 369 21.99 -20.66 -31.05
CA ALA C 369 21.08 -19.57 -31.35
C ALA C 369 21.03 -19.26 -32.84
N GLU C 370 20.34 -20.10 -33.60
CA GLU C 370 20.23 -19.90 -35.04
C GLU C 370 19.59 -18.55 -35.37
N GLN C 371 18.64 -18.11 -34.55
CA GLN C 371 17.96 -16.85 -34.82
C GLN C 371 18.90 -15.64 -34.77
N HIS C 372 19.59 -15.46 -33.65
CA HIS C 372 20.51 -14.35 -33.53
C HIS C 372 21.69 -14.48 -34.51
N ALA C 373 22.02 -15.70 -34.91
CA ALA C 373 23.13 -15.92 -35.83
C ALA C 373 22.91 -15.21 -37.17
N VAL C 374 21.69 -15.31 -37.70
CA VAL C 374 21.35 -14.69 -38.97
C VAL C 374 21.23 -13.17 -38.88
N THR C 375 20.56 -12.67 -37.85
CA THR C 375 20.39 -11.24 -37.69
C THR C 375 21.70 -10.57 -37.30
N PHE C 376 22.60 -11.35 -36.69
CA PHE C 376 23.90 -10.83 -36.31
C PHE C 376 24.59 -10.60 -37.65
N ALA C 377 24.43 -11.57 -38.54
CA ALA C 377 25.01 -11.46 -39.87
C ALA C 377 24.46 -10.21 -40.53
N ALA C 378 23.15 -10.01 -40.38
CA ALA C 378 22.50 -8.84 -40.96
C ALA C 378 23.20 -7.59 -40.47
N GLY C 379 23.57 -7.59 -39.19
CA GLY C 379 24.24 -6.44 -38.62
C GLY C 379 25.59 -6.20 -39.28
N LEU C 380 26.35 -7.28 -39.48
CA LEU C 380 27.67 -7.16 -40.10
C LEU C 380 27.61 -6.64 -41.53
N ALA C 381 26.58 -7.06 -42.27
CA ALA C 381 26.44 -6.61 -43.65
C ALA C 381 26.11 -5.12 -43.67
N ILE C 382 25.26 -4.69 -42.74
CA ILE C 382 24.89 -3.28 -42.66
C ILE C 382 26.14 -2.47 -42.32
N GLY C 383 27.08 -3.13 -41.64
CA GLY C 383 28.31 -2.46 -41.25
C GLY C 383 29.40 -2.48 -42.31
N GLY C 384 29.09 -3.00 -43.49
CA GLY C 384 30.07 -3.05 -44.56
C GLY C 384 30.87 -4.34 -44.74
N TYR C 385 30.70 -5.30 -43.85
CA TYR C 385 31.43 -6.54 -43.97
C TYR C 385 30.65 -7.58 -44.74
N LYS C 386 31.31 -8.69 -45.06
CA LYS C 386 30.69 -9.77 -45.81
C LYS C 386 30.50 -10.99 -44.91
N PRO C 387 29.35 -11.07 -44.23
CA PRO C 387 29.04 -12.19 -43.33
C PRO C 387 28.65 -13.52 -43.99
N ILE C 388 29.12 -14.60 -43.39
CA ILE C 388 28.80 -15.94 -43.86
C ILE C 388 28.22 -16.70 -42.67
N VAL C 389 26.98 -17.19 -42.84
CA VAL C 389 26.32 -17.94 -41.79
C VAL C 389 26.42 -19.43 -42.13
N ALA C 390 27.19 -20.17 -41.34
CA ALA C 390 27.36 -21.61 -41.51
C ALA C 390 26.26 -22.23 -40.67
N ILE C 391 25.39 -23.00 -41.31
CA ILE C 391 24.26 -23.56 -40.57
C ILE C 391 23.66 -24.76 -41.28
N TYR C 392 23.28 -25.78 -40.52
CA TYR C 392 22.69 -26.99 -41.12
C TYR C 392 21.31 -26.69 -41.67
N SER C 393 20.94 -27.44 -42.71
CA SER C 393 19.63 -27.26 -43.32
C SER C 393 18.50 -27.42 -42.31
N THR C 394 18.57 -28.45 -41.47
CA THR C 394 17.53 -28.69 -40.48
C THR C 394 17.45 -27.61 -39.42
N PHE C 395 18.60 -27.06 -39.04
CA PHE C 395 18.63 -26.01 -38.01
C PHE C 395 18.27 -24.64 -38.57
N LEU C 396 18.44 -24.43 -39.86
CA LEU C 396 18.10 -23.14 -40.46
C LEU C 396 16.60 -22.91 -40.31
N GLN C 397 15.85 -23.99 -40.11
CA GLN C 397 14.41 -23.92 -39.94
C GLN C 397 14.02 -23.01 -38.76
N ARG C 398 14.89 -22.95 -37.76
CA ARG C 398 14.63 -22.13 -36.58
C ARG C 398 14.91 -20.63 -36.78
N ALA C 399 15.56 -20.28 -37.90
CA ALA C 399 15.88 -18.89 -38.17
C ALA C 399 15.18 -18.38 -39.42
N TYR C 400 14.15 -19.10 -39.84
CA TYR C 400 13.42 -18.74 -41.05
C TYR C 400 12.98 -17.27 -41.10
N ASP C 401 12.47 -16.76 -39.99
CA ASP C 401 11.99 -15.37 -39.94
C ASP C 401 13.13 -14.35 -40.07
N GLN C 402 14.27 -14.63 -39.45
CA GLN C 402 15.39 -13.70 -39.57
C GLN C 402 15.85 -13.66 -41.03
N VAL C 403 15.91 -14.81 -41.68
CA VAL C 403 16.33 -14.87 -43.06
C VAL C 403 15.40 -14.05 -43.96
N LEU C 404 14.11 -14.34 -43.87
CA LEU C 404 13.10 -13.65 -44.67
C LEU C 404 12.92 -12.16 -44.34
N HIS C 405 12.70 -11.86 -43.07
CA HIS C 405 12.47 -10.49 -42.61
C HIS C 405 13.72 -9.63 -42.39
N ASP C 406 14.71 -10.15 -41.67
CA ASP C 406 15.91 -9.37 -41.38
C ASP C 406 16.94 -9.30 -42.50
N VAL C 407 16.98 -10.32 -43.35
CA VAL C 407 17.96 -10.34 -44.44
C VAL C 407 17.40 -10.08 -45.83
N ALA C 408 16.45 -10.90 -46.25
CA ALA C 408 15.85 -10.79 -47.58
C ALA C 408 15.17 -9.44 -47.83
N ILE C 409 14.29 -9.03 -46.93
CA ILE C 409 13.58 -7.78 -47.09
C ILE C 409 14.56 -6.61 -47.26
N GLN C 410 15.58 -6.56 -46.42
CA GLN C 410 16.56 -5.49 -46.50
C GLN C 410 17.58 -5.73 -47.62
N LYS C 411 17.41 -6.85 -48.33
CA LYS C 411 18.31 -7.22 -49.41
C LYS C 411 19.78 -7.28 -48.99
N LEU C 412 20.02 -7.62 -47.73
CA LEU C 412 21.38 -7.70 -47.23
C LEU C 412 22.08 -8.92 -47.83
N PRO C 413 23.25 -8.70 -48.45
CA PRO C 413 24.05 -9.75 -49.08
C PRO C 413 24.74 -10.74 -48.14
N VAL C 414 23.96 -11.46 -47.35
CA VAL C 414 24.52 -12.44 -46.43
C VAL C 414 24.64 -13.76 -47.19
N LEU C 415 25.75 -14.47 -46.98
CA LEU C 415 25.95 -15.77 -47.65
C LEU C 415 25.59 -16.85 -46.63
N PHE C 416 24.77 -17.80 -47.04
CA PHE C 416 24.40 -18.91 -46.17
C PHE C 416 25.04 -20.19 -46.67
N ALA C 417 25.92 -20.75 -45.84
CA ALA C 417 26.60 -22.01 -46.16
C ALA C 417 25.75 -23.07 -45.46
N ILE C 418 24.93 -23.77 -46.24
CA ILE C 418 24.02 -24.78 -45.72
C ILE C 418 24.52 -26.22 -45.81
N ASP C 419 25.04 -26.70 -44.68
CA ASP C 419 25.60 -28.04 -44.57
C ASP C 419 24.49 -29.04 -44.20
N ARG C 420 24.78 -30.33 -44.37
CA ARG C 420 23.79 -31.37 -44.06
C ARG C 420 22.50 -31.22 -44.88
N ALA C 421 22.64 -30.80 -46.14
CA ALA C 421 21.48 -30.69 -47.00
C ALA C 421 21.14 -32.10 -47.48
N GLY C 422 19.85 -32.39 -47.64
CA GLY C 422 19.44 -33.71 -48.07
C GLY C 422 19.34 -34.67 -46.91
N ILE C 423 19.45 -35.96 -47.21
CA ILE C 423 19.37 -37.01 -46.19
C ILE C 423 20.67 -37.05 -45.41
N VAL C 424 20.56 -37.03 -44.08
CA VAL C 424 21.76 -37.02 -43.24
C VAL C 424 22.15 -38.37 -42.67
N GLY C 425 21.22 -39.33 -42.70
CA GLY C 425 21.54 -40.64 -42.19
C GLY C 425 20.98 -41.07 -40.85
N ALA C 426 21.87 -41.62 -40.03
CA ALA C 426 21.54 -42.16 -38.71
C ALA C 426 20.81 -41.24 -37.76
N ASP C 427 20.97 -39.93 -37.93
CA ASP C 427 20.28 -38.98 -37.06
C ASP C 427 18.76 -38.97 -37.29
N GLY C 428 18.32 -39.55 -38.41
CA GLY C 428 16.90 -39.64 -38.70
C GLY C 428 16.05 -38.38 -38.84
N GLN C 429 14.74 -38.60 -38.86
CA GLN C 429 13.71 -37.56 -39.01
C GLN C 429 14.08 -36.18 -38.49
N THR C 430 14.39 -36.16 -37.22
CA THR C 430 14.77 -34.98 -36.47
C THR C 430 15.83 -34.07 -37.10
N HIS C 431 16.78 -34.63 -37.85
CA HIS C 431 17.87 -33.84 -38.45
C HIS C 431 17.96 -33.74 -39.98
N GLN C 432 16.97 -34.25 -40.70
CA GLN C 432 17.01 -34.21 -42.17
C GLN C 432 16.97 -32.79 -42.77
N GLY C 433 17.91 -32.50 -43.67
CA GLY C 433 17.93 -31.21 -44.33
C GLY C 433 17.08 -31.40 -45.57
N ALA C 434 15.79 -31.65 -45.35
CA ALA C 434 14.88 -31.93 -46.44
C ALA C 434 13.99 -30.81 -46.98
N PHE C 435 14.08 -29.60 -46.44
CA PHE C 435 13.18 -28.54 -46.89
C PHE C 435 13.74 -27.19 -47.31
N ASP C 436 15.05 -26.97 -47.18
CA ASP C 436 15.60 -25.68 -47.53
C ASP C 436 15.32 -25.27 -48.98
N LEU C 437 15.26 -26.24 -49.88
CA LEU C 437 14.97 -25.95 -51.28
C LEU C 437 13.49 -25.57 -51.44
N SER C 438 12.72 -25.77 -50.38
CA SER C 438 11.31 -25.41 -50.44
C SER C 438 11.02 -24.14 -49.64
N TYR C 439 11.49 -24.08 -48.39
CA TYR C 439 11.20 -22.88 -47.62
C TYR C 439 11.98 -21.63 -48.03
N LEU C 440 13.14 -21.82 -48.66
CA LEU C 440 13.91 -20.67 -49.13
C LEU C 440 13.44 -20.21 -50.52
N ARG C 441 12.94 -21.14 -51.31
CA ARG C 441 12.50 -20.86 -52.68
C ARG C 441 11.41 -19.79 -52.79
N CYS C 442 10.53 -19.71 -51.80
CA CYS C 442 9.44 -18.73 -51.84
C CYS C 442 9.89 -17.34 -51.36
N ILE C 443 11.11 -17.24 -50.86
CA ILE C 443 11.62 -15.97 -50.37
C ILE C 443 12.12 -15.08 -51.53
N PRO C 444 11.58 -13.85 -51.64
CA PRO C 444 11.97 -12.91 -52.69
C PRO C 444 13.42 -12.45 -52.50
N GLU C 445 14.13 -12.23 -53.60
CA GLU C 445 15.53 -11.77 -53.58
C GLU C 445 16.57 -12.84 -53.21
N VAL C 447 18.86 -16.09 -53.80
CA VAL C 447 19.46 -16.90 -54.84
C VAL C 447 19.91 -18.17 -54.14
N ILE C 448 19.51 -19.31 -54.69
CA ILE C 448 19.84 -20.60 -54.11
C ILE C 448 20.62 -21.44 -55.09
N THR C 450 22.82 -25.12 -55.79
CA THR C 450 22.98 -26.52 -55.38
C THR C 450 24.13 -27.19 -56.12
N PRO C 451 25.33 -27.17 -55.50
CA PRO C 451 26.56 -27.76 -56.05
C PRO C 451 26.50 -29.23 -56.39
N SER C 452 27.08 -29.57 -57.54
CA SER C 452 27.12 -30.92 -58.07
C SER C 452 28.30 -31.72 -57.52
N ASP C 453 29.40 -31.03 -57.26
CA ASP C 453 30.61 -31.64 -56.72
C ASP C 453 31.36 -30.59 -55.91
N GLU C 454 32.55 -30.93 -55.41
CA GLU C 454 33.32 -29.99 -54.61
C GLU C 454 33.83 -28.77 -55.37
N ASN C 455 34.01 -28.90 -56.68
CA ASN C 455 34.48 -27.78 -57.49
C ASN C 455 33.31 -26.81 -57.63
N GLU C 456 32.13 -27.34 -57.98
CA GLU C 456 30.95 -26.50 -58.12
C GLU C 456 30.73 -25.77 -56.80
N CYS C 457 30.88 -26.52 -55.71
CA CYS C 457 30.71 -25.97 -54.37
C CYS C 457 31.55 -24.72 -54.19
N ARG C 458 32.87 -24.85 -54.33
CA ARG C 458 33.77 -23.70 -54.19
C ARG C 458 33.37 -22.58 -55.13
N GLN C 459 32.98 -22.93 -56.36
CA GLN C 459 32.60 -21.91 -57.35
C GLN C 459 31.34 -21.17 -56.92
N LEU C 461 30.34 -20.92 -53.65
CA LEU C 461 30.62 -20.19 -52.42
C LEU C 461 31.22 -18.86 -52.85
N TYR C 462 32.13 -18.94 -53.83
CA TYR C 462 32.79 -17.75 -54.35
C TYR C 462 31.75 -16.82 -54.97
N THR C 463 30.91 -17.38 -55.83
CA THR C 463 29.88 -16.59 -56.48
C THR C 463 28.96 -15.91 -55.47
N GLY C 464 28.52 -16.67 -54.47
CA GLY C 464 27.63 -16.12 -53.47
C GLY C 464 28.34 -15.05 -52.67
N TYR C 465 29.61 -15.29 -52.35
CA TYR C 465 30.39 -14.35 -51.57
C TYR C 465 30.53 -13.01 -52.27
N HIS C 466 30.62 -13.02 -53.60
CA HIS C 466 30.77 -11.78 -54.35
C HIS C 466 29.47 -11.26 -54.98
N TYR C 467 28.34 -11.84 -54.58
CA TYR C 467 27.04 -11.40 -55.07
C TYR C 467 26.57 -10.35 -54.06
N ASN C 468 26.50 -9.09 -54.46
CA ASN C 468 26.13 -8.06 -53.52
C ASN C 468 24.74 -7.46 -53.63
N ASP C 469 23.89 -8.07 -54.47
CA ASP C 469 22.53 -7.56 -54.64
C ASP C 469 21.49 -8.18 -53.72
N GLY C 470 21.88 -9.22 -52.99
CA GLY C 470 20.93 -9.88 -52.10
C GLY C 470 21.53 -11.09 -51.42
N PRO C 471 20.74 -11.82 -50.62
CA PRO C 471 21.25 -13.01 -49.92
C PRO C 471 21.45 -14.18 -50.89
N SER C 472 22.42 -15.03 -50.60
CA SER C 472 22.69 -16.19 -51.43
C SER C 472 22.87 -17.43 -50.56
N ALA C 473 22.56 -18.59 -51.12
CA ALA C 473 22.68 -19.83 -50.38
C ALA C 473 23.32 -20.94 -51.21
N VAL C 474 24.23 -21.66 -50.57
CA VAL C 474 24.92 -22.78 -51.18
C VAL C 474 24.68 -23.94 -50.23
N ARG C 475 23.99 -24.96 -50.70
CA ARG C 475 23.71 -26.09 -49.83
C ARG C 475 24.36 -27.37 -50.33
N TYR C 476 24.98 -28.09 -49.40
CA TYR C 476 25.65 -29.33 -49.71
C TYR C 476 25.31 -30.36 -48.65
N PRO C 477 25.45 -31.65 -48.99
CA PRO C 477 25.15 -32.72 -48.05
C PRO C 477 26.27 -33.09 -47.11
N ARG C 478 25.93 -33.96 -46.17
CA ARG C 478 26.88 -34.48 -45.20
C ARG C 478 27.61 -35.57 -45.97
N GLY C 479 28.94 -35.54 -45.96
CA GLY C 479 29.68 -36.55 -46.68
C GLY C 479 30.80 -36.06 -47.57
N ASN C 480 31.41 -37.00 -48.29
CA ASN C 480 32.52 -36.72 -49.18
C ASN C 480 32.16 -36.19 -50.55
N ALA C 481 33.12 -35.51 -51.16
CA ALA C 481 32.97 -34.96 -52.51
C ALA C 481 33.13 -36.13 -53.48
N VAL C 482 33.28 -35.85 -54.77
CA VAL C 482 33.42 -36.93 -55.75
C VAL C 482 34.85 -37.15 -56.22
N GLY C 483 35.67 -36.12 -56.12
CA GLY C 483 37.05 -36.25 -56.55
C GLY C 483 37.39 -35.57 -57.87
N VAL C 484 36.59 -34.58 -58.26
CA VAL C 484 36.85 -33.87 -59.51
C VAL C 484 38.01 -32.92 -59.26
N GLU C 485 38.42 -32.22 -60.31
CA GLU C 485 39.52 -31.28 -60.19
C GLU C 485 39.03 -29.88 -59.84
N LEU C 486 39.76 -29.22 -58.95
CA LEU C 486 39.42 -27.86 -58.54
C LEU C 486 40.05 -26.87 -59.51
N THR C 487 39.21 -26.10 -60.19
CA THR C 487 39.66 -25.11 -61.16
C THR C 487 39.72 -23.73 -60.49
N PRO C 488 40.41 -22.76 -61.11
CA PRO C 488 40.49 -21.43 -60.49
C PRO C 488 39.09 -20.85 -60.28
N LEU C 489 38.89 -20.19 -59.15
CA LEU C 489 37.60 -19.61 -58.81
C LEU C 489 37.13 -18.57 -59.83
N GLU C 490 35.85 -18.61 -60.15
CA GLU C 490 35.29 -17.67 -61.10
C GLU C 490 33.78 -17.55 -60.95
N LYS C 491 33.28 -16.32 -60.90
CA LYS C 491 31.85 -16.08 -60.76
C LYS C 491 31.08 -16.89 -61.78
N LEU C 492 29.96 -17.46 -61.36
CA LEU C 492 29.11 -18.24 -62.24
C LEU C 492 27.95 -17.32 -62.63
N PRO C 493 27.55 -17.33 -63.92
CA PRO C 493 26.44 -16.48 -64.31
C PRO C 493 25.23 -16.89 -63.46
N ILE C 494 24.58 -15.92 -62.85
CA ILE C 494 23.44 -16.20 -61.99
C ILE C 494 22.26 -16.78 -62.76
N GLY C 495 21.71 -17.87 -62.24
CA GLY C 495 20.57 -18.50 -62.88
C GLY C 495 20.84 -19.18 -64.21
N LYS C 496 22.00 -19.80 -64.32
CA LYS C 496 22.34 -20.50 -65.57
C LYS C 496 22.79 -21.94 -65.33
N GLY C 497 22.15 -22.86 -66.04
CA GLY C 497 22.50 -24.26 -65.91
C GLY C 497 23.53 -24.65 -66.95
N ILE C 498 23.86 -25.94 -67.01
CA ILE C 498 24.85 -26.43 -67.96
C ILE C 498 24.49 -27.83 -68.45
N VAL C 499 24.46 -28.02 -69.77
CA VAL C 499 24.14 -29.31 -70.35
C VAL C 499 25.39 -30.17 -70.33
N LYS C 500 25.28 -31.36 -69.73
CA LYS C 500 26.41 -32.26 -69.60
C LYS C 500 26.37 -33.41 -70.60
N ARG C 501 25.20 -33.67 -71.17
CA ARG C 501 25.07 -34.76 -72.12
C ARG C 501 23.82 -34.63 -72.98
N ARG C 502 23.99 -34.72 -74.29
CA ARG C 502 22.87 -34.63 -75.22
C ARG C 502 22.29 -36.03 -75.39
N GLY C 503 20.99 -36.18 -75.11
CA GLY C 503 20.33 -37.46 -75.22
C GLY C 503 19.09 -37.42 -76.11
N GLU C 504 18.18 -38.36 -75.87
CA GLU C 504 16.97 -38.43 -76.69
C GLU C 504 15.69 -38.56 -75.85
N LYS C 505 14.59 -38.00 -76.39
CA LYS C 505 13.26 -38.01 -75.79
C LYS C 505 13.05 -37.56 -74.34
N LEU C 506 13.98 -37.91 -73.45
CA LEU C 506 13.89 -37.52 -72.05
C LEU C 506 15.08 -36.65 -71.63
N ALA C 507 14.80 -35.58 -70.89
CA ALA C 507 15.86 -34.69 -70.41
C ALA C 507 15.82 -34.67 -68.88
N ILE C 508 16.96 -35.02 -68.27
CA ILE C 508 17.04 -35.06 -66.81
C ILE C 508 17.67 -33.79 -66.26
N LEU C 509 16.90 -33.06 -65.45
CA LEU C 509 17.38 -31.82 -64.85
C LEU C 509 17.79 -32.09 -63.41
N ASN C 510 19.11 -32.07 -63.17
CA ASN C 510 19.63 -32.35 -61.83
C ASN C 510 19.97 -31.14 -60.99
N PHE C 511 19.55 -31.17 -59.73
CA PHE C 511 19.83 -30.11 -58.77
C PHE C 511 20.60 -30.69 -57.59
N GLY C 512 21.92 -30.58 -57.61
CA GLY C 512 22.69 -31.09 -56.48
C GLY C 512 23.51 -32.36 -56.61
N THR C 513 23.89 -32.89 -55.45
CA THR C 513 24.73 -34.08 -55.31
C THR C 513 24.23 -35.47 -55.70
N LEU C 514 22.97 -35.61 -56.13
CA LEU C 514 22.48 -36.93 -56.55
C LEU C 514 22.92 -37.13 -58.00
N PRO C 516 25.71 -38.08 -59.47
CA PRO C 516 26.31 -39.36 -59.87
C PRO C 516 25.25 -40.37 -60.25
N GLU C 517 24.15 -40.39 -59.50
CA GLU C 517 23.05 -41.32 -59.80
C GLU C 517 22.25 -40.86 -61.01
N ALA C 518 21.94 -39.56 -61.07
CA ALA C 518 21.19 -39.00 -62.19
C ALA C 518 21.89 -39.34 -63.50
N ALA C 519 23.22 -39.23 -63.50
CA ALA C 519 24.02 -39.53 -64.68
C ALA C 519 23.86 -40.99 -65.09
N LYS C 520 23.94 -41.91 -64.13
CA LYS C 520 23.81 -43.32 -64.46
C LYS C 520 22.48 -43.54 -65.16
N VAL C 521 21.44 -42.87 -64.67
CA VAL C 521 20.12 -42.99 -65.26
C VAL C 521 20.12 -42.43 -66.67
N ALA C 522 20.84 -41.33 -66.87
CA ALA C 522 20.92 -40.70 -68.18
C ALA C 522 21.59 -41.65 -69.18
N GLU C 523 22.67 -42.30 -68.75
CA GLU C 523 23.37 -43.23 -69.61
C GLU C 523 22.48 -44.42 -69.96
N SER C 524 21.87 -44.99 -68.94
CA SER C 524 20.99 -46.15 -69.11
C SER C 524 19.84 -45.90 -70.08
N LEU C 525 19.26 -44.70 -70.03
CA LEU C 525 18.13 -44.39 -70.88
C LEU C 525 18.49 -43.55 -72.11
N ASN C 526 19.74 -43.13 -72.22
CA ASN C 526 20.16 -42.31 -73.35
C ASN C 526 19.36 -41.02 -73.29
N ALA C 527 19.41 -40.36 -72.14
CA ALA C 527 18.68 -39.11 -71.92
C ALA C 527 19.60 -37.91 -71.90
N THR C 528 19.02 -36.73 -72.14
CA THR C 528 19.79 -35.50 -72.09
C THR C 528 20.00 -35.30 -70.59
N LEU C 529 21.14 -34.71 -70.23
CA LEU C 529 21.48 -34.47 -68.83
C LEU C 529 21.99 -33.06 -68.60
N VAL C 530 21.30 -32.30 -67.75
CA VAL C 530 21.75 -30.96 -67.43
C VAL C 530 21.94 -30.80 -65.92
N ASP C 531 22.94 -30.01 -65.56
CA ASP C 531 23.23 -29.71 -64.16
C ASP C 531 22.71 -28.28 -64.01
N ARG C 533 22.39 -26.24 -61.42
CA ARG C 533 23.19 -25.34 -60.58
C ARG C 533 22.40 -24.37 -59.72
N PHE C 534 21.39 -23.73 -60.30
CA PHE C 534 20.58 -22.76 -59.58
C PHE C 534 19.14 -23.19 -59.36
N VAL C 535 18.70 -23.17 -58.11
CA VAL C 535 17.30 -23.50 -57.82
C VAL C 535 16.54 -22.19 -57.99
N LYS C 536 17.20 -21.10 -57.63
CA LYS C 536 16.59 -19.79 -57.77
C LYS C 536 17.70 -18.75 -57.92
N PRO C 537 17.65 -17.96 -59.00
CA PRO C 537 16.61 -18.03 -60.04
C PRO C 537 16.92 -19.14 -61.04
N LEU C 538 15.88 -19.81 -61.52
CA LEU C 538 16.04 -20.91 -62.47
C LEU C 538 16.41 -20.49 -63.88
N ASP C 539 17.17 -21.33 -64.56
CA ASP C 539 17.57 -21.06 -65.94
C ASP C 539 16.30 -21.30 -66.77
N GLU C 540 15.41 -20.32 -66.77
CA GLU C 540 14.16 -20.45 -67.51
C GLU C 540 14.34 -20.73 -68.98
N ALA C 541 15.29 -20.05 -69.61
CA ALA C 541 15.56 -20.24 -71.03
C ALA C 541 15.96 -21.69 -71.27
N LEU C 542 16.87 -22.20 -70.46
CA LEU C 542 17.31 -23.58 -70.64
C LEU C 542 16.16 -24.57 -70.43
N ILE C 543 15.32 -24.32 -69.43
CA ILE C 543 14.19 -25.20 -69.17
C ILE C 543 13.26 -25.26 -70.38
N LEU C 544 12.94 -24.10 -70.93
CA LEU C 544 12.07 -24.01 -72.09
C LEU C 544 12.73 -24.71 -73.28
N GLU C 545 14.02 -24.48 -73.47
CA GLU C 545 14.75 -25.09 -74.57
C GLU C 545 14.77 -26.61 -74.47
N ALA C 547 12.32 -28.38 -72.81
CA ALA C 547 10.93 -28.80 -72.93
C ALA C 547 10.53 -28.86 -74.39
N ALA C 548 11.06 -27.94 -75.20
CA ALA C 548 10.75 -27.91 -76.63
C ALA C 548 11.40 -29.05 -77.41
N SER C 549 12.57 -29.48 -76.96
CA SER C 549 13.31 -30.54 -77.64
C SER C 549 13.18 -31.96 -77.07
N HIS C 550 12.30 -32.15 -76.10
CA HIS C 550 12.11 -33.48 -75.53
C HIS C 550 10.63 -33.75 -75.27
N GLU C 551 10.28 -35.01 -75.05
CA GLU C 551 8.90 -35.39 -74.77
C GLU C 551 8.54 -35.16 -73.32
N ALA C 552 9.52 -35.34 -72.44
CA ALA C 552 9.28 -35.15 -71.02
C ALA C 552 10.56 -34.77 -70.30
N LEU C 553 10.41 -34.09 -69.16
CA LEU C 553 11.56 -33.67 -68.36
C LEU C 553 11.53 -34.43 -67.04
N VAL C 554 12.68 -34.52 -66.38
CA VAL C 554 12.76 -35.19 -65.10
C VAL C 554 13.65 -34.37 -64.19
N THR C 555 13.11 -33.91 -63.07
CA THR C 555 13.90 -33.14 -62.12
C THR C 555 14.34 -34.04 -60.98
N VAL C 556 15.60 -33.88 -60.58
CA VAL C 556 16.17 -34.68 -59.51
C VAL C 556 16.74 -33.72 -58.45
N GLU C 557 16.35 -33.93 -57.20
CA GLU C 557 16.82 -33.08 -56.10
C GLU C 557 16.71 -33.82 -54.78
N GLU C 558 17.65 -33.58 -53.87
CA GLU C 558 17.56 -34.22 -52.57
C GLU C 558 16.87 -33.23 -51.63
N ASN C 559 15.58 -33.04 -51.87
CA ASN C 559 14.75 -32.12 -51.09
C ASN C 559 13.32 -32.59 -51.27
N ALA C 560 12.42 -32.07 -50.46
CA ALA C 560 11.01 -32.45 -50.58
C ALA C 560 10.55 -32.08 -51.99
N ILE C 561 9.75 -32.96 -52.59
CA ILE C 561 9.22 -32.69 -53.91
C ILE C 561 8.26 -31.52 -53.82
N GLY C 563 6.94 -28.16 -53.26
CA GLY C 563 7.54 -26.85 -53.13
C GLY C 563 9.02 -26.74 -53.46
N GLY C 564 9.65 -27.88 -53.76
CA GLY C 564 11.07 -27.87 -54.07
C GLY C 564 11.50 -27.38 -55.45
N ALA C 565 12.74 -27.70 -55.82
CA ALA C 565 13.30 -27.29 -57.10
C ALA C 565 12.49 -27.75 -58.30
N GLY C 566 12.06 -29.01 -58.30
CA GLY C 566 11.28 -29.52 -59.41
C GLY C 566 9.97 -28.76 -59.53
N SER C 567 9.39 -28.44 -58.38
CA SER C 567 8.14 -27.69 -58.33
C SER C 567 8.38 -26.38 -59.07
N GLY C 568 9.53 -25.75 -58.80
CA GLY C 568 9.87 -24.50 -59.45
C GLY C 568 9.90 -24.63 -60.97
N VAL C 569 10.36 -25.78 -61.44
CA VAL C 569 10.41 -26.05 -62.88
C VAL C 569 9.00 -26.16 -63.46
N ASN C 570 8.09 -26.81 -62.73
CA ASN C 570 6.71 -26.94 -63.21
C ASN C 570 6.13 -25.55 -63.38
N GLU C 571 6.43 -24.67 -62.42
CA GLU C 571 5.94 -23.31 -62.42
C GLU C 571 6.36 -22.55 -63.67
N VAL C 572 7.65 -22.63 -64.01
CA VAL C 572 8.16 -21.95 -65.19
C VAL C 572 7.37 -22.39 -66.42
N LEU C 573 7.27 -23.70 -66.63
CA LEU C 573 6.56 -24.24 -67.77
C LEU C 573 5.09 -23.84 -67.80
N ALA C 575 3.80 -21.17 -66.48
CA ALA C 575 3.67 -19.74 -66.72
C ALA C 575 3.86 -19.37 -68.20
N HIS C 576 4.58 -20.21 -68.94
CA HIS C 576 4.84 -19.99 -70.36
C HIS C 576 3.87 -20.76 -71.25
N ARG C 577 2.78 -21.25 -70.66
CA ARG C 577 1.79 -22.01 -71.42
C ARG C 577 2.44 -23.14 -72.21
N LYS C 578 3.49 -23.73 -71.66
CA LYS C 578 4.18 -24.84 -72.32
C LYS C 578 4.16 -26.06 -71.42
N PRO C 579 2.97 -26.67 -71.27
CA PRO C 579 2.80 -27.86 -70.42
C PRO C 579 3.41 -29.16 -70.96
N VAL C 580 4.70 -29.35 -70.66
CA VAL C 580 5.40 -30.56 -71.06
C VAL C 580 5.43 -31.41 -69.80
N PRO C 581 5.16 -32.72 -69.92
CA PRO C 581 5.18 -33.60 -68.74
C PRO C 581 6.52 -33.60 -68.01
N VAL C 582 6.45 -33.41 -66.68
CA VAL C 582 7.64 -33.39 -65.84
C VAL C 582 7.53 -34.32 -64.63
N LEU C 583 8.51 -35.19 -64.45
CA LEU C 583 8.49 -36.09 -63.29
C LEU C 583 9.39 -35.50 -62.22
N ASN C 584 8.80 -35.14 -61.08
CA ASN C 584 9.57 -34.58 -59.98
C ASN C 584 10.08 -35.69 -59.05
N ILE C 585 11.39 -35.92 -59.08
CA ILE C 585 12.01 -36.93 -58.24
C ILE C 585 12.64 -36.23 -57.03
N GLY C 586 12.36 -36.75 -55.83
CA GLY C 586 12.89 -36.15 -54.62
C GLY C 586 12.33 -36.84 -53.38
N LEU C 587 12.32 -36.15 -52.25
CA LEU C 587 11.82 -36.74 -51.01
C LEU C 587 10.29 -36.78 -50.92
N PRO C 588 9.74 -37.94 -50.53
CA PRO C 588 8.30 -38.19 -50.38
C PRO C 588 7.74 -37.34 -49.26
N ASP C 589 6.42 -37.24 -49.20
CA ASP C 589 5.77 -36.43 -48.18
C ASP C 589 5.66 -37.08 -46.80
N PHE C 590 6.79 -37.49 -46.26
CA PHE C 590 6.87 -38.06 -44.92
C PHE C 590 8.30 -37.88 -44.42
N PHE C 591 8.46 -37.68 -43.12
CA PHE C 591 9.78 -37.50 -42.53
C PHE C 591 10.62 -38.77 -42.75
N ILE C 592 11.82 -38.58 -43.29
CA ILE C 592 12.71 -39.69 -43.61
C ILE C 592 13.33 -40.42 -42.43
N PRO C 593 13.15 -41.75 -42.37
CA PRO C 593 13.67 -42.63 -41.32
C PRO C 593 15.20 -42.65 -41.28
N GLN C 594 15.72 -43.07 -40.14
CA GLN C 594 17.15 -43.18 -39.90
C GLN C 594 17.75 -44.33 -40.73
N GLY C 595 19.07 -44.31 -40.85
CA GLY C 595 19.76 -45.36 -41.60
C GLY C 595 20.97 -44.76 -42.26
N THR C 596 21.73 -45.56 -42.98
CA THR C 596 22.89 -45.03 -43.69
C THR C 596 22.30 -44.15 -44.78
N GLN C 597 23.05 -43.16 -45.22
CA GLN C 597 22.58 -42.27 -46.28
C GLN C 597 22.33 -43.10 -47.55
N GLU C 598 23.21 -44.07 -47.80
CA GLU C 598 23.08 -44.93 -48.97
C GLU C 598 21.85 -45.81 -48.87
N GLU C 599 21.66 -46.46 -47.73
CA GLU C 599 20.50 -47.32 -47.50
C GLU C 599 19.19 -46.56 -47.72
N ARG C 601 18.68 -43.64 -49.27
CA ARG C 601 18.53 -43.17 -50.63
C ARG C 601 18.03 -44.32 -51.51
N ALA C 602 18.57 -45.51 -51.31
CA ALA C 602 18.15 -46.68 -52.09
C ALA C 602 16.70 -47.02 -51.76
N GLU C 603 16.37 -46.96 -50.48
CA GLU C 603 15.03 -47.26 -50.00
C GLU C 603 13.99 -46.30 -50.58
N LEU C 604 14.38 -45.03 -50.69
CA LEU C 604 13.49 -43.98 -51.21
C LEU C 604 13.49 -43.95 -52.73
N GLY C 605 14.22 -44.87 -53.34
CA GLY C 605 14.28 -44.91 -54.79
C GLY C 605 15.11 -43.78 -55.36
N LEU C 606 16.06 -43.27 -54.59
CA LEU C 606 16.89 -42.17 -55.05
C LEU C 606 18.24 -42.57 -55.63
N ASP C 607 18.37 -43.84 -56.01
CA ASP C 607 19.60 -44.28 -56.66
C ASP C 607 19.21 -44.53 -58.12
N ALA C 608 20.19 -44.81 -58.98
CA ALA C 608 19.92 -45.04 -60.39
C ALA C 608 18.77 -46.03 -60.66
N ALA C 609 18.90 -47.23 -60.11
CA ALA C 609 17.87 -48.25 -60.30
C ALA C 609 16.50 -47.77 -59.84
N GLY C 610 16.48 -47.04 -58.73
CA GLY C 610 15.23 -46.52 -58.19
C GLY C 610 14.59 -45.46 -59.08
N GLU C 612 15.22 -44.96 -62.38
CA GLU C 612 14.82 -45.55 -63.65
C GLU C 612 13.45 -46.22 -63.49
N ALA C 613 13.24 -46.89 -62.36
CA ALA C 613 11.96 -47.54 -62.12
C ALA C 613 10.84 -46.52 -61.99
N LYS C 614 11.13 -45.37 -61.38
CA LYS C 614 10.12 -44.34 -61.25
C LYS C 614 9.72 -43.83 -62.62
N ILE C 615 10.72 -43.62 -63.47
CA ILE C 615 10.48 -43.13 -64.83
C ILE C 615 9.63 -44.10 -65.62
N LYS C 616 9.94 -45.39 -65.53
CA LYS C 616 9.17 -46.40 -66.24
C LYS C 616 7.73 -46.39 -65.79
N ALA C 617 7.52 -46.47 -64.48
CA ALA C 617 6.18 -46.48 -63.92
C ALA C 617 5.43 -45.22 -64.32
N TRP C 618 6.12 -44.08 -64.29
CA TRP C 618 5.52 -42.80 -64.65
C TRP C 618 5.07 -42.78 -66.10
N LEU C 619 5.90 -43.30 -67.00
CA LEU C 619 5.57 -43.35 -68.41
C LEU C 619 4.50 -44.40 -68.68
N ALA C 620 4.54 -45.49 -67.91
CA ALA C 620 3.57 -46.56 -68.06
C ALA C 620 2.14 -46.06 -67.83
N LEU C 621 1.99 -45.06 -66.96
CA LEU C 621 0.67 -44.51 -66.66
C LEU C 621 -0.09 -44.19 -67.95
N PRO D 9 8.81 28.41 -34.17
CA PRO D 9 9.33 28.31 -32.79
C PRO D 9 10.74 27.70 -32.78
N THR D 10 11.02 26.87 -31.78
CA THR D 10 12.33 26.23 -31.66
C THR D 10 12.51 25.14 -32.74
N LEU D 11 11.52 24.26 -32.86
CA LEU D 11 11.55 23.19 -33.83
C LEU D 11 11.84 23.74 -35.23
N ALA D 12 11.29 24.92 -35.51
CA ALA D 12 11.47 25.58 -36.80
C ALA D 12 12.93 25.72 -37.20
N LEU D 13 13.84 25.68 -36.22
CA LEU D 13 15.26 25.84 -36.49
C LEU D 13 16.03 24.53 -36.54
N VAL D 14 15.33 23.42 -36.76
CA VAL D 14 15.98 22.11 -36.82
C VAL D 14 15.44 21.26 -37.97
N ASP D 15 16.14 21.28 -39.09
CA ASP D 15 15.74 20.50 -40.26
C ASP D 15 16.69 19.32 -40.41
N SER D 16 17.81 19.38 -39.71
CA SER D 16 18.82 18.34 -39.73
C SER D 16 19.27 18.02 -38.32
N THR D 17 19.80 16.82 -38.14
CA THR D 17 20.27 16.38 -36.84
C THR D 17 21.48 17.21 -36.38
N GLN D 18 22.26 17.72 -37.32
CA GLN D 18 23.42 18.53 -36.96
C GLN D 18 22.97 19.89 -36.47
N GLU D 19 21.86 20.38 -37.03
CA GLU D 19 21.32 21.67 -36.61
C GLU D 19 20.81 21.54 -35.18
N LEU D 20 20.18 20.41 -34.87
CA LEU D 20 19.67 20.19 -33.53
C LEU D 20 20.78 20.23 -32.49
N ARG D 21 21.95 19.69 -32.84
CA ARG D 21 23.06 19.68 -31.90
C ARG D 21 23.66 21.06 -31.63
N LEU D 22 23.30 22.05 -32.45
CA LEU D 22 23.82 23.41 -32.25
C LEU D 22 23.00 24.17 -31.22
N LEU D 23 21.77 23.71 -30.99
CA LEU D 23 20.91 24.37 -30.01
C LEU D 23 21.51 24.27 -28.63
N PRO D 24 21.16 25.23 -27.75
CA PRO D 24 21.69 25.19 -26.38
C PRO D 24 20.75 24.29 -25.56
N LYS D 25 21.32 23.54 -24.62
CA LYS D 25 20.53 22.62 -23.81
C LYS D 25 19.19 23.20 -23.37
N GLU D 26 19.23 24.41 -22.82
CA GLU D 26 18.05 25.10 -22.32
C GLU D 26 16.87 25.09 -23.27
N SER D 27 17.15 25.04 -24.57
CA SER D 27 16.09 25.04 -25.58
C SER D 27 15.46 23.68 -25.85
N LEU D 28 16.20 22.62 -25.51
CA LEU D 28 15.71 21.27 -25.75
C LEU D 28 14.36 20.97 -25.10
N PRO D 29 14.21 21.23 -23.79
CA PRO D 29 12.93 20.95 -23.14
C PRO D 29 11.78 21.56 -23.92
N LYS D 30 11.97 22.79 -24.38
CA LYS D 30 10.95 23.48 -25.16
C LYS D 30 10.74 22.74 -26.47
N LEU D 31 11.85 22.35 -27.10
CA LEU D 31 11.81 21.62 -28.36
C LEU D 31 11.01 20.33 -28.25
N CYS D 32 11.12 19.64 -27.11
CA CYS D 32 10.39 18.40 -26.92
C CYS D 32 8.90 18.65 -26.91
N ASP D 33 8.48 19.64 -26.14
CA ASP D 33 7.07 19.98 -26.04
C ASP D 33 6.56 20.33 -27.43
N GLU D 34 7.34 21.14 -28.14
CA GLU D 34 6.98 21.54 -29.49
C GLU D 34 6.88 20.34 -30.42
N LEU D 35 7.86 19.45 -30.33
CA LEU D 35 7.87 18.24 -31.16
C LEU D 35 6.68 17.36 -30.80
N ARG D 36 6.37 17.29 -29.51
CA ARG D 36 5.25 16.49 -29.03
C ARG D 36 3.94 17.06 -29.54
N ARG D 37 3.81 18.39 -29.47
CA ARG D 37 2.61 19.07 -29.93
C ARG D 37 2.47 18.94 -31.45
N TYR D 38 3.60 18.96 -32.16
CA TYR D 38 3.59 18.86 -33.61
C TYR D 38 3.10 17.48 -34.05
N LEU D 39 3.51 16.44 -33.33
CA LEU D 39 3.10 15.09 -33.64
C LEU D 39 1.59 14.94 -33.45
N LEU D 40 1.07 15.59 -32.42
CA LEU D 40 -0.36 15.55 -32.12
C LEU D 40 -1.17 16.27 -33.20
N ASP D 41 -0.48 16.95 -34.12
CA ASP D 41 -1.16 17.67 -35.20
C ASP D 41 -0.78 17.13 -36.57
N GLY D 53 5.39 6.27 -29.77
CA GLY D 53 4.98 7.53 -30.37
C GLY D 53 5.44 8.73 -29.55
N LEU D 54 4.53 9.25 -28.73
CA LEU D 54 4.84 10.39 -27.89
C LEU D 54 5.77 9.98 -26.76
N GLY D 55 5.68 8.70 -26.38
CA GLY D 55 6.51 8.20 -25.30
C GLY D 55 8.02 8.30 -25.50
N THR D 56 8.46 8.58 -26.72
CA THR D 56 9.90 8.67 -26.97
C THR D 56 10.36 10.02 -27.50
N VAL D 57 9.62 11.09 -27.18
CA VAL D 57 10.01 12.42 -27.64
C VAL D 57 11.30 12.86 -26.97
N GLU D 58 11.32 12.83 -25.65
CA GLU D 58 12.52 13.23 -24.92
C GLU D 58 13.70 12.35 -25.30
N LEU D 59 13.46 11.04 -25.40
CA LEU D 59 14.53 10.12 -25.75
C LEU D 59 15.15 10.42 -27.12
N THR D 60 14.33 10.52 -28.16
CA THR D 60 14.84 10.79 -29.49
C THR D 60 15.70 12.04 -29.50
N VAL D 61 15.14 13.12 -28.94
CA VAL D 61 15.87 14.39 -28.86
C VAL D 61 17.18 14.19 -28.13
N ALA D 62 17.14 13.52 -26.97
CA ALA D 62 18.33 13.26 -26.19
C ALA D 62 19.37 12.49 -27.00
N LEU D 63 18.92 11.40 -27.64
CA LEU D 63 19.82 10.58 -28.43
C LEU D 63 20.54 11.31 -29.56
N HIS D 64 19.79 12.03 -30.38
CA HIS D 64 20.39 12.77 -31.49
C HIS D 64 21.22 13.96 -31.03
N TYR D 65 21.03 14.37 -29.78
CA TYR D 65 21.78 15.50 -29.28
C TYR D 65 23.16 15.08 -28.79
N VAL D 66 23.28 13.85 -28.31
CA VAL D 66 24.58 13.37 -27.82
C VAL D 66 25.31 12.46 -28.81
N TYR D 67 24.58 11.80 -29.70
CA TYR D 67 25.19 10.91 -30.69
C TYR D 67 25.43 11.62 -32.01
N ASN D 68 26.58 11.31 -32.61
CA ASN D 68 26.99 11.91 -33.87
C ASN D 68 26.33 11.15 -35.02
N THR D 69 25.00 11.18 -35.05
CA THR D 69 24.23 10.51 -36.10
C THR D 69 24.22 11.44 -37.31
N PRO D 70 24.09 10.88 -38.52
CA PRO D 70 23.95 9.47 -38.89
C PRO D 70 25.23 8.62 -38.86
N PHE D 71 26.33 9.16 -38.35
CA PHE D 71 27.55 8.35 -38.30
C PHE D 71 27.33 7.29 -37.23
N ASP D 72 27.07 7.72 -36.00
CA ASP D 72 26.80 6.77 -34.93
C ASP D 72 25.52 6.07 -35.34
N GLN D 73 25.45 4.77 -35.07
CA GLN D 73 24.29 3.99 -35.46
C GLN D 73 23.23 3.88 -34.37
N LEU D 74 22.03 4.37 -34.70
CA LEU D 74 20.88 4.36 -33.81
C LEU D 74 19.82 3.39 -34.35
N ILE D 75 19.60 2.27 -33.65
CA ILE D 75 18.63 1.29 -34.09
C ILE D 75 17.36 1.30 -33.25
N TRP D 76 16.21 1.45 -33.90
CA TRP D 76 14.93 1.44 -33.21
C TRP D 76 14.31 0.07 -33.40
N ASP D 77 14.01 -0.61 -32.30
CA ASP D 77 13.47 -1.94 -32.40
C ASP D 77 12.23 -2.13 -33.27
N VAL D 78 11.05 -1.82 -32.75
CA VAL D 78 9.84 -2.02 -33.53
C VAL D 78 9.69 -0.99 -34.65
N GLY D 79 9.94 0.27 -34.33
CA GLY D 79 9.83 1.32 -35.33
C GLY D 79 8.50 2.05 -35.21
N HIS D 80 7.62 1.54 -34.36
CA HIS D 80 6.32 2.16 -34.16
C HIS D 80 6.49 3.36 -33.25
N GLN D 81 7.61 3.39 -32.52
CA GLN D 81 7.90 4.51 -31.62
C GLN D 81 9.05 5.34 -32.21
N ALA D 82 9.16 5.31 -33.54
CA ALA D 82 10.21 6.04 -34.22
C ALA D 82 9.74 7.19 -35.11
N TYR D 83 8.54 7.70 -34.84
CA TYR D 83 8.02 8.82 -35.63
C TYR D 83 8.83 10.07 -35.31
N PRO D 84 8.97 10.41 -34.02
CA PRO D 84 9.75 11.61 -33.71
C PRO D 84 11.17 11.49 -34.26
N HIS D 85 11.64 10.26 -34.44
CA HIS D 85 12.97 10.03 -34.97
C HIS D 85 13.01 10.49 -36.42
N LYS D 86 12.01 10.09 -37.20
CA LYS D 86 11.94 10.46 -38.61
C LYS D 86 11.80 11.96 -38.81
N ILE D 87 10.97 12.62 -38.00
CA ILE D 87 10.79 14.06 -38.14
C ILE D 87 12.09 14.82 -37.92
N LEU D 88 12.89 14.39 -36.95
CA LEU D 88 14.17 15.04 -36.66
C LEU D 88 15.20 14.66 -37.71
N THR D 89 14.97 13.54 -38.37
CA THR D 89 15.85 13.05 -39.41
C THR D 89 15.55 13.79 -40.71
N GLY D 90 14.54 14.64 -40.66
CA GLY D 90 14.16 15.40 -41.84
C GLY D 90 13.11 14.69 -42.66
N SER D 113 16.07 6.62 -45.04
CA SER D 113 17.20 7.54 -44.99
C SER D 113 18.40 6.91 -44.30
N GLU D 114 19.50 7.66 -44.23
CA GLU D 114 20.73 7.20 -43.59
C GLU D 114 20.59 7.12 -42.07
N TYR D 115 19.53 7.73 -41.53
CA TYR D 115 19.29 7.71 -40.09
C TYR D 115 18.51 6.47 -39.69
N ASP D 116 18.04 5.73 -40.70
CA ASP D 116 17.30 4.49 -40.51
C ASP D 116 18.34 3.38 -40.75
N VAL D 117 18.86 2.82 -39.67
CA VAL D 117 19.88 1.79 -39.77
C VAL D 117 19.37 0.37 -40.02
N LEU D 118 18.30 -0.01 -39.33
CA LEU D 118 17.72 -1.35 -39.46
C LEU D 118 16.22 -1.34 -39.75
N SER D 119 15.82 -1.83 -40.93
CA SER D 119 14.41 -1.89 -41.27
C SER D 119 13.78 -2.89 -40.30
N VAL D 120 12.79 -2.43 -39.54
CA VAL D 120 12.18 -3.26 -38.53
C VAL D 120 10.65 -3.35 -38.49
N GLY D 121 10.12 -4.51 -38.88
CA GLY D 121 8.69 -4.72 -38.85
C GLY D 121 8.40 -5.59 -37.64
N HIS D 122 9.14 -6.69 -37.55
CA HIS D 122 9.03 -7.63 -36.45
C HIS D 122 9.81 -7.03 -35.30
N SER D 123 9.58 -7.53 -34.09
CA SER D 123 10.26 -7.01 -32.92
C SER D 123 11.45 -7.85 -32.47
N SER D 124 12.18 -7.31 -31.50
CA SER D 124 13.32 -7.97 -30.88
C SER D 124 14.54 -8.18 -31.76
N THR D 125 14.58 -7.50 -32.90
CA THR D 125 15.68 -7.61 -33.85
C THR D 125 16.79 -6.61 -33.54
N SER D 126 16.42 -5.54 -32.87
CA SER D 126 17.36 -4.47 -32.52
C SER D 126 18.71 -4.90 -31.96
N ILE D 127 18.70 -5.60 -30.84
CA ILE D 127 19.97 -6.00 -30.24
C ILE D 127 20.84 -6.89 -31.12
N SER D 128 20.23 -7.83 -31.85
CA SER D 128 20.99 -8.73 -32.73
C SER D 128 21.76 -7.96 -33.78
N ALA D 129 21.03 -7.24 -34.64
CA ALA D 129 21.66 -6.45 -35.69
C ALA D 129 22.58 -5.44 -35.00
N GLY D 130 22.14 -5.00 -33.83
CA GLY D 130 22.89 -4.02 -33.06
C GLY D 130 24.31 -4.42 -32.77
N ILE D 131 24.54 -5.65 -32.31
CA ILE D 131 25.90 -6.06 -32.00
C ILE D 131 26.72 -6.26 -33.27
N GLY D 132 26.07 -6.75 -34.33
CA GLY D 132 26.76 -6.96 -35.59
C GLY D 132 27.29 -5.63 -36.12
N ILE D 133 26.48 -4.59 -35.96
CA ILE D 133 26.86 -3.24 -36.37
C ILE D 133 27.96 -2.72 -35.44
N ALA D 134 27.87 -3.09 -34.17
CA ALA D 134 28.85 -2.67 -33.17
C ALA D 134 30.18 -3.39 -33.38
N VAL D 135 30.13 -4.65 -33.78
CA VAL D 135 31.34 -5.41 -34.03
C VAL D 135 31.98 -4.78 -35.27
N ALA D 136 31.13 -4.40 -36.22
CA ALA D 136 31.62 -3.78 -37.44
C ALA D 136 32.28 -2.42 -37.13
N ALA D 137 31.71 -1.67 -36.19
CA ALA D 137 32.27 -0.38 -35.82
C ALA D 137 33.65 -0.57 -35.20
N GLU D 138 33.77 -1.63 -34.41
CA GLU D 138 35.01 -1.98 -33.74
C GLU D 138 36.13 -2.18 -34.76
N LYS D 139 35.87 -3.00 -35.77
CA LYS D 139 36.86 -3.29 -36.82
C LYS D 139 37.12 -2.06 -37.68
N GLU D 140 36.19 -1.11 -37.67
CA GLU D 140 36.30 0.10 -38.46
C GLU D 140 37.37 1.04 -37.91
N GLY D 141 37.46 1.14 -36.60
CA GLY D 141 38.45 2.00 -35.99
C GLY D 141 38.08 3.47 -35.90
N LYS D 142 37.03 3.89 -36.60
CA LYS D 142 36.61 5.29 -36.59
C LYS D 142 35.79 5.66 -35.34
N ASN D 143 35.80 4.78 -34.34
CA ASN D 143 35.07 5.01 -33.09
C ASN D 143 33.57 5.30 -33.26
N ARG D 144 32.96 4.67 -34.27
CA ARG D 144 31.54 4.83 -34.53
C ARG D 144 30.78 4.18 -33.36
N ARG D 145 29.79 4.86 -32.79
CA ARG D 145 29.06 4.30 -31.65
C ARG D 145 27.72 3.69 -32.05
N THR D 146 27.29 2.69 -31.28
CA THR D 146 26.04 1.97 -31.55
C THR D 146 25.10 2.00 -30.34
N VAL D 147 23.83 2.30 -30.59
CA VAL D 147 22.82 2.35 -29.54
C VAL D 147 21.51 1.74 -30.06
N CYS D 148 20.87 0.91 -29.24
CA CYS D 148 19.61 0.26 -29.60
C CYS D 148 18.50 0.54 -28.59
N VAL D 149 17.30 0.83 -29.09
CA VAL D 149 16.17 1.08 -28.21
C VAL D 149 15.15 -0.06 -28.36
N ILE D 150 14.83 -0.73 -27.26
CA ILE D 150 13.85 -1.82 -27.30
C ILE D 150 12.78 -1.68 -26.23
N GLY D 151 11.55 -1.99 -26.60
CA GLY D 151 10.44 -1.90 -25.67
C GLY D 151 10.47 -3.08 -24.71
N ASP D 152 9.70 -3.00 -23.64
CA ASP D 152 9.67 -4.09 -22.66
C ASP D 152 9.10 -5.37 -23.25
N GLY D 153 8.19 -5.25 -24.21
CA GLY D 153 7.60 -6.42 -24.84
C GLY D 153 8.62 -7.08 -25.75
N ALA D 154 9.31 -6.24 -26.54
CA ALA D 154 10.32 -6.74 -27.46
C ALA D 154 11.43 -7.48 -26.71
N ILE D 155 11.67 -7.11 -25.47
CA ILE D 155 12.70 -7.75 -24.65
C ILE D 155 12.35 -9.19 -24.23
N THR D 156 11.09 -9.58 -24.37
CA THR D 156 10.67 -10.93 -23.98
C THR D 156 10.94 -12.01 -25.03
N ALA D 157 11.40 -11.61 -26.22
CA ALA D 157 11.66 -12.57 -27.28
C ALA D 157 12.95 -13.33 -27.05
N GLY D 158 12.96 -14.58 -27.49
CA GLY D 158 14.14 -15.41 -27.34
C GLY D 158 15.40 -14.86 -28.00
N ALA D 160 16.26 -11.88 -28.32
CA ALA D 160 16.79 -10.77 -27.55
C ALA D 160 17.71 -11.34 -26.47
N PHE D 161 17.36 -12.51 -25.93
CA PHE D 161 18.14 -13.19 -24.90
C PHE D 161 19.41 -13.79 -25.51
N GLU D 162 19.28 -14.39 -26.69
CA GLU D 162 20.43 -14.97 -27.36
C GLU D 162 21.41 -13.86 -27.63
N ALA D 163 20.89 -12.70 -28.05
CA ALA D 163 21.69 -11.54 -28.38
C ALA D 163 22.43 -10.98 -27.17
N ASN D 165 23.21 -12.39 -24.54
CA ASN D 165 24.18 -13.38 -24.10
C ASN D 165 25.43 -13.28 -24.94
N HIS D 166 25.24 -13.18 -26.24
CA HIS D 166 26.38 -13.08 -27.14
C HIS D 166 27.12 -11.80 -26.83
N ALA D 167 26.37 -10.72 -26.60
CA ALA D 167 26.98 -9.44 -26.30
C ALA D 167 27.79 -9.55 -25.02
N GLY D 168 27.20 -10.17 -24.01
CA GLY D 168 27.89 -10.33 -22.74
C GLY D 168 29.16 -11.13 -22.89
N ASP D 169 29.20 -11.99 -23.91
CA ASP D 169 30.36 -12.83 -24.15
C ASP D 169 31.48 -12.12 -24.93
N ILE D 170 31.14 -11.47 -26.04
CA ILE D 170 32.16 -10.79 -26.82
C ILE D 170 32.42 -9.35 -26.38
N ARG D 171 31.53 -8.81 -25.56
CA ARG D 171 31.69 -7.47 -25.00
C ARG D 171 31.87 -6.31 -25.97
N PRO D 172 30.91 -6.08 -26.88
CA PRO D 172 31.06 -4.96 -27.82
C PRO D 172 30.74 -3.63 -27.16
N ASP D 173 31.24 -2.55 -27.76
CA ASP D 173 30.97 -1.20 -27.27
C ASP D 173 29.61 -0.85 -27.82
N LEU D 175 25.23 0.37 -26.52
CA LEU D 175 24.26 0.69 -25.49
C LEU D 175 22.87 0.30 -25.97
N VAL D 176 22.17 -0.53 -25.19
CA VAL D 176 20.80 -0.84 -25.57
C VAL D 176 19.98 -0.12 -24.52
N ILE D 177 18.89 0.49 -24.94
CA ILE D 177 18.04 1.24 -24.03
C ILE D 177 16.67 0.58 -23.91
N LEU D 178 16.31 0.19 -22.69
CA LEU D 178 15.02 -0.43 -22.45
C LEU D 178 13.97 0.67 -22.23
N ASN D 179 13.10 0.83 -23.22
CA ASN D 179 12.04 1.84 -23.14
C ASN D 179 10.83 1.20 -22.46
N ASP D 180 10.91 1.12 -21.14
CA ASP D 180 9.87 0.49 -20.33
C ASP D 180 8.58 1.31 -20.19
N ASN D 181 7.46 0.63 -20.43
CA ASN D 181 6.12 1.22 -20.34
C ASN D 181 5.40 0.63 -19.14
N THR D 241 20.15 -7.28 -11.54
CA THR D 241 19.11 -7.46 -12.54
C THR D 241 19.48 -8.59 -13.50
N LEU D 242 18.54 -8.93 -14.38
CA LEU D 242 18.76 -9.98 -15.38
C LEU D 242 19.87 -9.57 -16.34
N PHE D 243 19.66 -8.42 -16.95
CA PHE D 243 20.58 -7.84 -17.92
C PHE D 243 22.00 -7.74 -17.39
N GLU D 244 22.13 -7.55 -16.08
CA GLU D 244 23.46 -7.45 -15.49
C GLU D 244 24.04 -8.85 -15.42
N GLU D 245 23.17 -9.82 -15.14
CA GLU D 245 23.59 -11.21 -15.06
C GLU D 245 24.00 -11.69 -16.45
N LEU D 246 23.46 -11.04 -17.47
CA LEU D 246 23.77 -11.39 -18.85
C LEU D 246 25.08 -10.76 -19.35
N GLY D 247 25.66 -9.88 -18.55
CA GLY D 247 26.92 -9.27 -18.93
C GLY D 247 26.94 -7.75 -19.08
N PHE D 248 25.79 -7.10 -18.98
CA PHE D 248 25.74 -5.66 -19.12
C PHE D 248 25.94 -4.85 -17.84
N ASN D 249 26.38 -3.61 -18.02
CA ASN D 249 26.55 -2.67 -16.92
C ASN D 249 25.18 -2.02 -16.88
N TYR D 250 24.46 -2.18 -15.77
CA TYR D 250 23.10 -1.66 -15.65
C TYR D 250 22.95 -0.29 -15.00
N ILE D 251 22.12 0.55 -15.63
CA ILE D 251 21.85 1.88 -15.10
C ILE D 251 20.35 2.14 -15.16
N GLY D 252 19.78 2.56 -14.03
CA GLY D 252 18.36 2.87 -14.00
C GLY D 252 17.55 2.17 -12.92
N PRO D 253 16.22 2.20 -13.02
CA PRO D 253 15.52 2.89 -14.11
C PRO D 253 15.66 4.41 -14.02
N VAL D 254 15.45 5.08 -15.14
CA VAL D 254 15.57 6.54 -15.18
C VAL D 254 14.34 7.18 -15.80
N ASP D 255 14.05 8.40 -15.37
CA ASP D 255 12.92 9.13 -15.90
C ASP D 255 13.16 9.34 -17.39
N GLY D 256 12.38 8.65 -18.21
CA GLY D 256 12.56 8.76 -19.65
C GLY D 256 11.91 9.98 -20.26
N HIS D 257 11.44 10.90 -19.42
CA HIS D 257 10.80 12.10 -19.93
C HIS D 257 11.54 13.38 -19.57
N ASP D 258 12.70 13.24 -18.95
CA ASP D 258 13.51 14.40 -18.59
C ASP D 258 14.66 14.49 -19.60
N VAL D 259 14.40 15.16 -20.70
CA VAL D 259 15.39 15.32 -21.76
C VAL D 259 16.77 15.72 -21.27
N LEU D 260 16.83 16.72 -20.40
CA LEU D 260 18.11 17.19 -19.88
C LEU D 260 18.80 16.13 -19.02
N GLY D 261 18.01 15.36 -18.28
CA GLY D 261 18.57 14.32 -17.45
C GLY D 261 19.09 13.16 -18.29
N LEU D 262 18.40 12.87 -19.39
CA LEU D 262 18.80 11.78 -20.29
C LEU D 262 20.09 12.10 -21.04
N ILE D 263 20.26 13.37 -21.38
CA ILE D 263 21.46 13.77 -22.10
C ILE D 263 22.67 13.62 -21.21
N THR D 264 22.55 14.03 -19.95
CA THR D 264 23.64 13.93 -19.01
C THR D 264 24.04 12.46 -18.84
N THR D 265 23.04 11.57 -18.87
CA THR D 265 23.28 10.14 -18.71
C THR D 265 23.81 9.50 -19.97
N LEU D 266 23.22 9.85 -21.11
CA LEU D 266 23.67 9.29 -22.38
C LEU D 266 25.10 9.71 -22.69
N LYS D 267 25.47 10.90 -22.20
CA LYS D 267 26.82 11.42 -22.40
C LYS D 267 27.86 10.47 -21.82
N ASN D 268 27.69 10.10 -20.54
CA ASN D 268 28.63 9.20 -19.88
C ASN D 268 28.70 7.82 -20.55
N ARG D 270 27.76 6.61 -23.43
CA ARG D 270 28.22 6.50 -24.81
C ARG D 270 29.74 6.33 -24.83
N ASP D 271 30.42 6.98 -23.91
CA ASP D 271 31.86 6.88 -23.86
C ASP D 271 32.36 5.71 -23.02
N LEU D 272 31.47 5.08 -22.26
CA LEU D 272 31.85 3.93 -21.45
C LEU D 272 32.15 2.76 -22.38
N LYS D 273 32.89 1.78 -21.89
CA LYS D 273 33.22 0.63 -22.72
C LYS D 273 32.43 -0.63 -22.39
N GLY D 274 32.35 -1.52 -23.37
CA GLY D 274 31.62 -2.76 -23.16
C GLY D 274 30.12 -2.55 -23.27
N PRO D 275 29.33 -3.62 -23.10
CA PRO D 275 27.86 -3.64 -23.15
C PRO D 275 27.21 -2.82 -22.04
N GLN D 276 26.55 -1.74 -22.44
CA GLN D 276 25.88 -0.84 -21.50
C GLN D 276 24.39 -1.01 -21.64
N PHE D 277 23.68 -0.89 -20.53
CA PHE D 277 22.23 -1.04 -20.53
C PHE D 277 21.60 0.10 -19.75
N LEU D 278 20.74 0.87 -20.41
CA LEU D 278 20.06 1.99 -19.77
C LEU D 278 18.57 1.66 -19.70
N HIS D 279 18.01 1.67 -18.50
CA HIS D 279 16.59 1.37 -18.30
C HIS D 279 15.79 2.68 -18.18
N ILE D 280 15.02 2.98 -19.21
CA ILE D 280 14.22 4.20 -19.26
C ILE D 280 12.74 3.92 -18.99
N THR D 282 8.86 5.33 -19.46
CA THR D 282 8.03 6.28 -20.19
C THR D 282 6.55 5.96 -19.98
N LYS D 283 5.69 6.58 -20.80
CA LYS D 283 4.26 6.38 -20.70
C LYS D 283 3.62 6.13 -22.06
N LEU D 318 -20.89 -6.00 -40.50
CA LEU D 318 -20.03 -7.00 -41.14
C LEU D 318 -18.87 -7.32 -40.20
N PRO D 319 -18.79 -8.56 -39.71
CA PRO D 319 -17.74 -9.00 -38.80
C PRO D 319 -16.39 -9.25 -39.47
N SER D 320 -15.33 -9.08 -38.68
CA SER D 320 -13.98 -9.32 -39.18
C SER D 320 -13.67 -10.78 -38.89
N TYR D 321 -12.72 -11.36 -39.61
CA TYR D 321 -12.37 -12.76 -39.40
C TYR D 321 -11.88 -13.01 -37.98
N SER D 322 -11.24 -12.02 -37.39
CA SER D 322 -10.73 -12.12 -36.03
C SER D 322 -11.90 -12.30 -35.07
N LYS D 323 -12.97 -11.56 -35.33
CA LYS D 323 -14.18 -11.62 -34.51
C LYS D 323 -14.82 -12.99 -34.69
N ILE D 324 -14.89 -13.46 -35.93
CA ILE D 324 -15.45 -14.77 -36.23
C ILE D 324 -14.72 -15.84 -35.41
N PHE D 325 -13.40 -15.74 -35.38
CA PHE D 325 -12.56 -16.68 -34.64
C PHE D 325 -12.79 -16.64 -33.13
N GLY D 326 -12.68 -15.45 -32.54
CA GLY D 326 -12.88 -15.32 -31.11
C GLY D 326 -14.26 -15.78 -30.67
N ASP D 327 -15.27 -15.58 -31.51
CA ASP D 327 -16.63 -16.00 -31.19
C ASP D 327 -16.67 -17.52 -31.17
N TRP D 328 -15.99 -18.13 -32.13
CA TRP D 328 -15.93 -19.57 -32.25
C TRP D 328 -15.21 -20.17 -31.06
N LEU D 329 -14.21 -19.46 -30.53
CA LEU D 329 -13.49 -19.96 -29.38
C LEU D 329 -14.44 -20.06 -28.20
N CYS D 330 -15.19 -18.99 -27.97
CA CYS D 330 -16.16 -18.93 -26.87
C CYS D 330 -17.20 -20.03 -27.01
N GLU D 331 -17.68 -20.25 -28.23
CA GLU D 331 -18.67 -21.30 -28.48
C GLU D 331 -18.13 -22.67 -28.11
N THR D 332 -16.94 -22.98 -28.63
CA THR D 332 -16.29 -24.27 -28.42
C THR D 332 -15.90 -24.56 -26.96
N ALA D 333 -15.26 -23.60 -26.30
CA ALA D 333 -14.85 -23.78 -24.92
C ALA D 333 -16.05 -24.06 -24.00
N ALA D 334 -17.24 -23.73 -24.49
CA ALA D 334 -18.47 -23.93 -23.73
C ALA D 334 -19.00 -25.35 -23.93
N LYS D 335 -18.43 -26.07 -24.90
CA LYS D 335 -18.86 -27.41 -25.24
C LYS D 335 -18.03 -28.53 -24.59
N ASP D 336 -16.78 -28.23 -24.22
CA ASP D 336 -15.89 -29.22 -23.60
C ASP D 336 -14.91 -28.55 -22.64
N ASN D 337 -14.01 -29.34 -22.05
CA ASN D 337 -13.03 -28.80 -21.11
C ASN D 337 -11.61 -28.90 -21.68
N LYS D 338 -11.48 -29.36 -22.92
CA LYS D 338 -10.17 -29.55 -23.51
C LYS D 338 -9.57 -28.38 -24.29
N LEU D 339 -10.41 -27.53 -24.85
CA LEU D 339 -9.90 -26.40 -25.62
C LEU D 339 -9.04 -25.47 -24.78
N ALA D 341 -6.50 -21.99 -25.70
CA ALA D 341 -6.11 -21.06 -26.76
C ALA D 341 -4.84 -20.33 -26.36
N ILE D 342 -3.93 -20.21 -27.32
CA ILE D 342 -2.65 -19.56 -27.09
C ILE D 342 -2.36 -18.43 -28.06
N THR D 343 -1.77 -17.36 -27.55
CA THR D 343 -1.39 -16.22 -28.37
C THR D 343 -0.04 -15.63 -27.92
N PRO D 344 0.80 -15.23 -28.88
CA PRO D 344 2.09 -14.65 -28.51
C PRO D 344 1.92 -13.14 -28.40
N ALA D 345 1.38 -12.68 -27.27
CA ALA D 345 1.15 -11.26 -27.02
C ALA D 345 0.40 -10.52 -28.12
N ARG D 347 -3.53 -10.51 -28.16
CA ARG D 347 -4.93 -10.76 -27.82
C ARG D 347 -5.94 -9.99 -28.66
N GLU D 348 -5.82 -8.67 -28.66
CA GLU D 348 -6.73 -7.80 -29.39
C GLU D 348 -6.67 -8.04 -30.91
N GLY D 349 -5.46 -8.11 -31.44
CA GLY D 349 -5.28 -8.34 -32.86
C GLY D 349 -5.97 -9.61 -33.34
N SER D 350 -6.08 -10.62 -32.46
CA SER D 350 -6.71 -11.88 -32.83
C SER D 350 -8.16 -11.96 -32.35
N GLY D 351 -8.65 -10.86 -31.77
CA GLY D 351 -10.04 -10.82 -31.30
C GLY D 351 -10.38 -11.80 -30.20
N VAL D 353 -10.27 -10.98 -26.93
CA VAL D 353 -10.52 -10.18 -25.74
C VAL D 353 -11.59 -10.76 -24.82
N GLU D 354 -12.80 -10.98 -25.32
CA GLU D 354 -13.85 -11.51 -24.46
C GLU D 354 -13.58 -12.97 -24.11
N PHE D 355 -12.92 -13.69 -25.00
CA PHE D 355 -12.59 -15.08 -24.71
C PHE D 355 -11.71 -15.13 -23.47
N SER D 356 -10.69 -14.26 -23.43
CA SER D 356 -9.78 -14.23 -22.30
C SER D 356 -10.47 -13.90 -20.99
N ARG D 357 -11.58 -13.16 -21.08
CA ARG D 357 -12.35 -12.79 -19.89
C ARG D 357 -13.32 -13.90 -19.45
N LYS D 358 -13.99 -14.51 -20.41
CA LYS D 358 -14.93 -15.58 -20.09
C LYS D 358 -14.24 -16.87 -19.68
N PHE D 359 -13.12 -17.19 -20.34
CA PHE D 359 -12.39 -18.41 -20.01
C PHE D 359 -10.93 -18.14 -19.72
N PRO D 360 -10.64 -17.47 -18.59
CA PRO D 360 -9.29 -17.10 -18.14
C PRO D 360 -8.40 -18.30 -17.92
N ASP D 361 -9.01 -19.43 -17.59
CA ASP D 361 -8.23 -20.64 -17.33
C ASP D 361 -7.97 -21.46 -18.59
N ARG D 362 -8.38 -20.94 -19.74
CA ARG D 362 -8.19 -21.63 -21.02
C ARG D 362 -7.42 -20.75 -22.00
N TYR D 363 -6.91 -19.62 -21.50
CA TYR D 363 -6.19 -18.67 -22.33
C TYR D 363 -4.77 -18.43 -21.84
N PHE D 364 -3.82 -18.40 -22.76
CA PHE D 364 -2.43 -18.16 -22.37
C PHE D 364 -1.72 -17.22 -23.31
N ASP D 365 -1.22 -16.12 -22.75
CA ASP D 365 -0.46 -15.14 -23.50
C ASP D 365 0.98 -15.36 -23.08
N VAL D 366 1.78 -15.91 -23.98
CA VAL D 366 3.19 -16.19 -23.70
C VAL D 366 4.06 -14.99 -24.04
N ALA D 367 3.44 -13.83 -24.22
CA ALA D 367 4.17 -12.62 -24.57
C ALA D 367 4.69 -12.80 -25.99
N ILE D 368 5.73 -12.06 -26.35
CA ILE D 368 6.27 -12.15 -27.71
C ILE D 368 7.23 -13.32 -27.88
N ALA D 369 6.68 -14.53 -27.80
CA ALA D 369 7.47 -15.75 -27.91
C ALA D 369 6.76 -16.77 -28.81
N GLU D 370 6.80 -16.54 -30.11
CA GLU D 370 6.17 -17.45 -31.06
C GLU D 370 6.68 -18.88 -30.87
N GLN D 371 7.99 -19.03 -30.73
CA GLN D 371 8.59 -20.36 -30.57
C GLN D 371 7.97 -21.13 -29.40
N HIS D 372 8.06 -20.55 -28.21
CA HIS D 372 7.50 -21.19 -27.03
C HIS D 372 5.99 -21.41 -27.18
N ALA D 373 5.30 -20.43 -27.75
CA ALA D 373 3.87 -20.55 -27.96
C ALA D 373 3.51 -21.92 -28.54
N VAL D 374 4.11 -22.24 -29.68
CA VAL D 374 3.83 -23.50 -30.37
C VAL D 374 4.33 -24.75 -29.64
N THR D 375 5.54 -24.70 -29.11
CA THR D 375 6.04 -25.88 -28.41
C THR D 375 5.31 -26.06 -27.08
N PHE D 376 4.74 -24.98 -26.56
CA PHE D 376 3.97 -25.03 -25.32
C PHE D 376 2.67 -25.75 -25.67
N ALA D 377 2.13 -25.42 -26.84
CA ALA D 377 0.89 -26.04 -27.29
C ALA D 377 1.11 -27.53 -27.45
N ALA D 378 2.28 -27.91 -27.99
CA ALA D 378 2.60 -29.32 -28.18
C ALA D 378 2.50 -30.05 -26.84
N GLY D 379 3.11 -29.48 -25.81
CA GLY D 379 3.06 -30.10 -24.49
C GLY D 379 1.63 -30.22 -24.00
N LEU D 380 0.82 -29.23 -24.34
CA LEU D 380 -0.58 -29.22 -23.95
C LEU D 380 -1.28 -30.39 -24.64
N ALA D 381 -0.93 -30.64 -25.89
CA ALA D 381 -1.55 -31.73 -26.63
C ALA D 381 -1.13 -33.06 -26.00
N ILE D 382 0.16 -33.20 -25.70
CA ILE D 382 0.68 -34.40 -25.08
C ILE D 382 -0.05 -34.64 -23.75
N GLY D 383 -0.34 -33.56 -23.04
CA GLY D 383 -1.03 -33.67 -21.78
C GLY D 383 -2.50 -34.05 -21.90
N GLY D 384 -2.95 -34.27 -23.13
CA GLY D 384 -4.34 -34.66 -23.36
C GLY D 384 -5.31 -33.57 -23.71
N TYR D 385 -4.83 -32.33 -23.83
CA TYR D 385 -5.72 -31.22 -24.17
C TYR D 385 -5.76 -30.91 -25.66
N LYS D 386 -6.61 -29.96 -26.03
CA LYS D 386 -6.75 -29.58 -27.44
C LYS D 386 -6.36 -28.11 -27.60
N PRO D 387 -5.07 -27.84 -27.73
CA PRO D 387 -4.54 -26.47 -27.89
C PRO D 387 -4.75 -25.82 -29.25
N ILE D 388 -4.96 -24.51 -29.21
CA ILE D 388 -5.14 -23.70 -30.40
C ILE D 388 -4.14 -22.55 -30.36
N VAL D 389 -3.34 -22.41 -31.41
CA VAL D 389 -2.35 -21.35 -31.48
C VAL D 389 -2.82 -20.24 -32.43
N ALA D 390 -3.17 -19.09 -31.86
CA ALA D 390 -3.62 -17.96 -32.66
C ALA D 390 -2.36 -17.15 -32.96
N ILE D 391 -2.08 -16.94 -34.24
CA ILE D 391 -0.85 -16.25 -34.62
C ILE D 391 -0.91 -15.74 -36.05
N TYR D 392 -0.31 -14.57 -36.28
CA TYR D 392 -0.28 -13.97 -37.61
C TYR D 392 0.62 -14.77 -38.54
N SER D 393 0.25 -14.87 -39.81
CA SER D 393 1.04 -15.62 -40.78
C SER D 393 2.50 -15.15 -40.74
N THR D 394 2.70 -13.84 -40.72
CA THR D 394 4.03 -13.29 -40.70
C THR D 394 4.83 -13.66 -39.45
N PHE D 395 4.19 -13.65 -38.28
CA PHE D 395 4.91 -14.00 -37.06
C PHE D 395 5.13 -15.51 -36.90
N LEU D 396 4.25 -16.32 -37.49
CA LEU D 396 4.40 -17.78 -37.40
C LEU D 396 5.71 -18.16 -38.08
N GLN D 397 6.18 -17.32 -39.00
CA GLN D 397 7.43 -17.56 -39.70
C GLN D 397 8.55 -17.74 -38.69
N ARG D 398 8.41 -17.10 -37.54
CA ARG D 398 9.43 -17.17 -36.51
C ARG D 398 9.41 -18.46 -35.69
N ALA D 399 8.32 -19.22 -35.78
CA ALA D 399 8.20 -20.48 -35.05
C ALA D 399 8.14 -21.67 -36.01
N TYR D 400 8.64 -21.49 -37.23
CA TYR D 400 8.64 -22.53 -38.23
C TYR D 400 9.23 -23.85 -37.71
N ASP D 401 10.36 -23.76 -37.02
CA ASP D 401 11.00 -24.96 -36.49
C ASP D 401 10.14 -25.73 -35.48
N GLN D 402 9.45 -25.02 -34.60
CA GLN D 402 8.62 -25.68 -33.60
C GLN D 402 7.43 -26.36 -34.27
N VAL D 403 6.88 -25.71 -35.29
CA VAL D 403 5.75 -26.26 -36.01
C VAL D 403 6.16 -27.55 -36.68
N LEU D 404 7.31 -27.50 -37.34
CA LEU D 404 7.84 -28.62 -38.08
C LEU D 404 8.36 -29.75 -37.19
N HIS D 405 9.29 -29.41 -36.31
CA HIS D 405 9.90 -30.39 -35.43
C HIS D 405 9.06 -30.81 -34.22
N ASP D 406 8.46 -29.83 -33.52
CA ASP D 406 7.68 -30.14 -32.34
C ASP D 406 6.22 -30.51 -32.51
N VAL D 407 5.66 -30.29 -33.69
CA VAL D 407 4.26 -30.63 -33.87
C VAL D 407 4.03 -31.64 -34.98
N ALA D 408 4.45 -31.33 -36.19
CA ALA D 408 4.27 -32.24 -37.31
C ALA D 408 5.00 -33.57 -37.11
N ILE D 409 6.30 -33.51 -36.79
CA ILE D 409 7.06 -34.74 -36.57
C ILE D 409 6.43 -35.64 -35.52
N GLN D 410 5.88 -35.06 -34.46
CA GLN D 410 5.25 -35.85 -33.41
C GLN D 410 3.78 -36.08 -33.72
N LYS D 411 3.33 -35.59 -34.86
CA LYS D 411 1.94 -35.73 -35.28
C LYS D 411 0.95 -35.29 -34.22
N LEU D 412 1.30 -34.24 -33.48
CA LEU D 412 0.43 -33.70 -32.45
C LEU D 412 -0.66 -32.85 -33.10
N PRO D 413 -1.92 -33.03 -32.67
CA PRO D 413 -3.09 -32.31 -33.19
C PRO D 413 -3.25 -30.86 -32.79
N VAL D 414 -2.25 -30.04 -33.08
CA VAL D 414 -2.37 -28.64 -32.73
C VAL D 414 -3.09 -27.90 -33.85
N LEU D 415 -3.97 -26.98 -33.48
CA LEU D 415 -4.69 -26.21 -34.47
C LEU D 415 -4.07 -24.82 -34.56
N PHE D 416 -3.74 -24.39 -35.77
CA PHE D 416 -3.15 -23.07 -35.95
C PHE D 416 -4.16 -22.12 -36.60
N ALA D 417 -4.52 -21.07 -35.88
CA ALA D 417 -5.45 -20.09 -36.41
C ALA D 417 -4.55 -18.96 -36.91
N ILE D 418 -4.29 -18.97 -38.22
CA ILE D 418 -3.41 -17.98 -38.85
C ILE D 418 -4.15 -16.77 -39.39
N ASP D 419 -4.11 -15.70 -38.61
CA ASP D 419 -4.74 -14.44 -38.96
C ASP D 419 -3.76 -13.60 -39.78
N ARG D 420 -4.26 -12.53 -40.40
CA ARG D 420 -3.44 -11.64 -41.21
C ARG D 420 -2.78 -12.36 -42.37
N ALA D 421 -3.48 -13.36 -42.91
CA ALA D 421 -2.95 -14.11 -44.05
C ALA D 421 -3.29 -13.32 -45.31
N GLY D 422 -2.28 -13.11 -46.15
CA GLY D 422 -2.48 -12.36 -47.38
C GLY D 422 -1.88 -10.98 -47.21
N ILE D 423 -2.30 -10.01 -48.02
CA ILE D 423 -1.76 -8.67 -47.86
C ILE D 423 -2.54 -8.05 -46.70
N VAL D 424 -1.82 -7.40 -45.79
CA VAL D 424 -2.43 -6.79 -44.62
C VAL D 424 -2.77 -5.32 -44.84
N GLY D 425 -1.89 -4.59 -45.51
CA GLY D 425 -2.14 -3.19 -45.77
C GLY D 425 -1.04 -2.23 -45.37
N ALA D 426 -1.42 -1.22 -44.58
CA ALA D 426 -0.51 -0.19 -44.11
C ALA D 426 0.82 -0.65 -43.54
N ASP D 427 0.82 -1.80 -42.86
CA ASP D 427 2.04 -2.33 -42.23
C ASP D 427 3.22 -2.52 -43.18
N GLY D 428 2.93 -2.68 -44.47
CA GLY D 428 4.01 -2.85 -45.43
C GLY D 428 4.56 -4.26 -45.58
N GLN D 429 5.73 -4.35 -46.20
CA GLN D 429 6.40 -5.62 -46.49
C GLN D 429 6.74 -6.49 -45.28
N THR D 430 7.07 -5.88 -44.15
CA THR D 430 7.44 -6.63 -42.96
C THR D 430 6.35 -7.45 -42.28
N HIS D 431 5.10 -7.01 -42.40
CA HIS D 431 3.99 -7.71 -41.76
C HIS D 431 3.09 -8.51 -42.70
N GLN D 432 3.43 -8.55 -43.98
CA GLN D 432 2.63 -9.28 -44.97
C GLN D 432 2.64 -10.79 -44.70
N GLY D 433 1.45 -11.40 -44.70
CA GLY D 433 1.35 -12.83 -44.49
C GLY D 433 1.20 -13.46 -45.86
N ALA D 434 2.27 -13.41 -46.65
CA ALA D 434 2.24 -13.93 -48.01
C ALA D 434 2.96 -15.25 -48.25
N PHE D 435 3.36 -15.95 -47.19
CA PHE D 435 4.13 -17.19 -47.41
C PHE D 435 3.68 -18.48 -46.75
N ASP D 436 2.73 -18.44 -45.82
CA ASP D 436 2.30 -19.65 -45.14
C ASP D 436 1.81 -20.78 -46.03
N LEU D 437 1.19 -20.47 -47.17
CA LEU D 437 0.72 -21.54 -48.04
C LEU D 437 1.89 -22.22 -48.73
N SER D 438 3.08 -21.64 -48.58
CA SER D 438 4.27 -22.21 -49.20
C SER D 438 5.14 -22.97 -48.19
N TYR D 439 5.54 -22.31 -47.11
CA TYR D 439 6.40 -22.96 -46.13
C TYR D 439 5.70 -24.06 -45.33
N LEU D 440 4.37 -23.99 -45.21
CA LEU D 440 3.62 -25.02 -44.50
C LEU D 440 3.40 -26.23 -45.41
N ARG D 441 3.24 -25.98 -46.71
CA ARG D 441 2.99 -27.04 -47.70
C ARG D 441 4.01 -28.17 -47.77
N CYS D 442 5.28 -27.84 -47.62
CA CYS D 442 6.33 -28.85 -47.72
C CYS D 442 6.43 -29.70 -46.46
N ILE D 443 5.70 -29.31 -45.43
CA ILE D 443 5.73 -30.04 -44.16
C ILE D 443 4.80 -31.24 -44.14
N PRO D 444 5.36 -32.44 -43.97
CA PRO D 444 4.55 -33.67 -43.93
C PRO D 444 3.56 -33.64 -42.77
N GLU D 445 2.43 -34.31 -42.93
CA GLU D 445 1.38 -34.40 -41.90
C GLU D 445 0.58 -33.11 -41.67
N VAL D 447 -2.08 -30.23 -42.43
CA VAL D 447 -3.35 -30.03 -43.11
C VAL D 447 -3.52 -28.52 -43.20
N ILE D 448 -3.74 -28.03 -44.41
CA ILE D 448 -3.88 -26.59 -44.63
C ILE D 448 -5.20 -26.22 -45.29
N THR D 450 -7.98 -23.12 -46.46
CA THR D 450 -8.10 -21.71 -46.84
C THR D 450 -9.53 -21.25 -47.08
N PRO D 451 -10.20 -20.74 -46.04
CA PRO D 451 -11.58 -20.24 -46.01
C PRO D 451 -11.86 -19.21 -47.11
N SER D 452 -12.99 -19.34 -47.79
CA SER D 452 -13.37 -18.39 -48.84
C SER D 452 -14.32 -17.34 -48.26
N ASP D 453 -14.93 -17.65 -47.12
CA ASP D 453 -15.84 -16.73 -46.43
C ASP D 453 -15.89 -17.06 -44.94
N GLU D 454 -16.60 -16.24 -44.16
CA GLU D 454 -16.68 -16.47 -42.71
C GLU D 454 -17.33 -17.77 -42.29
N ASN D 455 -18.29 -18.26 -43.08
CA ASN D 455 -18.94 -19.53 -42.73
C ASN D 455 -17.93 -20.66 -42.91
N GLU D 456 -17.18 -20.62 -44.01
CA GLU D 456 -16.16 -21.64 -44.29
C GLU D 456 -15.10 -21.60 -43.21
N CYS D 457 -14.82 -20.39 -42.72
CA CYS D 457 -13.82 -20.22 -41.68
C CYS D 457 -14.25 -20.96 -40.41
N ARG D 458 -15.53 -20.84 -40.07
CA ARG D 458 -16.07 -21.53 -38.90
C ARG D 458 -16.01 -23.04 -39.11
N GLN D 459 -16.46 -23.50 -40.27
CA GLN D 459 -16.44 -24.93 -40.56
C GLN D 459 -15.04 -25.51 -40.45
N LEU D 461 -12.49 -24.29 -38.76
CA LEU D 461 -11.94 -24.19 -37.41
C LEU D 461 -12.48 -25.42 -36.68
N TYR D 462 -13.76 -25.68 -36.89
CA TYR D 462 -14.43 -26.83 -36.28
C TYR D 462 -13.78 -28.11 -36.76
N THR D 463 -13.55 -28.18 -38.07
CA THR D 463 -12.94 -29.36 -38.67
C THR D 463 -11.52 -29.53 -38.14
N GLY D 464 -10.73 -28.47 -38.20
CA GLY D 464 -9.37 -28.52 -37.73
C GLY D 464 -9.27 -28.89 -36.27
N TYR D 465 -10.14 -28.31 -35.44
CA TYR D 465 -10.17 -28.57 -34.01
C TYR D 465 -10.53 -30.03 -33.70
N HIS D 466 -11.25 -30.68 -34.61
CA HIS D 466 -11.64 -32.07 -34.40
C HIS D 466 -10.85 -33.10 -35.21
N TYR D 467 -9.80 -32.64 -35.88
CA TYR D 467 -8.94 -33.51 -36.66
C TYR D 467 -7.80 -33.92 -35.73
N ASN D 468 -7.78 -35.17 -35.28
CA ASN D 468 -6.75 -35.59 -34.33
C ASN D 468 -5.55 -36.42 -34.81
N ASP D 469 -5.39 -36.56 -36.13
CA ASP D 469 -4.28 -37.34 -36.67
C ASP D 469 -3.02 -36.51 -36.84
N GLY D 470 -3.17 -35.19 -36.83
CA GLY D 470 -2.01 -34.34 -37.01
C GLY D 470 -2.35 -32.87 -36.92
N PRO D 471 -1.34 -32.00 -37.07
CA PRO D 471 -1.61 -30.57 -36.99
C PRO D 471 -2.46 -30.11 -38.16
N SER D 472 -3.25 -29.07 -37.94
CA SER D 472 -4.08 -28.52 -39.00
C SER D 472 -3.94 -27.01 -38.91
N ALA D 473 -4.18 -26.31 -40.00
CA ALA D 473 -4.10 -24.86 -39.98
C ALA D 473 -5.22 -24.22 -40.79
N VAL D 474 -5.74 -23.11 -40.28
CA VAL D 474 -6.79 -22.38 -40.97
C VAL D 474 -6.30 -20.94 -41.08
N ARG D 475 -6.08 -20.49 -42.31
CA ARG D 475 -5.60 -19.14 -42.55
C ARG D 475 -6.67 -18.23 -43.12
N TYR D 476 -6.75 -17.01 -42.58
CA TYR D 476 -7.73 -16.03 -43.01
C TYR D 476 -7.13 -14.62 -43.01
N PRO D 477 -7.69 -13.72 -43.83
CA PRO D 477 -7.14 -12.36 -43.90
C PRO D 477 -7.57 -11.39 -42.83
N ARG D 478 -6.86 -10.27 -42.80
CA ARG D 478 -7.19 -9.19 -41.88
C ARG D 478 -8.38 -8.53 -42.57
N GLY D 479 -9.31 -8.01 -41.78
CA GLY D 479 -10.47 -7.38 -42.39
C GLY D 479 -11.79 -8.11 -42.25
N ASN D 480 -12.83 -7.47 -42.78
CA ASN D 480 -14.20 -7.98 -42.73
C ASN D 480 -14.48 -9.17 -43.64
N ALA D 481 -15.52 -9.93 -43.28
CA ALA D 481 -15.91 -11.09 -44.05
C ALA D 481 -16.98 -10.71 -45.07
N VAL D 482 -17.30 -11.65 -45.94
CA VAL D 482 -18.27 -11.44 -47.01
C VAL D 482 -19.68 -11.11 -46.52
N GLY D 483 -20.12 -11.77 -45.45
CA GLY D 483 -21.46 -11.53 -44.94
C GLY D 483 -22.44 -12.60 -45.41
N VAL D 484 -21.96 -13.84 -45.48
CA VAL D 484 -22.77 -14.97 -45.92
C VAL D 484 -23.54 -15.55 -44.75
N GLU D 485 -24.44 -16.49 -45.03
CA GLU D 485 -25.22 -17.13 -43.98
C GLU D 485 -24.31 -18.10 -43.22
N LEU D 486 -24.40 -18.08 -41.89
CA LEU D 486 -23.59 -18.97 -41.08
C LEU D 486 -24.41 -20.22 -40.77
N THR D 487 -23.99 -21.36 -41.29
CA THR D 487 -24.68 -22.61 -41.09
C THR D 487 -24.12 -23.39 -39.89
N PRO D 488 -24.91 -24.36 -39.37
CA PRO D 488 -24.44 -25.15 -38.22
C PRO D 488 -23.11 -25.84 -38.49
N LEU D 489 -22.29 -25.93 -37.45
CA LEU D 489 -20.96 -26.52 -37.53
C LEU D 489 -20.95 -28.01 -37.82
N GLU D 490 -20.22 -28.40 -38.85
CA GLU D 490 -20.08 -29.79 -39.25
C GLU D 490 -18.68 -29.96 -39.86
N LYS D 491 -18.15 -31.17 -39.76
CA LYS D 491 -16.81 -31.45 -40.28
C LYS D 491 -16.81 -31.48 -41.80
N LEU D 492 -15.78 -30.89 -42.39
CA LEU D 492 -15.65 -30.88 -43.85
C LEU D 492 -14.77 -32.05 -44.24
N PRO D 493 -15.13 -32.77 -45.30
CA PRO D 493 -14.31 -33.92 -45.71
C PRO D 493 -12.88 -33.45 -45.98
N ILE D 494 -11.92 -34.07 -45.32
CA ILE D 494 -10.52 -33.68 -45.48
C ILE D 494 -10.01 -33.81 -46.92
N GLY D 495 -9.45 -32.71 -47.42
CA GLY D 495 -8.91 -32.69 -48.77
C GLY D 495 -9.94 -32.80 -49.87
N LYS D 496 -11.06 -32.11 -49.72
CA LYS D 496 -12.11 -32.14 -50.73
C LYS D 496 -12.63 -30.75 -51.06
N GLY D 497 -12.65 -30.43 -52.36
CA GLY D 497 -13.13 -29.14 -52.79
C GLY D 497 -14.58 -29.22 -53.21
N ILE D 498 -15.14 -28.10 -53.67
CA ILE D 498 -16.52 -28.09 -54.12
C ILE D 498 -16.72 -27.20 -55.34
N VAL D 499 -17.41 -27.73 -56.34
CA VAL D 499 -17.67 -26.98 -57.56
C VAL D 499 -18.76 -25.96 -57.28
N LYS D 500 -18.51 -24.73 -57.67
CA LYS D 500 -19.45 -23.64 -57.46
C LYS D 500 -20.15 -23.25 -58.75
N ARG D 501 -19.45 -23.38 -59.86
CA ARG D 501 -20.02 -23.01 -61.15
C ARG D 501 -19.47 -23.92 -62.24
N ARG D 502 -20.32 -24.23 -63.22
CA ARG D 502 -19.90 -25.07 -64.33
C ARG D 502 -19.90 -24.26 -65.62
N GLY D 503 -18.71 -24.06 -66.17
CA GLY D 503 -18.55 -23.31 -67.39
C GLY D 503 -17.90 -24.15 -68.47
N GLU D 504 -16.98 -23.55 -69.24
CA GLU D 504 -16.33 -24.30 -70.30
C GLU D 504 -14.98 -23.73 -70.68
N LYS D 505 -14.14 -24.59 -71.27
CA LYS D 505 -12.80 -24.21 -71.71
C LYS D 505 -11.84 -23.89 -70.58
N LEU D 506 -12.30 -23.11 -69.61
CA LEU D 506 -11.48 -22.72 -68.49
C LEU D 506 -12.11 -23.11 -67.17
N ALA D 507 -11.28 -23.50 -66.20
CA ALA D 507 -11.75 -23.87 -64.88
C ALA D 507 -10.88 -23.16 -63.83
N ILE D 508 -11.51 -22.26 -63.09
CA ILE D 508 -10.82 -21.49 -62.06
C ILE D 508 -10.90 -22.21 -60.71
N LEU D 509 -9.73 -22.50 -60.15
CA LEU D 509 -9.62 -23.19 -58.86
C LEU D 509 -9.21 -22.21 -57.76
N ASN D 510 -10.19 -21.78 -56.97
CA ASN D 510 -9.94 -20.81 -55.91
C ASN D 510 -9.52 -21.34 -54.55
N PHE D 511 -8.52 -20.69 -53.96
CA PHE D 511 -8.02 -21.05 -52.64
C PHE D 511 -8.07 -19.80 -51.77
N GLY D 512 -9.13 -19.64 -50.98
CA GLY D 512 -9.18 -18.49 -50.11
C GLY D 512 -10.17 -17.38 -50.41
N THR D 513 -10.00 -16.29 -49.67
CA THR D 513 -10.84 -15.10 -49.71
C THR D 513 -10.81 -14.15 -50.92
N LEU D 514 -10.19 -14.56 -52.03
CA LEU D 514 -10.19 -13.71 -53.21
C LEU D 514 -11.30 -14.25 -54.12
N PRO D 516 -14.49 -13.82 -54.23
CA PRO D 516 -15.46 -12.90 -54.84
C PRO D 516 -15.00 -12.40 -56.21
N GLU D 517 -13.74 -11.99 -56.30
CA GLU D 517 -13.18 -11.49 -57.56
C GLU D 517 -13.08 -12.64 -58.56
N ALA D 518 -12.66 -13.80 -58.07
CA ALA D 518 -12.52 -14.98 -58.90
C ALA D 518 -13.89 -15.37 -59.46
N ALA D 519 -14.94 -15.26 -58.65
CA ALA D 519 -16.28 -15.59 -59.10
C ALA D 519 -16.75 -14.64 -60.19
N LYS D 520 -16.40 -13.36 -60.07
CA LYS D 520 -16.79 -12.38 -61.08
C LYS D 520 -16.15 -12.74 -62.42
N VAL D 521 -14.94 -13.27 -62.36
CA VAL D 521 -14.21 -13.65 -63.56
C VAL D 521 -14.89 -14.87 -64.18
N ALA D 522 -15.36 -15.78 -63.33
CA ALA D 522 -16.04 -16.99 -63.82
C ALA D 522 -17.28 -16.62 -64.63
N GLU D 523 -18.02 -15.63 -64.15
CA GLU D 523 -19.24 -15.19 -64.84
C GLU D 523 -18.86 -14.48 -66.15
N SER D 524 -17.87 -13.61 -66.07
CA SER D 524 -17.41 -12.85 -67.22
C SER D 524 -16.88 -13.72 -68.37
N LEU D 525 -16.24 -14.84 -68.03
CA LEU D 525 -15.66 -15.73 -69.03
C LEU D 525 -16.44 -17.03 -69.17
N ASN D 526 -17.52 -17.16 -68.40
CA ASN D 526 -18.33 -18.36 -68.39
C ASN D 526 -17.46 -19.58 -68.13
N ALA D 527 -16.68 -19.50 -67.06
CA ALA D 527 -15.79 -20.60 -66.71
C ALA D 527 -16.26 -21.36 -65.48
N THR D 528 -15.72 -22.56 -65.30
CA THR D 528 -16.04 -23.38 -64.15
C THR D 528 -15.38 -22.75 -62.94
N LEU D 529 -16.07 -22.76 -61.80
CA LEU D 529 -15.54 -22.17 -60.58
C LEU D 529 -15.61 -23.15 -59.43
N VAL D 530 -14.47 -23.49 -58.85
CA VAL D 530 -14.45 -24.42 -57.74
C VAL D 530 -13.73 -23.83 -56.53
N ASP D 531 -14.27 -24.09 -55.34
CA ASP D 531 -13.68 -23.62 -54.10
C ASP D 531 -12.85 -24.81 -53.59
N ARG D 533 -10.83 -25.20 -51.01
CA ARG D 533 -10.88 -25.45 -49.55
C ARG D 533 -9.60 -25.94 -48.90
N PHE D 534 -8.99 -26.98 -49.46
CA PHE D 534 -7.78 -27.52 -48.89
C PHE D 534 -6.55 -27.30 -49.76
N VAL D 535 -5.51 -26.70 -49.15
CA VAL D 535 -4.26 -26.47 -49.87
C VAL D 535 -3.47 -27.77 -49.71
N LYS D 536 -3.78 -28.51 -48.65
CA LYS D 536 -3.14 -29.79 -48.36
C LYS D 536 -3.92 -30.48 -47.23
N PRO D 537 -4.38 -31.72 -47.48
CA PRO D 537 -4.23 -32.49 -48.72
C PRO D 537 -5.04 -31.86 -49.84
N LEU D 538 -4.51 -31.91 -51.05
CA LEU D 538 -5.17 -31.34 -52.23
C LEU D 538 -6.17 -32.36 -52.76
N ASP D 539 -7.28 -31.87 -53.29
CA ASP D 539 -8.31 -32.76 -53.85
C ASP D 539 -7.81 -33.23 -55.22
N GLU D 540 -6.92 -34.21 -55.25
CA GLU D 540 -6.36 -34.71 -56.50
C GLU D 540 -7.41 -35.13 -57.53
N ALA D 541 -8.32 -36.00 -57.13
CA ALA D 541 -9.37 -36.47 -58.03
C ALA D 541 -10.08 -35.30 -58.70
N LEU D 542 -10.45 -34.30 -57.91
CA LEU D 542 -11.15 -33.14 -58.47
C LEU D 542 -10.27 -32.37 -59.46
N ILE D 543 -8.98 -32.24 -59.14
CA ILE D 543 -8.05 -31.55 -60.01
C ILE D 543 -7.99 -32.25 -61.35
N LEU D 544 -7.81 -33.56 -61.33
CA LEU D 544 -7.74 -34.35 -62.56
C LEU D 544 -9.01 -34.25 -63.40
N GLU D 545 -10.17 -34.26 -62.73
CA GLU D 545 -11.45 -34.16 -63.42
C GLU D 545 -11.51 -32.88 -64.24
N ALA D 547 -9.08 -31.06 -65.17
CA ALA D 547 -8.04 -31.06 -66.19
C ALA D 547 -8.52 -31.81 -67.43
N ALA D 548 -9.38 -32.81 -67.24
CA ALA D 548 -9.88 -33.61 -68.34
C ALA D 548 -11.10 -33.02 -69.06
N SER D 549 -11.72 -32.01 -68.46
CA SER D 549 -12.90 -31.40 -69.06
C SER D 549 -12.71 -29.93 -69.39
N HIS D 550 -11.47 -29.48 -69.40
CA HIS D 550 -11.18 -28.09 -69.71
C HIS D 550 -9.85 -27.97 -70.44
N GLU D 551 -9.66 -26.87 -71.15
CA GLU D 551 -8.44 -26.65 -71.91
C GLU D 551 -7.33 -26.15 -71.00
N ALA D 552 -7.71 -25.42 -69.96
CA ALA D 552 -6.74 -24.89 -69.03
C ALA D 552 -7.37 -24.66 -67.65
N LEU D 553 -6.51 -24.56 -66.65
CA LEU D 553 -6.96 -24.33 -65.28
C LEU D 553 -6.34 -23.03 -64.78
N VAL D 554 -6.99 -22.38 -63.84
CA VAL D 554 -6.47 -21.14 -63.28
C VAL D 554 -6.54 -21.29 -61.78
N THR D 555 -5.42 -21.12 -61.09
CA THR D 555 -5.42 -21.24 -59.64
C THR D 555 -5.38 -19.84 -59.05
N VAL D 556 -6.05 -19.65 -57.92
CA VAL D 556 -6.09 -18.34 -57.28
C VAL D 556 -5.87 -18.48 -55.78
N GLU D 557 -4.91 -17.70 -55.26
CA GLU D 557 -4.58 -17.72 -53.84
C GLU D 557 -3.94 -16.38 -53.48
N GLU D 558 -4.14 -15.93 -52.24
CA GLU D 558 -3.51 -14.69 -51.83
C GLU D 558 -2.27 -15.08 -51.03
N ASN D 559 -1.32 -15.70 -51.74
CA ASN D 559 -0.07 -16.18 -51.17
C ASN D 559 0.95 -16.14 -52.32
N ALA D 560 2.22 -16.19 -51.98
CA ALA D 560 3.25 -16.18 -52.99
C ALA D 560 2.92 -17.26 -54.01
N ILE D 561 3.25 -17.01 -55.29
CA ILE D 561 3.00 -18.00 -56.34
C ILE D 561 4.03 -19.12 -56.22
N GLY D 563 5.89 -21.97 -54.87
CA GLY D 563 5.66 -23.00 -53.86
C GLY D 563 4.31 -22.94 -53.16
N GLY D 564 3.41 -22.08 -53.64
CA GLY D 564 2.10 -21.95 -53.01
C GLY D 564 1.09 -23.02 -53.39
N ALA D 565 -0.18 -22.72 -53.15
CA ALA D 565 -1.28 -23.63 -53.44
C ALA D 565 -1.32 -24.06 -54.91
N GLY D 566 -1.27 -23.09 -55.83
CA GLY D 566 -1.30 -23.41 -57.25
C GLY D 566 -0.16 -24.31 -57.66
N SER D 567 0.99 -24.10 -57.02
CA SER D 567 2.19 -24.88 -57.28
C SER D 567 1.91 -26.37 -57.02
N GLY D 568 1.19 -26.64 -55.93
CA GLY D 568 0.85 -28.01 -55.59
C GLY D 568 -0.06 -28.62 -56.63
N VAL D 569 -0.93 -27.80 -57.21
CA VAL D 569 -1.84 -28.25 -58.24
C VAL D 569 -1.02 -28.69 -59.46
N ASN D 570 0.01 -27.92 -59.79
CA ASN D 570 0.88 -28.27 -60.92
C ASN D 570 1.52 -29.61 -60.64
N GLU D 571 1.96 -29.78 -59.39
CA GLU D 571 2.60 -31.02 -58.98
C GLU D 571 1.69 -32.23 -59.17
N VAL D 572 0.43 -32.09 -58.77
CA VAL D 572 -0.52 -33.19 -58.91
C VAL D 572 -0.69 -33.60 -60.37
N LEU D 573 -0.80 -32.62 -61.26
CA LEU D 573 -0.96 -32.89 -62.68
C LEU D 573 0.31 -33.49 -63.30
N ALA D 575 2.57 -35.20 -61.62
CA ALA D 575 2.74 -36.53 -61.02
C ALA D 575 1.94 -37.58 -61.79
N HIS D 576 0.77 -37.17 -62.29
CA HIS D 576 -0.10 -38.08 -63.06
C HIS D 576 0.16 -37.97 -64.56
N ARG D 577 1.18 -37.23 -64.92
CA ARG D 577 1.54 -37.02 -66.31
C ARG D 577 0.36 -36.56 -67.15
N LYS D 578 -0.37 -35.59 -66.62
CA LYS D 578 -1.53 -35.00 -67.29
C LYS D 578 -1.22 -33.51 -67.38
N PRO D 579 -0.23 -33.15 -68.21
CA PRO D 579 0.24 -31.78 -68.44
C PRO D 579 -0.77 -30.81 -69.05
N VAL D 580 -1.72 -30.35 -68.25
CA VAL D 580 -2.70 -29.38 -68.72
C VAL D 580 -2.15 -28.03 -68.27
N PRO D 581 -2.11 -27.04 -69.17
CA PRO D 581 -1.60 -25.72 -68.79
C PRO D 581 -2.43 -25.06 -67.70
N VAL D 582 -1.76 -24.48 -66.71
CA VAL D 582 -2.45 -23.82 -65.62
C VAL D 582 -1.78 -22.50 -65.22
N LEU D 583 -2.59 -21.45 -65.14
CA LEU D 583 -2.12 -20.13 -64.78
C LEU D 583 -2.22 -19.96 -63.27
N ASN D 584 -1.08 -19.78 -62.61
CA ASN D 584 -1.05 -19.60 -61.16
C ASN D 584 -1.13 -18.12 -60.86
N ILE D 585 -2.25 -17.68 -60.30
CA ILE D 585 -2.44 -16.28 -59.94
C ILE D 585 -2.16 -16.15 -58.45
N GLY D 586 -1.40 -15.14 -58.08
CA GLY D 586 -1.06 -14.94 -56.68
C GLY D 586 -0.10 -13.78 -56.53
N LEU D 587 0.68 -13.79 -55.46
CA LEU D 587 1.62 -12.70 -55.20
C LEU D 587 2.95 -12.88 -55.96
N PRO D 588 3.45 -11.80 -56.58
CA PRO D 588 4.70 -11.77 -57.34
C PRO D 588 5.89 -12.08 -56.45
N ASP D 589 7.04 -12.36 -57.06
CA ASP D 589 8.25 -12.68 -56.32
C ASP D 589 9.02 -11.45 -55.84
N PHE D 590 8.34 -10.63 -55.05
CA PHE D 590 8.95 -9.45 -54.46
C PHE D 590 8.05 -9.05 -53.31
N PHE D 591 8.63 -8.43 -52.28
CA PHE D 591 7.87 -7.99 -51.12
C PHE D 591 6.96 -6.86 -51.55
N ILE D 592 5.72 -6.85 -51.04
CA ILE D 592 4.76 -5.83 -51.41
C ILE D 592 4.76 -4.60 -50.51
N PRO D 593 4.77 -3.40 -51.11
CA PRO D 593 4.79 -2.09 -50.45
C PRO D 593 3.54 -1.75 -49.63
N GLN D 594 3.64 -0.67 -48.85
CA GLN D 594 2.54 -0.19 -48.02
C GLN D 594 1.36 0.24 -48.89
N GLY D 595 0.18 0.35 -48.27
CA GLY D 595 -0.99 0.75 -49.00
C GLY D 595 -2.24 0.04 -48.51
N THR D 596 -3.40 0.50 -48.94
CA THR D 596 -4.67 -0.11 -48.54
C THR D 596 -4.73 -1.50 -49.17
N GLN D 597 -5.42 -2.41 -48.50
CA GLN D 597 -5.57 -3.76 -49.01
C GLN D 597 -6.16 -3.71 -50.41
N GLU D 598 -7.29 -3.00 -50.53
CA GLU D 598 -7.93 -2.89 -51.83
C GLU D 598 -6.93 -2.34 -52.84
N GLU D 599 -6.23 -1.26 -52.46
CA GLU D 599 -5.25 -0.63 -53.32
C GLU D 599 -4.21 -1.61 -53.89
N ARG D 601 -4.22 -4.94 -53.91
CA ARG D 601 -4.81 -6.02 -54.67
C ARG D 601 -5.06 -5.55 -56.10
N ALA D 602 -5.51 -4.32 -56.23
CA ALA D 602 -5.77 -3.73 -57.55
C ALA D 602 -4.46 -3.57 -58.31
N GLU D 603 -3.46 -3.03 -57.63
CA GLU D 603 -2.17 -2.79 -58.24
C GLU D 603 -1.43 -4.08 -58.62
N LEU D 604 -1.74 -5.18 -57.92
CA LEU D 604 -1.10 -6.46 -58.20
C LEU D 604 -1.93 -7.30 -59.18
N GLY D 605 -3.06 -6.75 -59.61
CA GLY D 605 -3.92 -7.46 -60.55
C GLY D 605 -4.71 -8.58 -59.90
N LEU D 606 -4.97 -8.45 -58.60
CA LEU D 606 -5.71 -9.47 -57.89
C LEU D 606 -7.20 -9.19 -57.76
N ASP D 607 -7.73 -8.39 -58.68
CA ASP D 607 -9.16 -8.11 -58.68
C ASP D 607 -9.71 -8.68 -59.99
N ALA D 608 -11.03 -8.70 -60.14
CA ALA D 608 -11.67 -9.24 -61.33
C ALA D 608 -10.99 -8.76 -62.62
N ALA D 609 -10.99 -7.45 -62.82
CA ALA D 609 -10.38 -6.87 -64.00
C ALA D 609 -8.93 -7.34 -64.17
N GLY D 610 -8.17 -7.27 -63.09
CA GLY D 610 -6.78 -7.67 -63.12
C GLY D 610 -6.57 -9.13 -63.48
N GLU D 612 -8.68 -11.15 -65.11
CA GLU D 612 -9.11 -11.41 -66.48
C GLU D 612 -7.98 -11.00 -67.43
N ALA D 613 -7.40 -9.83 -67.19
CA ALA D 613 -6.31 -9.34 -68.04
C ALA D 613 -5.18 -10.37 -68.07
N LYS D 614 -4.80 -10.86 -66.90
CA LYS D 614 -3.74 -11.87 -66.81
C LYS D 614 -4.11 -13.12 -67.61
N ILE D 615 -5.36 -13.54 -67.52
CA ILE D 615 -5.79 -14.72 -68.26
C ILE D 615 -5.66 -14.47 -69.77
N LYS D 616 -6.08 -13.28 -70.21
CA LYS D 616 -6.00 -12.90 -71.61
C LYS D 616 -4.56 -12.91 -72.07
N ALA D 617 -3.73 -12.11 -71.41
CA ALA D 617 -2.32 -12.05 -71.75
C ALA D 617 -1.75 -13.46 -71.84
N TRP D 618 -2.00 -14.25 -70.80
CA TRP D 618 -1.50 -15.62 -70.73
C TRP D 618 -1.92 -16.46 -71.94
N LEU D 619 -3.21 -16.45 -72.26
CA LEU D 619 -3.73 -17.22 -73.39
C LEU D 619 -3.19 -16.71 -74.73
N ALA D 620 -2.72 -15.47 -74.74
CA ALA D 620 -2.20 -14.83 -75.96
C ALA D 620 -0.72 -15.12 -76.23
N LEU D 621 -0.05 -15.76 -75.27
CA LEU D 621 1.37 -16.10 -75.45
C LEU D 621 1.56 -17.07 -76.61
#